data_4C0O
#
_entry.id   4C0O
#
_cell.length_a   80.552
_cell.length_b   91.062
_cell.length_c   98.122
_cell.angle_alpha   106.98
_cell.angle_beta   100.30
_cell.angle_gamma   102.18
#
_symmetry.space_group_name_H-M   'P 1'
#
loop_
_entity.id
_entity.type
_entity.pdbx_description
1 polymer TRANSPORTIN-3
2 polymer 'SERINE/ARGININE-RICH SPLICING FACTOR 1'
3 non-polymer 'POTASSIUM ION'
4 water water
#
loop_
_entity_poly.entity_id
_entity_poly.type
_entity_poly.pdbx_seq_one_letter_code
_entity_poly.pdbx_strand_id
1 'polypeptide(L)'
;MEGAKPTLQLVYQAVQALYHDPDPSGKERASFWLGELQRSVHAWEISDQLLQIRQDVESCYFAAQTMKMKIQTSFYELPT
DSHASLRDSLLTHIQNLKDLSPVIVTQLALAIADLALQMPSWKGCVQTLVEKYSNDVTSLPFLLEILTVLPEEVHSRSLR
IGANRRTEIIEDLAFYSSTVVSLLMTCVEKAGTDEKMLMKVFRCLGSWFNLGVLDSNFMANNKLLALLFEVLQQDKTSSN
LHEAASDCVCSALYAIENVETNLPLAMQLFQGVLTLETAYHMAVAREDLDKVLNYCRIFTELCETFLEKIVCTPGQGLGD
LRTLELLLICAGHPQYEVVEISFNFWYRLGEHLYKTNDEVIHGIFKAYIQRLLHALARHCQLEPDHEGVPEETDDFGEFR
MRVSDLVKDLIFLIGSMECFAQLYSTLKEGNPPWEVTEAVLFIMAAIAKSVDPENNPTLVEVLEGVVRLPETVHTAVRYT
SIELVGEMSEVVDRNPQFLDPVLGYLMKGLCEKPLASAAAKAIHNICSVCRDHMAQHFNGLLEIARSLDSFLLSPEAAVG
LLKGTALVLARLPLDKITECLSELCSVQVMALKKLLSQEPSNGISSDPTVFLDRLAVIFRHTNPIVENGQTHPCQKVIQE
IWPVLSETLNKHRADNRIVERCCRCLRFAVRCVGKGSAALLQPLVTQMVNVYHVHQHSCFLYLGSILVDEYGMEEGCRQG
LLDMLQALCIPTFQLLEQQNGLQNHPDTVDDLFRLATRFIQRSPVTLLRSQVVIPILQWAIASTTLDHRDANCSVMRFLR
DLIHTGVANDHEEDFELRKELIGQVMNQLGQQLVSQLLHTCCFCLPPYTLPDVAEVLWEIMQVDRPTFCRWLENSLKGLP
KETTVGAVTVTHKQLTDFHKQVTSAEECKQVCWALRDFTRLFR
;
A,B
2 'polypeptide(L)'
;GAPRGRYGPPSRRSENRVVVSGLPPSGSWQDLKDHMREAGDVCYADVYRDGTGVVEFVRKEDMTYAVRKLDNTKFRSHEG
ETAYIRVKVDGPRSP(SEP)YGRSR(SEP)R(SEP)RSRSRSRSRSNSRSRSYSPRR
;
C,D
#
loop_
_chem_comp.id
_chem_comp.type
_chem_comp.name
_chem_comp.formula
K non-polymer 'POTASSIUM ION' 'K 1'
#
# COMPACT_ATOMS: atom_id res chain seq x y z
N GLY A 3 0.47 -26.34 -2.32
CA GLY A 3 1.11 -27.47 -2.95
C GLY A 3 2.62 -27.51 -2.74
N ALA A 4 3.37 -27.76 -3.81
CA ALA A 4 4.82 -27.78 -3.75
C ALA A 4 5.34 -26.35 -3.85
N LYS A 5 6.63 -26.15 -3.54
CA LYS A 5 7.18 -24.80 -3.52
C LYS A 5 7.17 -24.21 -4.92
N PRO A 6 6.82 -22.92 -5.02
CA PRO A 6 6.78 -22.27 -6.33
C PRO A 6 8.14 -22.26 -6.97
N THR A 7 8.16 -22.07 -8.28
CA THR A 7 9.40 -22.03 -9.02
C THR A 7 10.02 -20.67 -8.74
N LEU A 8 11.34 -20.59 -8.75
CA LEU A 8 12.03 -19.34 -8.50
C LEU A 8 11.73 -18.29 -9.56
N GLN A 9 11.56 -18.71 -10.80
CA GLN A 9 11.23 -17.77 -11.87
C GLN A 9 9.91 -17.07 -11.58
N LEU A 10 8.99 -17.78 -10.95
CA LEU A 10 7.69 -17.25 -10.62
C LEU A 10 7.76 -16.24 -9.50
N VAL A 11 8.52 -16.52 -8.44
CA VAL A 11 8.63 -15.59 -7.33
C VAL A 11 9.38 -14.34 -7.78
N TYR A 12 10.38 -14.51 -8.63
CA TYR A 12 11.13 -13.39 -9.20
C TYR A 12 10.24 -12.51 -10.06
N GLN A 13 9.24 -13.12 -10.69
CA GLN A 13 8.32 -12.36 -11.52
C GLN A 13 7.43 -11.47 -10.66
N ALA A 14 6.85 -12.07 -9.63
CA ALA A 14 5.92 -11.37 -8.73
C ALA A 14 6.61 -10.24 -7.97
N VAL A 15 7.88 -10.43 -7.64
CA VAL A 15 8.66 -9.43 -6.93
C VAL A 15 8.86 -8.17 -7.77
N GLN A 16 9.23 -8.35 -9.03
CA GLN A 16 9.48 -7.22 -9.93
C GLN A 16 8.23 -6.40 -10.20
N ALA A 17 7.08 -7.05 -10.14
CA ALA A 17 5.81 -6.36 -10.32
C ALA A 17 5.54 -5.43 -9.14
N LEU A 18 5.63 -6.00 -7.95
CA LEU A 18 5.36 -5.29 -6.71
C LEU A 18 6.25 -4.05 -6.54
N TYR A 19 7.43 -4.07 -7.14
CA TYR A 19 8.38 -2.98 -6.93
C TYR A 19 8.58 -2.06 -8.13
N HIS A 20 8.01 -2.40 -9.28
CA HIS A 20 8.21 -1.56 -10.48
C HIS A 20 6.99 -1.39 -11.39
N ASP A 21 6.00 -2.27 -11.25
CA ASP A 21 4.79 -2.20 -12.08
C ASP A 21 3.83 -1.09 -11.61
N PRO A 22 3.73 0.00 -12.39
CA PRO A 22 2.94 1.17 -11.97
C PRO A 22 1.45 0.88 -11.81
N ASP A 23 0.94 -0.15 -12.48
CA ASP A 23 -0.48 -0.47 -12.42
C ASP A 23 -0.92 -1.00 -11.06
N PRO A 24 -2.05 -0.47 -10.53
CA PRO A 24 -2.61 -0.86 -9.24
C PRO A 24 -3.21 -2.27 -9.20
N SER A 25 -3.91 -2.68 -10.25
CA SER A 25 -4.60 -3.98 -10.27
C SER A 25 -3.64 -5.18 -10.28
N GLY A 26 -2.51 -5.02 -10.96
CA GLY A 26 -1.51 -6.07 -11.05
C GLY A 26 -0.67 -6.17 -9.80
N LYS A 27 -0.24 -5.02 -9.31
CA LYS A 27 0.55 -4.91 -8.09
C LYS A 27 -0.18 -5.54 -6.91
N GLU A 28 -1.50 -5.44 -6.92
CA GLU A 28 -2.32 -6.07 -5.90
C GLU A 28 -2.28 -7.59 -6.05
N ARG A 29 -2.32 -8.05 -7.30
CA ARG A 29 -2.38 -9.49 -7.59
C ARG A 29 -1.08 -10.21 -7.20
N ALA A 30 0.05 -9.59 -7.52
CA ALA A 30 1.35 -10.11 -7.15
C ALA A 30 1.46 -10.22 -5.63
N SER A 31 0.93 -9.21 -4.95
CA SER A 31 0.96 -9.12 -3.49
C SER A 31 0.28 -10.31 -2.84
N PHE A 32 -0.91 -10.68 -3.32
CA PHE A 32 -1.63 -11.80 -2.72
C PHE A 32 -0.87 -13.10 -2.92
N TRP A 33 -0.29 -13.28 -4.10
CA TRP A 33 0.46 -14.50 -4.38
C TRP A 33 1.72 -14.56 -3.51
N LEU A 34 2.42 -13.44 -3.42
CA LEU A 34 3.55 -13.32 -2.50
C LEU A 34 3.08 -13.49 -1.06
N GLY A 35 1.87 -12.98 -0.78
CA GLY A 35 1.26 -13.16 0.52
C GLY A 35 1.08 -14.63 0.86
N GLU A 36 0.46 -15.37 -0.06
CA GLU A 36 0.25 -16.81 0.12
C GLU A 36 1.57 -17.56 0.20
N LEU A 37 2.58 -17.01 -0.45
CA LEU A 37 3.92 -17.58 -0.38
C LEU A 37 4.48 -17.38 1.03
N GLN A 38 4.28 -16.19 1.58
CA GLN A 38 4.70 -15.87 2.94
C GLN A 38 3.95 -16.69 3.98
N ARG A 39 2.63 -16.84 3.81
CA ARG A 39 1.82 -17.65 4.71
C ARG A 39 2.21 -19.13 4.64
N SER A 40 2.69 -19.56 3.48
CA SER A 40 2.93 -20.99 3.24
C SER A 40 4.11 -21.54 4.01
N VAL A 41 4.27 -22.86 3.98
CA VAL A 41 5.39 -23.50 4.65
C VAL A 41 6.68 -23.30 3.86
N HIS A 42 6.53 -23.08 2.56
CA HIS A 42 7.66 -22.96 1.66
C HIS A 42 8.43 -21.64 1.85
N ALA A 43 7.80 -20.69 2.52
CA ALA A 43 8.35 -19.35 2.75
C ALA A 43 9.77 -19.39 3.30
N TRP A 44 10.00 -20.24 4.29
CA TRP A 44 11.33 -20.39 4.88
C TRP A 44 12.36 -20.71 3.82
N GLU A 45 12.08 -21.78 3.07
CA GLU A 45 12.99 -22.30 2.07
C GLU A 45 13.20 -21.32 0.91
N ILE A 46 12.12 -20.72 0.41
CA ILE A 46 12.23 -19.77 -0.68
C ILE A 46 13.06 -18.56 -0.27
N SER A 47 12.74 -17.97 0.88
CA SER A 47 13.47 -16.81 1.40
C SER A 47 14.95 -17.14 1.53
N ASP A 48 15.24 -18.32 2.09
CA ASP A 48 16.61 -18.75 2.27
C ASP A 48 17.35 -18.85 0.94
N GLN A 49 16.67 -19.33 -0.11
CA GLN A 49 17.27 -19.47 -1.44
C GLN A 49 17.54 -18.12 -2.08
N LEU A 50 16.54 -17.25 -2.02
CA LEU A 50 16.63 -15.88 -2.51
C LEU A 50 17.81 -15.13 -1.90
N LEU A 51 18.09 -15.38 -0.62
CA LEU A 51 19.20 -14.70 0.04
C LEU A 51 20.52 -15.33 -0.38
N GLN A 52 20.53 -16.62 -0.62
CA GLN A 52 21.77 -17.26 -1.11
C GLN A 52 22.07 -16.84 -2.54
N ILE A 53 21.03 -16.79 -3.37
CA ILE A 53 21.20 -16.37 -4.75
C ILE A 53 21.55 -14.90 -4.79
N ARG A 54 20.92 -14.14 -3.88
CA ARG A 54 21.07 -12.68 -3.78
C ARG A 54 21.19 -11.98 -5.12
N GLN A 55 20.18 -12.18 -5.96
CA GLN A 55 20.13 -11.56 -7.27
C GLN A 55 20.26 -10.04 -7.21
N ASP A 56 19.36 -9.40 -6.47
CA ASP A 56 19.34 -7.95 -6.35
C ASP A 56 18.73 -7.50 -5.02
N VAL A 57 18.70 -6.19 -4.81
CA VAL A 57 18.22 -5.59 -3.56
C VAL A 57 16.75 -5.91 -3.30
N GLU A 58 15.93 -5.86 -4.35
CA GLU A 58 14.49 -6.13 -4.23
C GLU A 58 14.17 -7.51 -3.64
N SER A 59 14.72 -8.56 -4.24
CA SER A 59 14.39 -9.93 -3.85
C SER A 59 15.01 -10.29 -2.49
N CYS A 60 16.19 -9.74 -2.20
CA CYS A 60 16.79 -9.96 -0.88
C CYS A 60 15.98 -9.26 0.20
N TYR A 61 15.42 -8.10 -0.14
CA TYR A 61 14.54 -7.38 0.77
C TYR A 61 13.26 -8.17 1.01
N PHE A 62 12.68 -8.71 -0.07
CA PHE A 62 11.47 -9.51 0.08
C PHE A 62 11.72 -10.74 0.94
N ALA A 63 12.89 -11.33 0.74
CA ALA A 63 13.28 -12.55 1.45
C ALA A 63 13.59 -12.27 2.92
N ALA A 64 14.32 -11.17 3.17
CA ALA A 64 14.66 -10.77 4.52
C ALA A 64 13.38 -10.44 5.28
N GLN A 65 12.51 -9.68 4.64
CA GLN A 65 11.24 -9.34 5.28
C GLN A 65 10.43 -10.59 5.60
N THR A 66 10.29 -11.48 4.62
CA THR A 66 9.57 -12.74 4.81
C THR A 66 10.14 -13.59 5.93
N MET A 67 11.46 -13.76 5.96
CA MET A 67 12.14 -14.42 7.10
C MET A 67 11.75 -13.81 8.44
N LYS A 68 11.67 -12.48 8.46
CA LYS A 68 11.32 -11.76 9.68
C LYS A 68 9.87 -12.05 10.03
N MET A 69 8.97 -11.89 9.07
CA MET A 69 7.54 -12.14 9.30
C MET A 69 7.24 -13.56 9.78
N LYS A 70 7.94 -14.55 9.23
CA LYS A 70 7.69 -15.94 9.60
C LYS A 70 8.23 -16.24 10.99
N ILE A 71 9.20 -15.46 11.44
CA ILE A 71 9.75 -15.66 12.76
C ILE A 71 8.86 -15.00 13.82
N GLN A 72 8.23 -13.88 13.48
CA GLN A 72 7.46 -13.18 14.48
C GLN A 72 5.99 -13.61 14.51
N THR A 73 5.56 -14.40 13.53
CA THR A 73 4.20 -14.94 13.55
C THR A 73 4.18 -16.45 13.66
N SER A 74 5.04 -17.11 12.87
CA SER A 74 5.01 -18.55 12.77
C SER A 74 6.20 -19.25 13.41
N PHE A 75 6.69 -18.74 14.53
CA PHE A 75 7.83 -19.36 15.18
C PHE A 75 7.47 -20.73 15.76
N TYR A 76 6.20 -20.92 16.12
CA TYR A 76 5.74 -22.14 16.77
C TYR A 76 5.94 -23.40 15.92
N GLU A 77 5.79 -23.29 14.61
CA GLU A 77 5.88 -24.45 13.73
C GLU A 77 7.31 -24.80 13.34
N LEU A 78 8.22 -24.66 14.28
CA LEU A 78 9.61 -25.04 14.08
C LEU A 78 10.02 -26.11 15.08
N PRO A 79 10.51 -27.25 14.60
CA PRO A 79 11.07 -28.23 15.53
C PRO A 79 12.27 -27.63 16.28
N THR A 80 12.45 -28.02 17.53
CA THR A 80 13.48 -27.45 18.40
C THR A 80 14.86 -27.51 17.77
N ASP A 81 15.14 -28.60 17.08
CA ASP A 81 16.42 -28.82 16.42
C ASP A 81 16.73 -27.78 15.35
N SER A 82 15.68 -27.25 14.72
CA SER A 82 15.83 -26.29 13.60
C SER A 82 16.35 -24.92 14.07
N HIS A 83 16.05 -24.58 15.32
CA HIS A 83 16.34 -23.27 15.90
C HIS A 83 17.78 -22.82 15.71
N ALA A 84 18.73 -23.67 16.10
CA ALA A 84 20.14 -23.36 15.99
C ALA A 84 20.55 -23.12 14.55
N SER A 85 19.96 -23.89 13.63
CA SER A 85 20.31 -23.79 12.22
C SER A 85 19.73 -22.52 11.58
N LEU A 86 18.53 -22.14 12.00
CA LEU A 86 17.94 -20.91 11.50
C LEU A 86 18.75 -19.71 11.96
N ARG A 87 19.22 -19.78 13.20
CA ARG A 87 20.06 -18.71 13.75
C ARG A 87 21.34 -18.61 12.94
N ASP A 88 21.93 -19.74 12.60
CA ASP A 88 23.13 -19.78 11.76
C ASP A 88 22.88 -19.22 10.36
N SER A 89 21.70 -19.48 9.80
CA SER A 89 21.36 -18.93 8.50
C SER A 89 21.31 -17.42 8.52
N LEU A 90 20.53 -16.88 9.45
CA LEU A 90 20.36 -15.43 9.56
C LEU A 90 21.68 -14.72 9.80
N LEU A 91 22.53 -15.30 10.63
CA LEU A 91 23.84 -14.70 10.89
C LEU A 91 24.77 -14.77 9.69
N THR A 92 24.68 -15.86 8.91
CA THR A 92 25.44 -15.96 7.67
C THR A 92 24.90 -14.98 6.64
N HIS A 93 23.57 -14.90 6.55
CA HIS A 93 22.92 -13.99 5.64
C HIS A 93 23.26 -12.52 5.90
N ILE A 94 23.16 -12.07 7.16
CA ILE A 94 23.43 -10.65 7.47
C ILE A 94 24.91 -10.35 7.28
N GLN A 95 25.76 -11.35 7.48
CA GLN A 95 27.18 -11.22 7.19
C GLN A 95 27.40 -11.00 5.69
N ASN A 96 26.91 -11.94 4.88
CA ASN A 96 27.08 -11.88 3.43
C ASN A 96 26.44 -10.63 2.78
N LEU A 97 25.30 -10.19 3.31
CA LEU A 97 24.53 -9.12 2.65
C LEU A 97 24.68 -7.75 3.31
N LYS A 98 25.69 -7.59 4.17
CA LYS A 98 25.83 -6.37 4.97
C LYS A 98 26.12 -5.10 4.17
N ASP A 99 26.73 -5.23 3.00
CA ASP A 99 27.02 -4.05 2.19
C ASP A 99 26.10 -3.95 0.97
N LEU A 100 24.98 -4.67 1.00
CA LEU A 100 24.08 -4.67 -0.15
C LEU A 100 23.11 -3.49 -0.10
N SER A 101 22.33 -3.43 0.97
CA SER A 101 21.44 -2.32 1.25
C SER A 101 21.11 -2.27 2.74
N PRO A 102 21.08 -1.06 3.32
CA PRO A 102 20.76 -0.96 4.75
C PRO A 102 19.35 -1.44 5.04
N VAL A 103 18.45 -1.26 4.08
CA VAL A 103 17.06 -1.67 4.27
C VAL A 103 16.96 -3.20 4.37
N ILE A 104 17.98 -3.92 3.89
CA ILE A 104 18.02 -5.37 4.01
C ILE A 104 18.61 -5.79 5.34
N VAL A 105 19.65 -5.08 5.76
CA VAL A 105 20.25 -5.32 7.06
C VAL A 105 19.25 -5.11 8.20
N THR A 106 18.37 -4.12 8.09
CA THR A 106 17.44 -3.91 9.20
C THR A 106 16.50 -5.11 9.28
N GLN A 107 15.87 -5.49 8.16
CA GLN A 107 14.97 -6.66 8.15
C GLN A 107 15.62 -7.93 8.73
N LEU A 108 16.85 -8.22 8.32
CA LEU A 108 17.57 -9.37 8.88
C LEU A 108 17.88 -9.17 10.38
N ALA A 109 18.28 -7.95 10.73
CA ALA A 109 18.54 -7.59 12.13
C ALA A 109 17.29 -7.81 12.95
N LEU A 110 16.17 -7.31 12.44
CA LEU A 110 14.89 -7.53 13.09
C LEU A 110 14.59 -9.03 13.28
N ALA A 111 14.87 -9.81 12.24
CA ALA A 111 14.62 -11.26 12.26
C ALA A 111 15.45 -11.93 13.33
N ILE A 112 16.73 -11.59 13.40
CA ILE A 112 17.62 -12.14 14.41
C ILE A 112 17.16 -11.77 15.83
N ALA A 113 16.71 -10.53 16.02
CA ALA A 113 16.20 -10.07 17.31
C ALA A 113 14.94 -10.84 17.70
N ASP A 114 14.01 -10.96 16.77
CA ASP A 114 12.79 -11.73 17.01
C ASP A 114 13.11 -13.18 17.33
N LEU A 115 14.19 -13.68 16.74
CA LEU A 115 14.60 -15.05 17.00
C LEU A 115 15.19 -15.19 18.40
N ALA A 116 16.05 -14.26 18.77
CA ALA A 116 16.68 -14.32 20.10
C ALA A 116 15.65 -14.21 21.22
N LEU A 117 14.67 -13.33 21.06
CA LEU A 117 13.63 -13.15 22.05
C LEU A 117 12.78 -14.41 22.23
N GLN A 118 12.76 -15.25 21.21
CA GLN A 118 11.94 -16.46 21.18
C GLN A 118 12.74 -17.75 21.35
N MET A 119 14.03 -17.63 21.61
CA MET A 119 14.87 -18.81 21.73
C MET A 119 15.59 -18.83 23.07
N PRO A 120 14.94 -19.43 24.08
CA PRO A 120 15.49 -19.52 25.44
C PRO A 120 16.73 -20.41 25.44
N SER A 121 16.89 -21.21 24.39
CA SER A 121 18.09 -22.01 24.24
C SER A 121 19.26 -21.15 23.76
N TRP A 122 18.97 -19.88 23.49
CA TRP A 122 19.99 -18.93 23.04
C TRP A 122 20.20 -17.87 24.13
N LYS A 123 20.54 -18.30 25.34
CA LYS A 123 20.76 -17.37 26.44
C LYS A 123 22.00 -16.51 26.16
N GLY A 124 22.05 -15.32 26.75
CA GLY A 124 23.22 -14.45 26.60
C GLY A 124 23.50 -14.05 25.17
N CYS A 125 22.46 -13.80 24.38
CA CYS A 125 22.65 -13.45 22.98
C CYS A 125 23.38 -12.13 22.75
N VAL A 126 23.16 -11.15 23.63
CA VAL A 126 23.88 -9.88 23.53
C VAL A 126 25.39 -10.10 23.64
N GLN A 127 25.78 -10.92 24.61
CA GLN A 127 27.18 -11.28 24.83
C GLN A 127 27.74 -12.05 23.64
N THR A 128 27.00 -13.08 23.23
CA THR A 128 27.34 -13.87 22.06
C THR A 128 27.64 -12.98 20.86
N LEU A 129 26.72 -12.07 20.58
CA LEU A 129 26.80 -11.25 19.39
C LEU A 129 27.96 -10.27 19.41
N VAL A 130 28.22 -9.65 20.55
CA VAL A 130 29.26 -8.62 20.62
C VAL A 130 30.65 -9.25 20.49
N GLU A 131 30.97 -10.24 21.33
CA GLU A 131 32.29 -10.83 21.31
C GLU A 131 32.53 -11.70 20.08
N LYS A 132 31.49 -11.84 19.25
CA LYS A 132 31.65 -12.52 17.96
C LYS A 132 31.90 -11.54 16.81
N TYR A 133 31.38 -10.32 16.89
CA TYR A 133 31.53 -9.41 15.75
C TYR A 133 32.22 -8.06 16.05
N SER A 134 32.44 -7.74 17.31
CA SER A 134 32.92 -6.40 17.68
C SER A 134 34.32 -6.06 17.14
N ASN A 135 35.16 -7.06 16.93
CA ASN A 135 36.52 -6.81 16.47
C ASN A 135 36.62 -6.67 14.96
N ASP A 136 35.73 -7.34 14.23
CA ASP A 136 35.65 -7.10 12.80
C ASP A 136 35.02 -5.73 12.62
N VAL A 137 35.77 -4.83 12.01
CA VAL A 137 35.34 -3.45 11.85
C VAL A 137 34.17 -3.36 10.87
N THR A 138 34.08 -4.32 9.94
CA THR A 138 33.00 -4.30 8.95
C THR A 138 31.74 -4.96 9.47
N SER A 139 31.86 -5.70 10.57
CA SER A 139 30.70 -6.25 11.26
C SER A 139 29.93 -5.22 12.11
N LEU A 140 30.64 -4.22 12.64
CA LEU A 140 30.04 -3.27 13.58
C LEU A 140 28.73 -2.62 13.16
N PRO A 141 28.63 -2.15 11.90
CA PRO A 141 27.34 -1.55 11.54
C PRO A 141 26.12 -2.47 11.72
N PHE A 142 26.22 -3.78 11.46
CA PHE A 142 25.01 -4.60 11.59
C PHE A 142 24.87 -5.13 13.02
N LEU A 143 26.00 -5.33 13.71
CA LEU A 143 25.93 -5.64 15.13
C LEU A 143 25.22 -4.53 15.90
N LEU A 144 25.57 -3.27 15.63
CA LEU A 144 24.87 -2.15 16.28
C LEU A 144 23.40 -2.16 15.91
N GLU A 145 23.11 -2.42 14.63
CA GLU A 145 21.74 -2.49 14.14
C GLU A 145 20.93 -3.57 14.85
N ILE A 146 21.51 -4.74 15.06
CA ILE A 146 20.83 -5.77 15.85
C ILE A 146 20.63 -5.29 17.29
N LEU A 147 21.68 -4.69 17.84
CA LEU A 147 21.64 -4.20 19.21
C LEU A 147 20.64 -3.05 19.35
N THR A 148 20.42 -2.30 18.28
CA THR A 148 19.42 -1.24 18.28
C THR A 148 17.99 -1.76 18.23
N VAL A 149 17.70 -2.75 17.39
CA VAL A 149 16.31 -3.15 17.20
C VAL A 149 15.85 -4.15 18.25
N LEU A 150 16.79 -4.81 18.92
CA LEU A 150 16.45 -5.77 19.97
C LEU A 150 15.63 -5.20 21.14
N PRO A 151 16.01 -4.04 21.73
CA PRO A 151 15.16 -3.47 22.79
C PRO A 151 13.84 -2.90 22.25
N GLU A 152 13.83 -2.42 21.01
CA GLU A 152 12.59 -1.95 20.40
C GLU A 152 11.57 -3.09 20.25
N GLU A 153 12.05 -4.30 19.98
CA GLU A 153 11.18 -5.44 19.73
C GLU A 153 10.61 -6.03 21.02
N VAL A 154 11.11 -5.60 22.17
CA VAL A 154 10.60 -6.10 23.44
C VAL A 154 9.18 -5.57 23.67
N HIS A 155 8.87 -4.45 23.04
CA HIS A 155 7.53 -3.87 23.12
C HIS A 155 6.73 -4.07 21.83
N SER A 156 7.15 -5.04 21.04
CA SER A 156 6.53 -5.31 19.75
C SER A 156 5.11 -5.81 19.93
N ARG A 157 4.16 -5.14 19.28
CA ARG A 157 2.77 -5.59 19.24
C ARG A 157 2.66 -6.79 18.29
N SER A 158 3.67 -6.94 17.45
CA SER A 158 3.72 -8.04 16.48
C SER A 158 4.23 -9.32 17.13
N LEU A 159 4.96 -9.19 18.24
CA LEU A 159 5.48 -10.35 18.95
C LEU A 159 4.59 -10.69 20.13
N ARG A 160 4.11 -9.64 20.79
CA ARG A 160 3.19 -9.73 21.93
C ARG A 160 3.57 -10.79 22.95
N ILE A 161 4.82 -10.73 23.37
CA ILE A 161 5.37 -11.59 24.42
C ILE A 161 4.55 -11.46 25.71
N GLY A 162 4.35 -12.60 26.38
CA GLY A 162 3.64 -12.62 27.65
C GLY A 162 4.19 -11.71 28.73
N ALA A 163 3.36 -11.34 29.69
CA ALA A 163 3.71 -10.34 30.69
C ALA A 163 4.88 -10.84 31.55
N ASN A 164 4.84 -12.13 31.88
CA ASN A 164 5.90 -12.72 32.70
C ASN A 164 7.18 -12.94 31.91
N ARG A 165 7.03 -13.47 30.69
CA ARG A 165 8.18 -13.72 29.83
C ARG A 165 8.88 -12.42 29.43
N ARG A 166 8.08 -11.37 29.24
CA ARG A 166 8.60 -10.05 28.93
C ARG A 166 9.47 -9.51 30.06
N THR A 167 9.04 -9.72 31.29
CA THR A 167 9.77 -9.26 32.47
C THR A 167 11.13 -9.96 32.60
N GLU A 168 11.14 -11.27 32.36
CA GLU A 168 12.38 -12.03 32.36
C GLU A 168 13.34 -11.45 31.32
N ILE A 169 12.80 -11.21 30.13
CA ILE A 169 13.59 -10.68 29.02
C ILE A 169 14.30 -9.40 29.42
N ILE A 170 13.52 -8.44 29.91
CA ILE A 170 14.03 -7.11 30.23
C ILE A 170 15.16 -7.11 31.27
N GLU A 171 15.04 -7.90 32.32
CA GLU A 171 16.08 -7.94 33.35
C GLU A 171 17.30 -8.69 32.84
N ASP A 172 17.09 -9.63 31.92
CA ASP A 172 18.18 -10.32 31.27
C ASP A 172 18.98 -9.35 30.42
N LEU A 173 18.27 -8.44 29.75
CA LEU A 173 18.89 -7.41 28.94
C LEU A 173 19.60 -6.40 29.83
N ALA A 174 19.00 -6.11 30.98
CA ALA A 174 19.56 -5.19 31.95
C ALA A 174 20.94 -5.65 32.40
N PHE A 175 21.10 -6.97 32.54
CA PHE A 175 22.36 -7.56 32.93
C PHE A 175 23.51 -7.23 31.97
N TYR A 176 23.21 -7.18 30.67
CA TYR A 176 24.26 -6.99 29.67
C TYR A 176 24.36 -5.56 29.15
N SER A 177 23.57 -4.67 29.71
CA SER A 177 23.54 -3.29 29.25
C SER A 177 24.92 -2.64 29.33
N SER A 178 25.73 -3.09 30.28
CA SER A 178 27.10 -2.60 30.44
C SER A 178 27.97 -2.96 29.23
N THR A 179 27.86 -4.20 28.77
CA THR A 179 28.70 -4.67 27.67
C THR A 179 28.43 -3.89 26.40
N VAL A 180 27.18 -3.51 26.18
CA VAL A 180 26.87 -2.75 24.98
C VAL A 180 27.29 -1.29 25.17
N VAL A 181 27.11 -0.75 26.38
CA VAL A 181 27.60 0.62 26.66
C VAL A 181 29.11 0.65 26.47
N SER A 182 29.79 -0.35 27.01
CA SER A 182 31.24 -0.48 26.80
C SER A 182 31.56 -0.52 25.31
N LEU A 183 30.84 -1.35 24.56
CA LEU A 183 31.02 -1.43 23.12
C LEU A 183 30.73 -0.09 22.46
N LEU A 184 29.66 0.54 22.93
CA LEU A 184 29.20 1.81 22.41
C LEU A 184 30.25 2.91 22.65
N MET A 185 30.92 2.84 23.80
CA MET A 185 32.01 3.77 24.13
C MET A 185 33.21 3.61 23.22
N THR A 186 33.58 2.38 22.92
CA THR A 186 34.71 2.09 22.02
C THR A 186 34.50 2.65 20.62
N CYS A 187 33.25 2.65 20.15
CA CYS A 187 32.96 3.12 18.79
C CYS A 187 33.33 4.59 18.61
N VAL A 188 32.82 5.44 19.52
CA VAL A 188 33.11 6.86 19.48
C VAL A 188 34.55 7.13 19.94
N GLU A 189 35.11 6.18 20.68
CA GLU A 189 36.48 6.27 21.17
C GLU A 189 37.51 6.28 20.05
N LYS A 190 37.34 7.17 19.07
CA LYS A 190 38.30 7.36 17.99
C LYS A 190 38.39 8.84 17.67
N ALA A 191 39.42 9.23 16.93
CA ALA A 191 39.64 10.63 16.56
C ALA A 191 38.99 10.98 15.22
N GLY A 192 38.11 11.97 15.24
CA GLY A 192 37.44 12.44 14.04
C GLY A 192 36.45 11.45 13.45
N THR A 193 35.57 10.92 14.30
CA THR A 193 34.59 9.94 13.86
C THR A 193 33.47 10.61 13.08
N ASP A 194 32.99 9.95 12.03
CA ASP A 194 32.03 10.57 11.12
C ASP A 194 30.63 10.44 11.67
N GLU A 195 29.69 11.14 11.04
CA GLU A 195 28.32 11.14 11.52
C GLU A 195 27.66 9.76 11.39
N LYS A 196 28.00 9.04 10.32
CA LYS A 196 27.37 7.74 10.05
C LYS A 196 27.57 6.77 11.19
N MET A 197 28.77 6.74 11.76
CA MET A 197 29.04 5.90 12.91
C MET A 197 28.38 6.48 14.16
N LEU A 198 28.38 7.81 14.24
CA LEU A 198 27.83 8.51 15.40
C LEU A 198 26.33 8.29 15.52
N MET A 199 25.64 8.32 14.38
CA MET A 199 24.21 8.10 14.34
C MET A 199 23.88 6.69 14.81
N LYS A 200 24.68 5.70 14.43
CA LYS A 200 24.43 4.34 14.89
C LYS A 200 24.61 4.24 16.39
N VAL A 201 25.61 4.93 16.92
CA VAL A 201 25.89 4.90 18.34
C VAL A 201 24.75 5.55 19.14
N PHE A 202 24.24 6.68 18.66
CA PHE A 202 23.18 7.40 19.36
C PHE A 202 21.85 6.67 19.32
N ARG A 203 21.48 6.19 18.13
CA ARG A 203 20.26 5.40 17.97
C ARG A 203 20.31 4.19 18.88
N CYS A 204 21.46 3.53 18.95
CA CYS A 204 21.57 2.35 19.80
C CYS A 204 21.44 2.72 21.28
N LEU A 205 22.18 3.76 21.70
CA LEU A 205 22.11 4.25 23.08
C LEU A 205 20.69 4.64 23.45
N GLY A 206 20.07 5.45 22.61
CA GLY A 206 18.70 5.88 22.84
C GLY A 206 17.78 4.68 22.99
N SER A 207 17.99 3.65 22.18
CA SER A 207 17.12 2.49 22.23
C SER A 207 17.26 1.77 23.56
N TRP A 208 18.47 1.60 24.05
CA TRP A 208 18.63 0.95 25.36
C TRP A 208 18.14 1.84 26.50
N PHE A 209 18.24 3.16 26.35
CA PHE A 209 17.64 4.08 27.31
C PHE A 209 16.12 3.85 27.40
N ASN A 210 15.45 3.80 26.25
CA ASN A 210 13.98 3.64 26.20
C ASN A 210 13.46 2.38 26.87
N LEU A 211 14.30 1.36 26.94
CA LEU A 211 13.94 0.10 27.57
C LEU A 211 13.97 0.22 29.09
N GLY A 212 14.71 1.23 29.58
CA GLY A 212 14.84 1.49 31.00
C GLY A 212 15.70 0.46 31.70
N VAL A 213 16.85 0.14 31.11
CA VAL A 213 17.73 -0.87 31.67
C VAL A 213 19.15 -0.36 31.76
N LEU A 214 19.37 0.87 31.33
CA LEU A 214 20.67 1.51 31.50
C LEU A 214 20.81 2.07 32.90
N ASP A 215 22.04 2.05 33.42
CA ASP A 215 22.32 2.60 34.75
C ASP A 215 22.49 4.10 34.70
N SER A 216 21.58 4.82 35.37
CA SER A 216 21.63 6.28 35.41
C SER A 216 22.95 6.81 35.94
N ASN A 217 23.44 6.21 37.02
CA ASN A 217 24.63 6.69 37.69
C ASN A 217 25.88 6.51 36.85
N PHE A 218 25.96 5.40 36.12
CA PHE A 218 27.08 5.17 35.22
C PHE A 218 26.98 6.10 34.01
N MET A 219 25.77 6.36 33.55
CA MET A 219 25.60 7.22 32.37
C MET A 219 25.86 8.69 32.64
N ALA A 220 25.57 9.12 33.88
CA ALA A 220 25.76 10.51 34.27
C ALA A 220 27.17 10.99 33.97
N ASN A 221 28.16 10.21 34.39
CA ASN A 221 29.55 10.49 34.08
C ASN A 221 30.06 9.53 33.02
N ASN A 222 29.80 9.89 31.78
CA ASN A 222 30.16 9.08 30.64
C ASN A 222 30.30 9.95 29.42
N LYS A 223 31.32 9.68 28.61
CA LYS A 223 31.64 10.55 27.50
C LYS A 223 30.51 10.70 26.48
N LEU A 224 29.69 9.66 26.34
CA LEU A 224 28.57 9.68 25.38
C LEU A 224 27.61 10.86 25.59
N LEU A 225 27.24 11.12 26.85
CA LEU A 225 26.38 12.27 27.16
C LEU A 225 26.98 13.60 26.74
N ALA A 226 28.24 13.82 27.08
CA ALA A 226 28.93 15.05 26.74
C ALA A 226 28.98 15.20 25.24
N LEU A 227 29.16 14.07 24.58
CA LEU A 227 29.26 14.03 23.13
C LEU A 227 27.92 14.38 22.46
N LEU A 228 26.83 13.96 23.10
CA LEU A 228 25.48 14.26 22.65
C LEU A 228 25.30 15.78 22.54
N PHE A 229 25.47 16.47 23.67
CA PHE A 229 25.29 17.93 23.70
C PHE A 229 26.35 18.67 22.87
N GLU A 230 27.50 18.03 22.70
CA GLU A 230 28.57 18.61 21.91
C GLU A 230 28.13 18.82 20.47
N VAL A 231 27.62 17.78 19.81
CA VAL A 231 27.22 17.93 18.41
C VAL A 231 25.92 18.74 18.34
N LEU A 232 25.19 18.78 19.44
CA LEU A 232 23.97 19.58 19.52
C LEU A 232 24.25 21.08 19.71
N GLN A 233 25.50 21.41 20.07
CA GLN A 233 25.94 22.79 20.19
C GLN A 233 26.54 23.30 18.87
N GLN A 234 27.28 22.42 18.20
CA GLN A 234 27.97 22.73 16.95
C GLN A 234 27.07 22.99 15.73
N ASP A 235 27.14 24.22 15.22
CA ASP A 235 26.35 24.65 14.06
C ASP A 235 26.63 23.80 12.80
N LYS A 236 27.83 23.27 12.70
CA LYS A 236 28.26 22.55 11.50
C LYS A 236 27.58 21.20 11.30
N THR A 237 26.93 20.69 12.35
CA THR A 237 26.34 19.36 12.31
C THR A 237 25.14 19.27 11.38
N SER A 238 25.05 18.16 10.66
CA SER A 238 24.04 17.95 9.65
C SER A 238 22.68 17.71 10.27
N SER A 239 21.65 17.75 9.44
CA SER A 239 20.28 17.52 9.89
C SER A 239 20.07 16.11 10.44
N ASN A 240 20.70 15.12 9.81
CA ASN A 240 20.55 13.71 10.22
C ASN A 240 21.27 13.34 11.51
N LEU A 241 22.46 13.91 11.71
CA LEU A 241 23.20 13.69 12.94
C LEU A 241 22.47 14.39 14.07
N HIS A 242 21.80 15.47 13.72
CA HIS A 242 21.07 16.29 14.68
C HIS A 242 19.90 15.50 15.23
N GLU A 243 19.10 14.95 14.32
CA GLU A 243 17.92 14.18 14.67
C GLU A 243 18.29 12.98 15.55
N ALA A 244 19.40 12.32 15.22
CA ALA A 244 19.84 11.19 16.01
C ALA A 244 20.23 11.63 17.41
N ALA A 245 20.99 12.72 17.50
CA ALA A 245 21.45 13.27 18.77
C ALA A 245 20.29 13.74 19.65
N SER A 246 19.38 14.51 19.06
CA SER A 246 18.19 14.97 19.76
C SER A 246 17.38 13.81 20.33
N ASP A 247 17.09 12.81 19.50
CA ASP A 247 16.24 11.69 19.91
C ASP A 247 16.87 10.95 21.07
N CYS A 248 18.18 10.81 21.04
CA CYS A 248 18.84 10.14 22.15
C CYS A 248 18.72 10.97 23.44
N VAL A 249 18.80 12.30 23.35
CA VAL A 249 18.63 13.15 24.53
C VAL A 249 17.21 12.98 25.11
N CYS A 250 16.19 13.09 24.25
CA CYS A 250 14.81 12.86 24.69
C CYS A 250 14.63 11.47 25.30
N SER A 251 15.37 10.48 24.80
CA SER A 251 15.34 9.14 25.36
C SER A 251 15.96 9.09 26.76
N ALA A 252 17.09 9.77 26.91
CA ALA A 252 17.78 9.87 28.20
C ALA A 252 16.85 10.47 29.25
N LEU A 253 16.18 11.55 28.86
CA LEU A 253 15.23 12.22 29.72
C LEU A 253 14.05 11.33 30.06
N TYR A 254 13.56 10.62 29.05
CA TYR A 254 12.38 9.80 29.20
C TYR A 254 12.67 8.65 30.17
N ALA A 255 13.90 8.15 30.12
CA ALA A 255 14.32 7.06 30.99
C ALA A 255 14.35 7.43 32.46
N ILE A 256 14.39 8.73 32.76
CA ILE A 256 14.28 9.22 34.13
C ILE A 256 12.81 9.21 34.50
N GLU A 257 12.42 8.26 35.33
CA GLU A 257 11.01 8.14 35.72
C GLU A 257 10.74 8.89 37.02
N ASN A 258 11.67 8.78 37.96
CA ASN A 258 11.66 9.52 39.21
C ASN A 258 12.94 10.34 39.28
N VAL A 259 12.80 11.67 39.27
CA VAL A 259 13.98 12.54 39.23
C VAL A 259 14.89 12.30 40.43
N GLU A 260 14.30 11.95 41.57
CA GLU A 260 15.07 11.78 42.80
C GLU A 260 16.05 10.60 42.74
N THR A 261 15.62 9.48 42.20
CA THR A 261 16.48 8.29 42.15
C THR A 261 17.58 8.44 41.08
N ASN A 262 17.35 9.28 40.09
CA ASN A 262 18.31 9.43 38.99
C ASN A 262 18.89 10.85 38.91
N LEU A 263 19.06 11.48 40.06
CA LEU A 263 19.49 12.88 40.13
C LEU A 263 20.85 13.21 39.49
N PRO A 264 21.86 12.35 39.65
CA PRO A 264 23.11 12.64 38.93
C PRO A 264 22.92 12.80 37.42
N LEU A 265 22.25 11.82 36.83
CA LEU A 265 21.91 11.84 35.41
C LEU A 265 21.02 13.05 35.11
N ALA A 266 20.05 13.27 35.98
CA ALA A 266 19.11 14.38 35.86
C ALA A 266 19.85 15.71 35.73
N MET A 267 20.78 15.94 36.65
CA MET A 267 21.57 17.17 36.68
C MET A 267 22.36 17.32 35.39
N GLN A 268 22.98 16.23 34.96
CA GLN A 268 23.79 16.23 33.74
C GLN A 268 22.97 16.63 32.53
N LEU A 269 21.74 16.14 32.46
CA LEU A 269 20.88 16.44 31.33
C LEU A 269 20.31 17.86 31.38
N PHE A 270 19.84 18.29 32.55
CA PHE A 270 19.39 19.67 32.77
C PHE A 270 20.41 20.73 32.31
N GLN A 271 21.62 20.63 32.82
CA GLN A 271 22.64 21.58 32.44
C GLN A 271 22.96 21.44 30.96
N GLY A 272 22.90 20.21 30.46
CA GLY A 272 23.22 19.94 29.08
C GLY A 272 22.29 20.65 28.13
N VAL A 273 21.00 20.62 28.42
CA VAL A 273 20.02 21.18 27.49
C VAL A 273 20.00 22.72 27.54
N LEU A 274 20.21 23.30 28.72
CA LEU A 274 20.27 24.77 28.84
C LEU A 274 21.36 25.37 27.94
N THR A 275 22.42 24.62 27.71
CA THR A 275 23.51 25.08 26.85
C THR A 275 23.12 25.17 25.37
N LEU A 276 21.91 24.76 25.02
CA LEU A 276 21.54 24.64 23.61
C LEU A 276 20.80 25.87 23.07
N GLU A 277 20.48 26.82 23.95
CA GLU A 277 19.71 27.99 23.53
C GLU A 277 20.42 28.80 22.43
N THR A 278 21.74 28.87 22.49
CA THR A 278 22.48 29.61 21.48
C THR A 278 22.32 28.93 20.13
N ALA A 279 22.44 27.60 20.12
CA ALA A 279 22.28 26.80 18.91
C ALA A 279 20.85 26.88 18.37
N TYR A 280 19.87 26.98 19.27
CA TYR A 280 18.51 27.20 18.81
C TYR A 280 18.46 28.51 18.03
N HIS A 281 18.99 29.59 18.62
CA HIS A 281 18.94 30.89 17.95
C HIS A 281 19.71 30.89 16.62
N MET A 282 20.80 30.14 16.58
CA MET A 282 21.56 30.02 15.33
C MET A 282 20.75 29.27 14.29
N ALA A 283 20.01 28.26 14.73
CA ALA A 283 19.20 27.49 13.82
C ALA A 283 18.05 28.33 13.28
N VAL A 284 17.55 29.25 14.11
CA VAL A 284 16.44 30.10 13.69
C VAL A 284 16.97 31.28 12.88
N ALA A 285 18.24 31.62 13.06
CA ALA A 285 18.89 32.65 12.26
C ALA A 285 18.96 32.18 10.81
N ARG A 286 19.33 30.92 10.62
CA ARG A 286 19.18 30.32 9.31
C ARG A 286 17.71 29.93 9.19
N GLU A 287 17.29 29.37 8.07
CA GLU A 287 15.91 28.92 8.00
C GLU A 287 15.93 27.41 8.20
N ASP A 288 16.58 26.98 9.27
CA ASP A 288 16.77 25.57 9.56
C ASP A 288 15.72 25.07 10.53
N LEU A 289 14.50 24.92 10.00
CA LEU A 289 13.32 24.55 10.77
C LEU A 289 13.38 23.13 11.33
N ASP A 290 14.04 22.23 10.62
CA ASP A 290 14.23 20.87 11.10
C ASP A 290 15.00 20.90 12.41
N LYS A 291 16.01 21.75 12.48
CA LYS A 291 16.83 21.82 13.67
C LYS A 291 16.08 22.42 14.87
N VAL A 292 15.26 23.44 14.62
CA VAL A 292 14.58 24.13 15.71
C VAL A 292 13.50 23.20 16.31
N LEU A 293 12.85 22.41 15.45
CA LEU A 293 11.84 21.47 15.90
C LEU A 293 12.46 20.47 16.85
N ASN A 294 13.68 20.04 16.54
CA ASN A 294 14.44 19.17 17.44
C ASN A 294 14.73 19.81 18.78
N TYR A 295 15.05 21.10 18.78
CA TYR A 295 15.38 21.78 20.03
C TYR A 295 14.12 21.91 20.88
N CYS A 296 13.01 22.24 20.24
CA CYS A 296 11.76 22.40 20.97
C CYS A 296 11.28 21.10 21.62
N ARG A 297 11.60 19.97 20.99
CA ARG A 297 11.29 18.65 21.53
C ARG A 297 12.15 18.33 22.73
N ILE A 298 13.45 18.62 22.61
CA ILE A 298 14.36 18.45 23.74
C ILE A 298 13.93 19.30 24.93
N PHE A 299 13.55 20.55 24.66
CA PHE A 299 13.09 21.46 25.71
C PHE A 299 11.80 20.94 26.33
N THR A 300 10.82 20.66 25.47
CA THR A 300 9.54 20.15 25.92
C THR A 300 9.72 18.86 26.70
N GLU A 301 10.65 18.02 26.28
CA GLU A 301 10.85 16.76 26.97
C GLU A 301 11.47 17.00 28.33
N LEU A 302 12.32 18.03 28.39
CA LEU A 302 12.97 18.42 29.63
C LEU A 302 11.96 18.86 30.68
N CYS A 303 11.01 19.70 30.26
CA CYS A 303 9.97 20.20 31.16
C CYS A 303 9.06 19.04 31.58
N GLU A 304 8.83 18.07 30.68
CA GLU A 304 8.02 16.90 30.99
C GLU A 304 8.72 16.08 32.07
N THR A 305 10.02 15.92 31.94
CA THR A 305 10.82 15.14 32.87
C THR A 305 10.83 15.73 34.27
N PHE A 306 10.94 17.06 34.33
CA PHE A 306 11.00 17.81 35.59
C PHE A 306 9.69 18.53 35.92
N LEU A 307 8.58 18.01 35.40
CA LEU A 307 7.26 18.56 35.69
C LEU A 307 6.95 18.55 37.20
N GLU A 308 7.31 17.47 37.91
CA GLU A 308 7.05 17.40 39.34
C GLU A 308 7.78 18.52 40.11
N LYS A 309 9.02 18.79 39.72
CA LYS A 309 9.83 19.79 40.39
C LYS A 309 9.41 21.22 40.01
N ILE A 310 8.98 21.42 38.76
CA ILE A 310 8.46 22.72 38.35
C ILE A 310 7.20 23.04 39.17
N VAL A 311 6.44 22.01 39.50
CA VAL A 311 5.17 22.16 40.22
C VAL A 311 5.33 22.22 41.73
N CYS A 312 6.04 21.25 42.31
CA CYS A 312 6.16 21.14 43.75
C CYS A 312 7.01 22.26 44.36
N THR A 313 8.21 22.44 43.83
CA THR A 313 9.07 23.49 44.34
C THR A 313 9.60 24.40 43.24
N PRO A 314 8.71 25.20 42.64
CA PRO A 314 9.07 26.06 41.50
C PRO A 314 10.22 27.02 41.80
N GLY A 315 10.94 27.42 40.76
CA GLY A 315 12.03 28.37 40.91
C GLY A 315 13.29 27.82 41.56
N GLN A 316 13.15 26.84 42.46
CA GLN A 316 14.29 26.39 43.25
C GLN A 316 14.90 25.07 42.78
N GLY A 317 16.13 25.15 42.30
CA GLY A 317 16.92 23.99 41.91
C GLY A 317 16.41 23.30 40.67
N LEU A 318 15.88 22.10 40.87
CA LEU A 318 15.30 21.30 39.80
C LEU A 318 14.11 22.00 39.15
N GLY A 319 13.44 22.86 39.92
CA GLY A 319 12.30 23.59 39.41
C GLY A 319 12.65 24.89 38.70
N ASP A 320 13.93 25.05 38.34
CA ASP A 320 14.37 26.30 37.72
C ASP A 320 13.51 26.62 36.51
N LEU A 321 12.81 27.75 36.59
CA LEU A 321 11.80 28.11 35.61
C LEU A 321 12.36 28.57 34.26
N ARG A 322 13.68 28.43 34.05
CA ARG A 322 14.23 28.75 32.73
C ARG A 322 13.75 27.68 31.75
N THR A 323 13.39 26.53 32.31
CA THR A 323 12.72 25.48 31.55
C THR A 323 11.52 26.05 30.81
N LEU A 324 10.61 26.68 31.56
CA LEU A 324 9.42 27.27 30.94
C LEU A 324 9.80 28.38 29.96
N GLU A 325 10.87 29.12 30.27
CA GLU A 325 11.31 30.21 29.39
C GLU A 325 11.71 29.70 28.02
N LEU A 326 12.43 28.58 28.00
CA LEU A 326 12.83 27.92 26.76
C LEU A 326 11.59 27.60 25.92
N LEU A 327 10.49 27.25 26.56
CA LEU A 327 9.25 27.00 25.84
C LEU A 327 8.65 28.29 25.31
N LEU A 328 8.67 29.34 26.12
CA LEU A 328 8.14 30.63 25.69
C LEU A 328 8.96 31.23 24.55
N ILE A 329 10.25 30.91 24.54
CA ILE A 329 11.09 31.26 23.39
C ILE A 329 10.59 30.53 22.15
N CYS A 330 10.42 29.22 22.27
CA CYS A 330 9.87 28.42 21.19
C CYS A 330 8.49 28.90 20.77
N ALA A 331 7.71 29.35 21.76
CA ALA A 331 6.34 29.83 21.49
C ALA A 331 6.32 31.09 20.64
N GLY A 332 7.40 31.86 20.69
CA GLY A 332 7.45 33.12 19.96
C GLY A 332 7.78 32.95 18.49
N HIS A 333 8.19 31.75 18.12
CA HIS A 333 8.61 31.44 16.76
C HIS A 333 7.42 31.65 15.83
N PRO A 334 7.65 32.29 14.68
CA PRO A 334 6.54 32.55 13.75
C PRO A 334 5.87 31.30 13.18
N GLN A 335 6.53 30.15 13.26
CA GLN A 335 5.97 28.93 12.70
C GLN A 335 5.23 28.12 13.76
N TYR A 336 3.92 27.95 13.59
CA TYR A 336 3.06 27.40 14.64
C TYR A 336 3.30 25.91 14.89
N GLU A 337 4.00 25.25 13.97
CA GLU A 337 4.35 23.85 14.14
C GLU A 337 5.40 23.70 15.23
N VAL A 338 6.03 24.80 15.62
CA VAL A 338 7.05 24.75 16.66
C VAL A 338 6.43 24.70 18.06
N VAL A 339 5.39 25.50 18.26
CA VAL A 339 4.84 25.68 19.61
C VAL A 339 3.90 24.51 19.97
N GLU A 340 3.24 23.94 18.97
CA GLU A 340 2.29 22.87 19.24
C GLU A 340 2.99 21.62 19.78
N ILE A 341 4.29 21.53 19.56
CA ILE A 341 5.08 20.45 20.16
C ILE A 341 4.94 20.45 21.66
N SER A 342 4.81 21.63 22.25
CA SER A 342 4.84 21.80 23.69
C SER A 342 3.46 21.76 24.34
N PHE A 343 2.41 21.74 23.52
CA PHE A 343 1.03 21.81 24.03
C PHE A 343 0.71 20.75 25.10
N ASN A 344 1.16 19.51 24.90
CA ASN A 344 0.84 18.47 25.86
C ASN A 344 1.45 18.72 27.23
N PHE A 345 2.67 19.28 27.26
CA PHE A 345 3.28 19.64 28.53
C PHE A 345 2.48 20.73 29.26
N TRP A 346 2.07 21.75 28.52
CA TRP A 346 1.27 22.82 29.12
C TRP A 346 -0.03 22.28 29.72
N TYR A 347 -0.74 21.41 29.00
CA TYR A 347 -1.93 20.72 29.54
C TYR A 347 -1.62 20.05 30.86
N ARG A 348 -0.56 19.26 30.83
CA ARG A 348 -0.19 18.44 31.95
C ARG A 348 0.23 19.31 33.14
N LEU A 349 0.94 20.40 32.85
CA LEU A 349 1.34 21.35 33.89
C LEU A 349 0.13 22.00 34.55
N GLY A 350 -0.79 22.51 33.73
CA GLY A 350 -2.00 23.12 34.24
C GLY A 350 -2.86 22.15 35.03
N GLU A 351 -2.92 20.92 34.54
CA GLU A 351 -3.72 19.88 35.18
C GLU A 351 -3.18 19.59 36.58
N HIS A 352 -1.86 19.52 36.69
CA HIS A 352 -1.19 19.24 37.95
C HIS A 352 -1.29 20.38 38.97
N LEU A 353 -1.19 21.62 38.49
CA LEU A 353 -1.35 22.76 39.39
C LEU A 353 -2.77 22.79 39.92
N TYR A 354 -3.72 22.50 39.04
CA TYR A 354 -5.12 22.48 39.43
C TYR A 354 -5.41 21.40 40.46
N LYS A 355 -4.88 20.20 40.21
CA LYS A 355 -5.12 19.04 41.07
C LYS A 355 -4.62 19.24 42.49
N THR A 356 -3.33 19.50 42.64
CA THR A 356 -2.79 19.84 43.95
C THR A 356 -3.18 21.28 44.26
N ASN A 357 -4.35 21.45 44.88
CA ASN A 357 -4.92 22.77 45.10
C ASN A 357 -4.20 23.59 46.16
N ASP A 358 -2.98 24.03 45.84
CA ASP A 358 -2.20 24.87 46.73
C ASP A 358 -1.84 26.15 45.99
N GLU A 359 -2.84 27.03 45.85
CA GLU A 359 -2.68 28.25 45.05
C GLU A 359 -1.76 29.28 45.68
N VAL A 360 -1.14 28.94 46.81
CA VAL A 360 -0.09 29.76 47.39
C VAL A 360 1.04 29.99 46.40
N ILE A 361 1.36 28.94 45.65
CA ILE A 361 2.43 28.91 44.68
C ILE A 361 2.04 29.47 43.32
N HIS A 362 0.75 29.36 43.00
CA HIS A 362 0.24 29.67 41.65
C HIS A 362 0.64 31.03 41.07
N GLY A 363 0.88 32.01 41.92
CA GLY A 363 1.22 33.36 41.49
C GLY A 363 2.46 33.44 40.61
N ILE A 364 3.40 32.54 40.85
CA ILE A 364 4.66 32.51 40.10
C ILE A 364 4.46 32.12 38.64
N PHE A 365 3.40 31.38 38.36
CA PHE A 365 3.17 30.85 37.02
C PHE A 365 2.42 31.82 36.11
N LYS A 366 1.68 32.75 36.71
CA LYS A 366 0.77 33.63 35.98
C LYS A 366 1.41 34.37 34.81
N ALA A 367 2.59 34.94 35.05
CA ALA A 367 3.29 35.71 34.03
C ALA A 367 3.70 34.82 32.87
N TYR A 368 4.01 33.55 33.16
CA TYR A 368 4.43 32.62 32.13
C TYR A 368 3.25 32.23 31.24
N ILE A 369 2.09 31.99 31.86
CA ILE A 369 0.90 31.65 31.13
C ILE A 369 0.41 32.84 30.29
N GLN A 370 0.52 34.06 30.82
CA GLN A 370 0.03 35.21 30.04
C GLN A 370 1.00 35.52 28.90
N ARG A 371 2.27 35.17 29.09
CA ARG A 371 3.23 35.26 28.01
C ARG A 371 2.88 34.22 26.93
N LEU A 372 2.59 32.99 27.36
CA LEU A 372 2.17 31.95 26.44
C LEU A 372 0.89 32.34 25.69
N LEU A 373 -0.07 32.89 26.41
CA LEU A 373 -1.35 33.23 25.82
C LEU A 373 -1.20 34.28 24.72
N HIS A 374 -0.37 35.29 24.96
CA HIS A 374 -0.13 36.32 23.95
C HIS A 374 0.58 35.73 22.75
N ALA A 375 1.44 34.75 23.01
CA ALA A 375 2.15 34.05 21.95
C ALA A 375 1.17 33.24 21.10
N LEU A 376 0.16 32.66 21.74
CA LEU A 376 -0.82 31.85 21.04
C LEU A 376 -1.82 32.75 20.34
N ALA A 377 -2.05 33.94 20.91
CA ALA A 377 -2.96 34.89 20.30
C ALA A 377 -2.47 35.32 18.92
N ARG A 378 -1.16 35.58 18.77
CA ARG A 378 -0.63 35.98 17.47
C ARG A 378 -0.56 34.80 16.52
N HIS A 379 -0.36 33.61 17.06
CA HIS A 379 -0.34 32.39 16.24
C HIS A 379 -1.70 32.12 15.60
N CYS A 380 -2.75 32.67 16.20
CA CYS A 380 -4.11 32.48 15.70
C CYS A 380 -4.47 33.46 14.59
N GLN A 381 -3.54 34.35 14.26
CA GLN A 381 -3.82 35.36 13.25
C GLN A 381 -3.85 34.75 11.85
N LEU A 382 -4.96 34.99 11.15
CA LEU A 382 -5.11 34.57 9.77
C LEU A 382 -4.28 35.46 8.84
N GLU A 383 -3.99 34.95 7.64
CA GLU A 383 -3.28 35.73 6.64
C GLU A 383 -4.14 36.91 6.13
N PRO A 384 -3.54 38.10 6.03
CA PRO A 384 -4.24 39.31 5.61
C PRO A 384 -4.95 39.18 4.25
N ASP A 385 -4.50 38.24 3.43
CA ASP A 385 -5.16 38.02 2.14
C ASP A 385 -6.18 36.88 2.21
N HIS A 386 -6.67 36.59 3.42
CA HIS A 386 -7.67 35.54 3.61
C HIS A 386 -9.04 36.03 3.13
N GLU A 387 -9.70 35.23 2.29
CA GLU A 387 -10.90 35.70 1.61
C GLU A 387 -12.18 35.48 2.42
N GLY A 388 -12.39 34.26 2.92
CA GLY A 388 -13.64 33.93 3.57
C GLY A 388 -13.64 33.94 5.09
N VAL A 389 -14.45 33.05 5.65
CA VAL A 389 -14.53 32.85 7.10
C VAL A 389 -13.34 31.99 7.52
N PRO A 390 -13.00 32.01 8.82
CA PRO A 390 -11.94 31.10 9.26
C PRO A 390 -12.39 29.65 9.21
N GLU A 391 -11.79 28.85 8.32
CA GLU A 391 -12.14 27.44 8.20
C GLU A 391 -11.53 26.63 9.34
N GLU A 392 -12.35 25.80 9.96
CA GLU A 392 -11.92 24.96 11.07
C GLU A 392 -11.35 23.64 10.58
N THR A 393 -11.80 23.24 9.39
CA THR A 393 -11.46 21.94 8.82
C THR A 393 -10.01 21.81 8.38
N ASP A 394 -9.44 22.90 7.85
CA ASP A 394 -8.08 22.85 7.32
C ASP A 394 -7.03 22.65 8.42
N ASP A 395 -5.79 22.42 7.99
CA ASP A 395 -4.68 22.16 8.91
C ASP A 395 -4.49 23.25 9.96
N PHE A 396 -4.63 24.51 9.55
CA PHE A 396 -4.43 25.65 10.44
C PHE A 396 -5.63 25.86 11.35
N GLY A 397 -6.83 25.64 10.82
CA GLY A 397 -8.05 25.70 11.61
C GLY A 397 -8.05 24.65 12.71
N GLU A 398 -7.37 23.53 12.46
CA GLU A 398 -7.22 22.48 13.46
C GLU A 398 -6.36 23.00 14.59
N PHE A 399 -5.28 23.71 14.22
CA PHE A 399 -4.37 24.28 15.21
C PHE A 399 -5.06 25.28 16.13
N ARG A 400 -5.91 26.12 15.54
CA ARG A 400 -6.61 27.12 16.33
C ARG A 400 -7.47 26.46 17.41
N MET A 401 -8.11 25.36 17.05
CA MET A 401 -8.97 24.63 17.98
C MET A 401 -8.13 24.02 19.10
N ARG A 402 -6.96 23.49 18.78
CA ARG A 402 -6.08 22.98 19.82
C ARG A 402 -5.61 24.13 20.71
N VAL A 403 -5.49 25.33 20.14
CA VAL A 403 -5.13 26.51 20.91
C VAL A 403 -6.32 26.94 21.76
N SER A 404 -7.49 26.99 21.14
CA SER A 404 -8.72 27.33 21.85
C SER A 404 -8.94 26.43 23.06
N ASP A 405 -8.71 25.12 22.89
CA ASP A 405 -8.89 24.17 23.98
C ASP A 405 -7.82 24.33 25.05
N LEU A 406 -6.60 24.65 24.64
CA LEU A 406 -5.51 24.78 25.61
C LEU A 406 -5.71 26.01 26.47
N VAL A 407 -6.24 27.06 25.86
CA VAL A 407 -6.50 28.30 26.59
C VAL A 407 -7.58 28.11 27.65
N LYS A 408 -8.66 27.38 27.29
CA LYS A 408 -9.73 27.09 28.25
C LYS A 408 -9.19 26.41 29.51
N ASP A 409 -8.21 25.55 29.33
CA ASP A 409 -7.69 24.76 30.43
C ASP A 409 -6.61 25.46 31.26
N LEU A 410 -6.03 26.51 30.70
CA LEU A 410 -4.97 27.22 31.42
C LEU A 410 -5.44 28.58 31.95
N ILE A 411 -6.63 29.00 31.53
CA ILE A 411 -7.12 30.34 31.83
C ILE A 411 -7.27 30.62 33.33
N PHE A 412 -7.40 29.58 34.15
CA PHE A 412 -7.60 29.78 35.58
C PHE A 412 -6.35 30.30 36.27
N LEU A 413 -5.21 30.16 35.61
CA LEU A 413 -3.95 30.62 36.19
C LEU A 413 -3.72 32.10 35.95
N ILE A 414 -4.49 32.69 35.04
CA ILE A 414 -4.39 34.13 34.77
C ILE A 414 -5.57 34.87 35.38
N GLY A 415 -6.75 34.27 35.25
CA GLY A 415 -7.98 34.94 35.62
C GLY A 415 -8.73 35.28 34.35
N SER A 416 -9.87 34.64 34.14
CA SER A 416 -10.63 34.82 32.91
C SER A 416 -11.08 36.28 32.68
N MET A 417 -11.49 36.96 33.75
CA MET A 417 -11.93 38.35 33.63
C MET A 417 -10.75 39.26 33.27
N GLU A 418 -9.69 39.13 34.05
CA GLU A 418 -8.46 39.89 33.84
C GLU A 418 -8.02 39.80 32.40
N CYS A 419 -8.04 38.58 31.88
CA CYS A 419 -7.60 38.31 30.52
C CYS A 419 -8.60 38.83 29.49
N PHE A 420 -9.88 38.60 29.74
CA PHE A 420 -10.92 39.00 28.78
C PHE A 420 -10.90 40.49 28.52
N ALA A 421 -10.83 41.29 29.59
CA ALA A 421 -10.83 42.75 29.47
C ALA A 421 -9.58 43.26 28.76
N GLN A 422 -8.43 42.72 29.17
CA GLN A 422 -7.15 43.11 28.60
C GLN A 422 -7.03 42.84 27.11
N LEU A 423 -7.58 41.72 26.65
CA LEU A 423 -7.56 41.42 25.23
C LEU A 423 -8.39 42.46 24.45
N TYR A 424 -9.54 42.82 25.00
CA TYR A 424 -10.44 43.75 24.34
C TYR A 424 -9.87 45.17 24.32
N SER A 425 -9.22 45.58 25.41
CA SER A 425 -8.62 46.91 25.52
C SER A 425 -7.78 47.16 24.27
N THR A 426 -6.88 46.22 23.99
CA THR A 426 -5.92 46.37 22.91
C THR A 426 -6.55 46.49 21.53
N LEU A 427 -7.88 46.54 21.47
CA LEU A 427 -8.57 46.48 20.17
C LEU A 427 -9.09 47.82 19.67
N LYS A 428 -8.34 48.90 19.93
CA LYS A 428 -8.64 50.21 19.36
C LYS A 428 -7.32 50.95 19.21
N GLU A 429 -6.36 50.58 20.04
CA GLU A 429 -4.98 51.01 19.90
C GLU A 429 -4.36 50.46 18.61
N GLY A 430 -3.77 51.33 17.81
CA GLY A 430 -2.87 50.86 16.77
C GLY A 430 -3.48 50.60 15.41
N ASN A 431 -4.74 50.99 15.23
CA ASN A 431 -5.38 50.90 13.92
C ASN A 431 -5.31 49.48 13.42
N PRO A 432 -5.99 48.54 14.11
CA PRO A 432 -5.52 47.17 13.92
C PRO A 432 -6.03 46.55 12.63
N PRO A 433 -5.20 45.72 11.97
CA PRO A 433 -5.68 45.13 10.73
C PRO A 433 -6.71 44.05 11.09
N TRP A 434 -7.60 43.71 10.17
CA TRP A 434 -8.69 42.80 10.47
C TRP A 434 -8.22 41.50 11.11
N GLU A 435 -7.08 41.00 10.67
CA GLU A 435 -6.57 39.71 11.15
C GLU A 435 -6.04 39.79 12.59
N VAL A 436 -5.74 40.98 13.08
CA VAL A 436 -5.29 41.08 14.47
C VAL A 436 -6.52 41.19 15.38
N THR A 437 -7.59 41.74 14.83
CA THR A 437 -8.83 41.86 15.58
C THR A 437 -9.50 40.49 15.73
N GLU A 438 -9.63 39.78 14.62
CA GLU A 438 -10.23 38.45 14.59
C GLU A 438 -9.58 37.52 15.60
N ALA A 439 -8.25 37.49 15.61
CA ALA A 439 -7.53 36.59 16.50
C ALA A 439 -7.77 36.92 17.96
N VAL A 440 -7.88 38.21 18.28
CA VAL A 440 -8.16 38.63 19.64
C VAL A 440 -9.60 38.32 20.02
N LEU A 441 -10.51 38.48 19.07
CA LEU A 441 -11.91 38.12 19.25
C LEU A 441 -12.06 36.62 19.46
N PHE A 442 -11.18 35.85 18.80
CA PHE A 442 -11.20 34.40 18.82
C PHE A 442 -10.81 33.85 20.18
N ILE A 443 -9.75 34.39 20.76
CA ILE A 443 -9.30 33.95 22.08
C ILE A 443 -10.29 34.43 23.14
N MET A 444 -10.96 35.54 22.83
CA MET A 444 -11.98 36.07 23.72
C MET A 444 -13.18 35.12 23.75
N ALA A 445 -13.53 34.57 22.60
CA ALA A 445 -14.64 33.63 22.51
C ALA A 445 -14.32 32.33 23.27
N ALA A 446 -13.06 31.96 23.29
CA ALA A 446 -12.62 30.75 23.97
C ALA A 446 -12.85 30.83 25.47
N ILE A 447 -12.78 32.02 26.03
CA ILE A 447 -12.85 32.18 27.47
C ILE A 447 -14.10 32.91 27.93
N ALA A 448 -14.89 33.41 26.99
CA ALA A 448 -16.05 34.24 27.29
C ALA A 448 -17.09 33.53 28.13
N LYS A 449 -17.09 32.21 28.14
CA LYS A 449 -18.07 31.47 28.93
C LYS A 449 -17.62 31.42 30.39
N SER A 450 -16.32 31.24 30.62
CA SER A 450 -15.79 31.09 31.96
C SER A 450 -15.61 32.42 32.71
N VAL A 451 -15.81 33.53 32.01
CA VAL A 451 -15.62 34.84 32.63
C VAL A 451 -16.78 35.15 33.59
N ASP A 452 -16.42 35.49 34.83
CA ASP A 452 -17.39 35.74 35.89
C ASP A 452 -18.23 37.00 35.62
N PRO A 453 -19.56 36.89 35.77
CA PRO A 453 -20.46 38.02 35.51
C PRO A 453 -20.59 38.99 36.68
N GLU A 454 -19.65 38.93 37.63
CA GLU A 454 -19.62 39.86 38.77
C GLU A 454 -19.19 41.26 38.32
N ASN A 455 -18.05 41.34 37.65
CA ASN A 455 -17.59 42.61 37.10
C ASN A 455 -18.32 42.88 35.79
N ASN A 456 -19.62 43.15 35.91
CA ASN A 456 -20.49 43.39 34.78
C ASN A 456 -20.11 44.59 33.86
N PRO A 457 -19.64 45.72 34.44
CA PRO A 457 -19.35 46.87 33.56
C PRO A 457 -18.37 46.59 32.42
N THR A 458 -17.23 45.97 32.73
CA THR A 458 -16.24 45.66 31.71
C THR A 458 -16.74 44.58 30.77
N LEU A 459 -17.65 43.74 31.26
CA LEU A 459 -18.20 42.66 30.46
C LEU A 459 -19.26 43.17 29.48
N VAL A 460 -20.18 43.98 29.99
CA VAL A 460 -21.31 44.44 29.20
C VAL A 460 -20.93 45.51 28.17
N GLU A 461 -19.78 46.14 28.36
CA GLU A 461 -19.31 47.14 27.41
C GLU A 461 -18.59 46.47 26.24
N VAL A 462 -18.03 45.29 26.49
CA VAL A 462 -17.42 44.51 25.42
C VAL A 462 -18.48 44.09 24.42
N LEU A 463 -19.61 43.62 24.94
CA LEU A 463 -20.74 43.23 24.10
C LEU A 463 -21.23 44.40 23.27
N GLU A 464 -21.29 45.58 23.90
CA GLU A 464 -21.73 46.79 23.23
C GLU A 464 -20.74 47.18 22.14
N GLY A 465 -19.48 46.81 22.33
CA GLY A 465 -18.46 47.07 21.33
C GLY A 465 -18.60 46.17 20.11
N VAL A 466 -19.00 44.93 20.32
CA VAL A 466 -19.10 43.96 19.25
C VAL A 466 -20.31 44.21 18.33
N VAL A 467 -21.41 44.67 18.90
CA VAL A 467 -22.63 44.92 18.12
C VAL A 467 -22.59 46.18 17.26
N ARG A 468 -21.70 47.11 17.61
CA ARG A 468 -21.58 48.36 16.88
C ARG A 468 -20.58 48.24 15.73
N LEU A 469 -19.98 47.06 15.59
CA LEU A 469 -19.11 46.77 14.45
C LEU A 469 -19.96 46.86 13.20
N PRO A 470 -19.46 47.58 12.18
CA PRO A 470 -20.23 47.71 10.93
C PRO A 470 -20.19 46.44 10.09
N GLU A 471 -21.10 46.33 9.12
CA GLU A 471 -21.10 45.18 8.21
C GLU A 471 -19.90 45.22 7.29
N THR A 472 -19.31 46.40 7.16
CA THR A 472 -18.19 46.64 6.25
C THR A 472 -16.96 45.82 6.60
N VAL A 473 -16.81 45.49 7.89
CA VAL A 473 -15.66 44.73 8.38
C VAL A 473 -15.54 43.37 7.67
N HIS A 474 -14.33 42.81 7.70
CA HIS A 474 -14.01 41.56 7.03
C HIS A 474 -14.96 40.43 7.45
N THR A 475 -15.33 39.59 6.49
CA THR A 475 -16.24 38.47 6.72
C THR A 475 -15.82 37.65 7.95
N ALA A 476 -14.53 37.32 8.03
CA ALA A 476 -14.01 36.53 9.14
C ALA A 476 -14.12 37.26 10.47
N VAL A 477 -14.14 38.59 10.46
CA VAL A 477 -14.31 39.35 11.69
C VAL A 477 -15.78 39.33 12.14
N ARG A 478 -16.69 39.41 11.19
CA ARG A 478 -18.12 39.31 11.47
C ARG A 478 -18.45 37.93 12.04
N TYR A 479 -17.79 36.90 11.53
CA TYR A 479 -18.02 35.51 11.92
C TYR A 479 -17.59 35.25 13.36
N THR A 480 -16.35 35.58 13.68
CA THR A 480 -15.81 35.32 15.02
C THR A 480 -16.52 36.17 16.07
N SER A 481 -16.98 37.35 15.67
CA SER A 481 -17.69 38.22 16.61
C SER A 481 -19.07 37.64 16.90
N ILE A 482 -19.60 36.94 15.91
CA ILE A 482 -20.86 36.22 16.08
C ILE A 482 -20.67 35.07 17.08
N GLU A 483 -19.54 34.37 16.97
CA GLU A 483 -19.25 33.31 17.92
C GLU A 483 -18.98 33.83 19.33
N LEU A 484 -18.34 35.00 19.42
CA LEU A 484 -18.08 35.60 20.72
C LEU A 484 -19.39 36.00 21.43
N VAL A 485 -20.27 36.63 20.66
CA VAL A 485 -21.60 37.02 21.14
C VAL A 485 -22.37 35.79 21.62
N GLY A 486 -22.30 34.72 20.83
CA GLY A 486 -22.95 33.48 21.19
C GLY A 486 -22.46 32.97 22.53
N GLU A 487 -21.17 33.16 22.81
CA GLU A 487 -20.60 32.71 24.07
C GLU A 487 -20.98 33.66 25.21
N MET A 488 -21.53 34.81 24.84
CA MET A 488 -21.91 35.82 25.82
C MET A 488 -23.43 35.93 25.95
N SER A 489 -24.10 34.82 26.25
CA SER A 489 -25.55 34.83 26.35
C SER A 489 -25.99 35.18 27.76
N GLU A 490 -25.13 34.90 28.74
CA GLU A 490 -25.45 35.16 30.14
C GLU A 490 -25.40 36.66 30.45
N VAL A 491 -24.63 37.40 29.66
CA VAL A 491 -24.52 38.84 29.84
C VAL A 491 -25.72 39.51 29.17
N VAL A 492 -26.31 38.83 28.19
CA VAL A 492 -27.54 39.30 27.56
C VAL A 492 -28.74 38.95 28.43
N ASP A 493 -28.55 37.96 29.30
CA ASP A 493 -29.60 37.51 30.20
C ASP A 493 -29.70 38.41 31.43
N ARG A 494 -28.55 38.91 31.88
CA ARG A 494 -28.49 39.77 33.06
C ARG A 494 -28.70 41.24 32.71
N ASN A 495 -28.54 41.57 31.44
CA ASN A 495 -28.76 42.93 30.95
C ASN A 495 -29.74 42.92 29.78
N PRO A 496 -31.03 42.70 30.07
CA PRO A 496 -32.05 42.46 29.04
C PRO A 496 -32.23 43.59 28.04
N GLN A 497 -31.68 44.77 28.32
CA GLN A 497 -31.79 45.87 27.38
C GLN A 497 -30.97 45.59 26.13
N PHE A 498 -29.93 44.77 26.29
CA PHE A 498 -29.05 44.45 25.17
C PHE A 498 -29.62 43.34 24.30
N LEU A 499 -30.73 42.75 24.73
CA LEU A 499 -31.34 41.65 24.00
C LEU A 499 -31.72 42.02 22.56
N ASP A 500 -32.44 43.13 22.39
CA ASP A 500 -32.87 43.56 21.06
C ASP A 500 -31.72 43.97 20.14
N PRO A 501 -30.72 44.72 20.65
CA PRO A 501 -29.56 44.99 19.77
C PRO A 501 -28.81 43.72 19.36
N VAL A 502 -28.59 42.82 20.30
CA VAL A 502 -27.89 41.57 20.01
C VAL A 502 -28.67 40.77 18.96
N LEU A 503 -29.97 40.62 19.19
CA LEU A 503 -30.84 39.92 18.24
C LEU A 503 -30.75 40.55 16.85
N GLY A 504 -30.87 41.88 16.80
CA GLY A 504 -30.81 42.60 15.55
C GLY A 504 -29.49 42.38 14.84
N TYR A 505 -28.40 42.38 15.62
CA TYR A 505 -27.08 42.10 15.05
C TYR A 505 -26.95 40.68 14.52
N LEU A 506 -27.47 39.71 15.26
CA LEU A 506 -27.39 38.32 14.84
C LEU A 506 -28.27 38.06 13.62
N MET A 507 -29.42 38.71 13.57
CA MET A 507 -30.33 38.62 12.42
C MET A 507 -29.67 39.08 11.11
N LYS A 508 -28.82 40.10 11.21
CA LYS A 508 -28.10 40.59 10.05
C LYS A 508 -27.15 39.53 9.51
N GLY A 509 -26.41 38.90 10.43
CA GLY A 509 -25.46 37.86 10.08
C GLY A 509 -26.16 36.67 9.47
N LEU A 510 -27.34 36.38 9.99
CA LEU A 510 -28.16 35.27 9.52
C LEU A 510 -28.57 35.41 8.07
N CYS A 511 -28.79 36.65 7.63
CA CYS A 511 -29.25 36.91 6.27
C CYS A 511 -28.11 36.88 5.24
N GLU A 512 -26.88 36.74 5.71
CA GLU A 512 -25.73 36.52 4.82
C GLU A 512 -25.28 35.06 4.83
N LYS A 513 -25.22 34.46 3.64
CA LYS A 513 -25.00 33.02 3.47
C LYS A 513 -23.82 32.41 4.25
N PRO A 514 -22.61 33.02 4.17
CA PRO A 514 -21.52 32.30 4.85
C PRO A 514 -21.48 32.53 6.34
N LEU A 515 -22.42 33.32 6.85
CA LEU A 515 -22.44 33.67 8.27
C LEU A 515 -23.63 33.06 9.00
N ALA A 516 -24.52 32.43 8.25
CA ALA A 516 -25.78 31.93 8.78
C ALA A 516 -25.61 30.95 9.94
N SER A 517 -24.85 29.87 9.72
CA SER A 517 -24.70 28.84 10.73
C SER A 517 -24.15 29.36 12.04
N ALA A 518 -23.17 30.25 11.98
CA ALA A 518 -22.62 30.81 13.19
C ALA A 518 -23.67 31.67 13.89
N ALA A 519 -24.46 32.38 13.09
CA ALA A 519 -25.53 33.22 13.60
C ALA A 519 -26.62 32.36 14.24
N ALA A 520 -27.10 31.37 13.49
CA ALA A 520 -28.15 30.46 13.96
C ALA A 520 -27.76 29.79 15.28
N LYS A 521 -26.51 29.38 15.39
CA LYS A 521 -26.00 28.82 16.63
C LYS A 521 -26.07 29.85 17.77
N ALA A 522 -25.65 31.08 17.48
CA ALA A 522 -25.67 32.14 18.49
C ALA A 522 -27.11 32.49 18.88
N ILE A 523 -28.00 32.49 17.89
CA ILE A 523 -29.41 32.72 18.15
C ILE A 523 -29.93 31.62 19.09
N HIS A 524 -29.59 30.37 18.80
CA HIS A 524 -29.99 29.24 19.65
C HIS A 524 -29.56 29.40 21.11
N ASN A 525 -28.32 29.86 21.30
CA ASN A 525 -27.80 30.13 22.63
C ASN A 525 -28.63 31.17 23.36
N ILE A 526 -28.97 32.25 22.65
CA ILE A 526 -29.77 33.34 23.24
C ILE A 526 -31.13 32.78 23.64
N CYS A 527 -31.78 32.09 22.70
CA CYS A 527 -33.08 31.46 22.95
C CYS A 527 -33.03 30.51 24.14
N SER A 528 -31.92 29.80 24.32
CA SER A 528 -31.82 28.83 25.41
C SER A 528 -31.62 29.51 26.77
N VAL A 529 -30.76 30.52 26.81
CA VAL A 529 -30.45 31.18 28.07
C VAL A 529 -31.46 32.29 28.42
N CYS A 530 -31.91 33.02 27.40
CA CYS A 530 -32.84 34.14 27.62
C CYS A 530 -34.27 33.84 27.19
N ARG A 531 -34.75 32.63 27.49
CA ARG A 531 -36.11 32.25 27.10
C ARG A 531 -37.13 32.85 28.04
N ASP A 532 -36.69 33.11 29.28
CA ASP A 532 -37.57 33.60 30.34
C ASP A 532 -38.30 34.86 29.90
N HIS A 533 -37.60 35.73 29.18
CA HIS A 533 -38.18 36.98 28.71
C HIS A 533 -37.91 37.20 27.23
N MET A 534 -38.48 36.35 26.37
CA MET A 534 -38.33 36.52 24.94
C MET A 534 -39.62 36.30 24.16
N ALA A 535 -40.74 36.43 24.86
CA ALA A 535 -42.06 36.27 24.26
C ALA A 535 -42.27 37.25 23.10
N GLN A 536 -41.65 38.43 23.20
CA GLN A 536 -41.84 39.46 22.18
C GLN A 536 -41.21 39.01 20.86
N HIS A 537 -40.02 38.44 20.95
CA HIS A 537 -39.23 38.13 19.77
C HIS A 537 -39.68 36.88 19.05
N PHE A 538 -40.61 36.14 19.67
CA PHE A 538 -41.11 34.91 19.07
C PHE A 538 -41.66 35.10 17.66
N ASN A 539 -42.29 36.25 17.42
CA ASN A 539 -42.82 36.56 16.10
C ASN A 539 -41.76 36.42 15.03
N GLY A 540 -40.55 36.86 15.35
CA GLY A 540 -39.45 36.79 14.42
C GLY A 540 -38.93 35.39 14.23
N LEU A 541 -38.73 34.67 15.33
CA LEU A 541 -38.23 33.30 15.29
C LEU A 541 -39.14 32.38 14.47
N LEU A 542 -40.44 32.55 14.66
CA LEU A 542 -41.43 31.78 13.92
C LEU A 542 -41.33 32.12 12.44
N GLU A 543 -41.07 33.39 12.15
CA GLU A 543 -40.95 33.86 10.77
C GLU A 543 -39.69 33.33 10.10
N ILE A 544 -38.65 33.12 10.90
CA ILE A 544 -37.44 32.46 10.43
C ILE A 544 -37.77 31.01 10.09
N ALA A 545 -38.49 30.37 11.01
CA ALA A 545 -38.91 28.99 10.84
C ALA A 545 -39.77 28.82 9.60
N ARG A 546 -40.64 29.79 9.36
CA ARG A 546 -41.56 29.72 8.22
C ARG A 546 -40.79 29.63 6.90
N SER A 547 -39.54 30.10 6.90
CA SER A 547 -38.69 30.06 5.71
C SER A 547 -37.24 29.66 6.06
N LEU A 548 -37.10 28.61 6.86
CA LEU A 548 -35.79 28.16 7.34
C LEU A 548 -34.82 27.74 6.24
N ASP A 549 -35.30 27.04 5.23
CA ASP A 549 -34.43 26.49 4.19
C ASP A 549 -33.97 27.52 3.17
N SER A 550 -34.27 28.80 3.42
CA SER A 550 -33.87 29.87 2.52
C SER A 550 -32.49 30.42 2.90
N PHE A 551 -32.12 30.28 4.17
CA PHE A 551 -30.90 30.88 4.71
C PHE A 551 -29.63 30.07 4.45
N LEU A 552 -29.75 28.99 3.69
CA LEU A 552 -28.61 28.11 3.40
C LEU A 552 -27.87 27.68 4.67
N LEU A 553 -28.60 27.03 5.57
CA LEU A 553 -28.07 26.58 6.86
C LEU A 553 -27.54 25.15 6.77
N SER A 554 -26.69 24.78 7.72
CA SER A 554 -26.34 23.38 7.88
C SER A 554 -27.52 22.71 8.59
N PRO A 555 -27.70 21.39 8.38
CA PRO A 555 -28.77 20.68 9.08
C PRO A 555 -28.73 20.88 10.60
N GLU A 556 -27.54 20.84 11.18
CA GLU A 556 -27.34 21.02 12.61
C GLU A 556 -27.78 22.41 13.07
N ALA A 557 -27.30 23.45 12.38
CA ALA A 557 -27.63 24.82 12.72
C ALA A 557 -29.13 25.09 12.56
N ALA A 558 -29.73 24.43 11.56
CA ALA A 558 -31.16 24.50 11.32
C ALA A 558 -31.95 23.93 12.51
N VAL A 559 -31.62 22.69 12.88
CA VAL A 559 -32.25 22.00 14.01
C VAL A 559 -32.09 22.84 15.27
N GLY A 560 -30.90 23.38 15.48
CA GLY A 560 -30.60 24.17 16.66
C GLY A 560 -31.45 25.44 16.71
N LEU A 561 -31.74 25.99 15.54
CA LEU A 561 -32.58 27.18 15.44
C LEU A 561 -33.99 26.86 15.90
N LEU A 562 -34.62 25.88 15.23
CA LEU A 562 -35.94 25.41 15.59
C LEU A 562 -35.99 24.97 17.06
N LYS A 563 -34.89 24.43 17.55
CA LYS A 563 -34.82 24.06 18.97
C LYS A 563 -34.97 25.31 19.81
N GLY A 564 -34.26 26.36 19.41
CA GLY A 564 -34.28 27.62 20.12
C GLY A 564 -35.68 28.20 20.22
N THR A 565 -36.36 28.32 19.09
CA THR A 565 -37.70 28.88 19.06
C THR A 565 -38.71 28.02 19.85
N ALA A 566 -38.46 26.72 19.92
CA ALA A 566 -39.34 25.82 20.66
C ALA A 566 -39.11 25.96 22.16
N LEU A 567 -37.90 26.36 22.53
CA LEU A 567 -37.58 26.54 23.94
C LEU A 567 -38.30 27.75 24.52
N VAL A 568 -38.52 28.76 23.68
CA VAL A 568 -39.22 29.97 24.12
C VAL A 568 -40.73 29.82 23.96
N LEU A 569 -41.15 28.97 23.02
CA LEU A 569 -42.57 28.67 22.84
C LEU A 569 -43.13 28.02 24.11
N ALA A 570 -42.30 27.22 24.77
CA ALA A 570 -42.68 26.53 25.99
C ALA A 570 -42.87 27.50 27.15
N ARG A 571 -42.32 28.70 27.03
CA ARG A 571 -42.42 29.69 28.11
C ARG A 571 -43.58 30.65 27.86
N LEU A 572 -44.09 30.64 26.63
CA LEU A 572 -45.27 31.42 26.26
C LEU A 572 -46.50 31.05 27.10
N PRO A 573 -47.52 31.93 27.11
CA PRO A 573 -48.80 31.57 27.74
C PRO A 573 -49.39 30.31 27.11
N LEU A 574 -49.83 29.38 27.95
CA LEU A 574 -50.34 28.07 27.53
C LEU A 574 -51.34 28.15 26.36
N ASP A 575 -52.09 29.26 26.30
CA ASP A 575 -53.10 29.41 25.27
C ASP A 575 -52.53 29.55 23.86
N LYS A 576 -51.49 30.37 23.71
CA LYS A 576 -50.92 30.61 22.39
C LYS A 576 -49.96 29.50 21.95
N ILE A 577 -49.57 28.63 22.88
CA ILE A 577 -48.64 27.55 22.59
C ILE A 577 -49.26 26.63 21.54
N THR A 578 -50.44 26.11 21.83
CA THR A 578 -51.12 25.20 20.90
C THR A 578 -51.32 25.83 19.53
N GLU A 579 -51.43 27.15 19.47
CA GLU A 579 -51.63 27.84 18.20
C GLU A 579 -50.34 27.95 17.40
N CYS A 580 -49.27 28.34 18.09
CA CYS A 580 -47.97 28.55 17.43
C CYS A 580 -47.26 27.23 17.14
N LEU A 581 -47.46 26.24 17.99
CA LEU A 581 -46.84 24.93 17.80
C LEU A 581 -47.30 24.32 16.47
N SER A 582 -48.59 24.45 16.18
CA SER A 582 -49.15 23.89 14.97
C SER A 582 -48.59 24.58 13.72
N GLU A 583 -48.29 25.87 13.83
CA GLU A 583 -47.68 26.60 12.73
C GLU A 583 -46.22 26.19 12.58
N LEU A 584 -45.55 25.99 13.71
CA LEU A 584 -44.17 25.55 13.74
C LEU A 584 -43.98 24.20 13.06
N CYS A 585 -44.99 23.35 13.17
CA CYS A 585 -44.92 22.00 12.62
C CYS A 585 -45.47 21.95 11.19
N SER A 586 -46.41 22.84 10.88
CA SER A 586 -47.05 22.86 9.56
C SER A 586 -46.07 23.02 8.40
N VAL A 587 -45.04 23.84 8.60
CA VAL A 587 -44.03 24.05 7.56
C VAL A 587 -43.29 22.75 7.28
N GLN A 588 -43.08 21.96 8.33
CA GLN A 588 -42.48 20.64 8.21
C GLN A 588 -43.44 19.65 7.54
N VAL A 589 -44.69 19.63 8.02
CA VAL A 589 -45.70 18.75 7.48
C VAL A 589 -45.93 19.01 5.99
N MET A 590 -45.93 20.29 5.60
CA MET A 590 -46.08 20.66 4.19
C MET A 590 -44.91 20.15 3.35
N ALA A 591 -43.70 20.31 3.86
CA ALA A 591 -42.52 19.87 3.14
C ALA A 591 -42.54 18.34 2.99
N LEU A 592 -42.98 17.65 4.03
CA LEU A 592 -43.10 16.20 3.98
C LEU A 592 -44.19 15.82 2.97
N LYS A 593 -45.28 16.57 2.99
CA LYS A 593 -46.39 16.30 2.08
C LYS A 593 -45.97 16.41 0.61
N LYS A 594 -45.10 17.37 0.30
CA LYS A 594 -44.54 17.50 -1.04
C LYS A 594 -43.72 16.28 -1.44
N LEU A 595 -42.97 15.74 -0.48
CA LEU A 595 -42.10 14.58 -0.72
C LEU A 595 -42.88 13.32 -1.06
N LEU A 596 -44.13 13.24 -0.60
CA LEU A 596 -44.99 12.09 -0.88
C LEU A 596 -45.48 12.10 -2.32
N SER A 597 -45.37 13.26 -2.97
CA SER A 597 -45.80 13.39 -4.36
C SER A 597 -44.64 13.73 -5.29
N GLN A 598 -43.44 13.89 -4.72
CA GLN A 598 -42.23 14.15 -5.49
C GLN A 598 -42.06 13.16 -6.64
N SER A 605 -35.09 13.73 -5.87
CA SER A 605 -34.82 12.74 -4.83
C SER A 605 -35.55 13.07 -3.54
N SER A 606 -36.17 12.06 -2.94
CA SER A 606 -37.00 12.29 -1.77
C SER A 606 -36.37 11.68 -0.52
N ASP A 607 -35.90 12.54 0.37
CA ASP A 607 -35.42 12.07 1.66
C ASP A 607 -36.05 12.97 2.72
N PRO A 608 -37.01 12.42 3.47
CA PRO A 608 -37.73 13.22 4.47
C PRO A 608 -36.98 13.45 5.77
N THR A 609 -35.76 12.93 5.87
CA THR A 609 -34.99 13.00 7.12
C THR A 609 -35.01 14.35 7.81
N VAL A 610 -34.65 15.39 7.05
CA VAL A 610 -34.43 16.69 7.66
C VAL A 610 -35.69 17.25 8.32
N PHE A 611 -36.85 17.07 7.67
CA PHE A 611 -38.10 17.55 8.25
C PHE A 611 -38.55 16.66 9.39
N LEU A 612 -38.23 15.37 9.30
CA LEU A 612 -38.44 14.45 10.41
C LEU A 612 -37.60 14.87 11.62
N ASP A 613 -36.35 15.27 11.36
CA ASP A 613 -35.46 15.71 12.44
C ASP A 613 -35.89 17.05 13.01
N ARG A 614 -36.48 17.88 12.17
CA ARG A 614 -36.94 19.20 12.61
C ARG A 614 -38.23 19.11 13.38
N LEU A 615 -39.12 18.21 12.97
CA LEU A 615 -40.32 17.93 13.73
C LEU A 615 -39.94 17.36 15.09
N ALA A 616 -39.00 16.41 15.08
CA ALA A 616 -38.57 15.75 16.30
C ALA A 616 -38.01 16.69 17.35
N VAL A 617 -37.20 17.66 16.93
CA VAL A 617 -36.58 18.54 17.91
C VAL A 617 -37.62 19.50 18.48
N ILE A 618 -38.60 19.87 17.67
CA ILE A 618 -39.68 20.73 18.15
C ILE A 618 -40.42 20.06 19.29
N PHE A 619 -40.91 18.83 19.05
CA PHE A 619 -41.59 18.06 20.09
C PHE A 619 -40.72 17.85 21.32
N ARG A 620 -39.46 17.52 21.07
CA ARG A 620 -38.53 17.17 22.13
C ARG A 620 -38.37 18.28 23.14
N HIS A 621 -38.47 19.53 22.67
CA HIS A 621 -38.19 20.68 23.53
C HIS A 621 -39.38 21.63 23.68
N THR A 622 -40.50 21.30 23.06
CA THR A 622 -41.74 22.02 23.34
C THR A 622 -42.38 21.38 24.55
N ASN A 623 -41.86 21.71 25.73
CA ASN A 623 -42.29 21.05 26.97
C ASN A 623 -42.80 22.02 28.01
N PRO A 624 -44.09 22.42 27.89
CA PRO A 624 -44.68 23.35 28.85
C PRO A 624 -45.15 22.63 30.10
N ILE A 625 -45.60 23.38 31.10
CA ILE A 625 -46.09 22.78 32.33
C ILE A 625 -47.61 22.99 32.45
N VAL A 626 -48.30 21.92 32.82
CA VAL A 626 -49.76 21.94 32.97
C VAL A 626 -50.22 21.13 34.19
N HIS A 632 -53.18 19.65 27.90
CA HIS A 632 -51.92 19.81 27.18
C HIS A 632 -52.17 20.25 25.75
N PRO A 633 -51.38 21.23 25.27
CA PRO A 633 -51.56 21.86 23.96
C PRO A 633 -51.00 21.03 22.80
N CYS A 634 -50.03 20.17 23.08
CA CYS A 634 -49.31 19.48 22.02
C CYS A 634 -50.08 18.31 21.40
N GLN A 635 -50.88 17.62 22.20
CA GLN A 635 -51.61 16.46 21.71
C GLN A 635 -52.64 16.88 20.66
N LYS A 636 -53.00 18.16 20.69
CA LYS A 636 -53.86 18.74 19.67
C LYS A 636 -53.17 18.73 18.31
N VAL A 637 -51.85 18.94 18.34
CA VAL A 637 -51.02 19.01 17.15
C VAL A 637 -50.64 17.62 16.62
N ILE A 638 -50.45 16.68 17.54
CA ILE A 638 -50.08 15.31 17.21
C ILE A 638 -51.03 14.68 16.18
N GLN A 639 -52.31 15.04 16.28
CA GLN A 639 -53.32 14.57 15.33
C GLN A 639 -53.03 15.06 13.91
N GLU A 640 -52.52 16.29 13.80
CA GLU A 640 -52.18 16.90 12.52
C GLU A 640 -50.96 16.22 11.89
N ILE A 641 -50.07 15.76 12.76
CA ILE A 641 -48.80 15.18 12.35
C ILE A 641 -48.94 13.73 11.89
N TRP A 642 -49.72 12.94 12.62
CA TRP A 642 -49.77 11.50 12.41
C TRP A 642 -50.03 11.02 10.97
N PRO A 643 -51.03 11.59 10.27
CA PRO A 643 -51.28 11.01 8.95
C PRO A 643 -50.11 11.13 7.96
N VAL A 644 -49.41 12.27 7.97
CA VAL A 644 -48.29 12.44 7.06
C VAL A 644 -47.09 11.58 7.49
N LEU A 645 -46.93 11.35 8.80
CA LEU A 645 -45.88 10.47 9.28
C LEU A 645 -46.15 9.01 8.89
N SER A 646 -47.40 8.58 9.03
CA SER A 646 -47.75 7.20 8.70
C SER A 646 -47.50 6.88 7.23
N GLU A 647 -47.85 7.80 6.34
CA GLU A 647 -47.58 7.61 4.93
C GLU A 647 -46.08 7.66 4.63
N THR A 648 -45.39 8.60 5.28
CA THR A 648 -43.94 8.73 5.14
C THR A 648 -43.25 7.45 5.58
N LEU A 649 -43.65 6.99 6.76
CA LEU A 649 -43.18 5.73 7.31
C LEU A 649 -43.43 4.60 6.32
N ASN A 650 -44.64 4.55 5.79
CA ASN A 650 -45.04 3.46 4.92
C ASN A 650 -44.36 3.51 3.56
N LYS A 651 -44.06 4.70 3.08
CA LYS A 651 -43.37 4.84 1.81
C LYS A 651 -41.95 4.28 1.88
N HIS A 652 -41.26 4.60 2.97
CA HIS A 652 -39.87 4.19 3.13
C HIS A 652 -39.71 3.03 4.10
N ARG A 653 -40.74 2.20 4.21
CA ARG A 653 -40.75 1.11 5.19
C ARG A 653 -39.60 0.10 4.98
N ALA A 654 -38.96 0.14 3.83
CA ALA A 654 -37.85 -0.79 3.59
C ALA A 654 -36.52 -0.21 4.08
N ASP A 655 -36.45 1.11 4.16
CA ASP A 655 -35.20 1.81 4.49
C ASP A 655 -35.02 2.01 6.00
N ASN A 656 -34.05 1.29 6.59
CA ASN A 656 -33.86 1.33 8.03
C ASN A 656 -33.50 2.72 8.54
N ARG A 657 -32.65 3.41 7.81
CA ARG A 657 -32.18 4.73 8.23
C ARG A 657 -33.31 5.75 8.34
N ILE A 658 -34.24 5.73 7.39
CA ILE A 658 -35.36 6.66 7.40
C ILE A 658 -36.40 6.28 8.46
N VAL A 659 -36.74 5.00 8.51
CA VAL A 659 -37.64 4.48 9.52
C VAL A 659 -37.16 4.81 10.93
N GLU A 660 -35.86 4.60 11.16
CA GLU A 660 -35.27 4.93 12.45
C GLU A 660 -35.47 6.42 12.79
N ARG A 661 -35.27 7.31 11.81
CA ARG A 661 -35.54 8.74 12.03
C ARG A 661 -37.05 8.98 12.18
N CYS A 662 -37.86 8.23 11.43
CA CYS A 662 -39.31 8.26 11.59
C CYS A 662 -39.73 7.88 13.01
N CYS A 663 -39.21 6.76 13.49
CA CYS A 663 -39.51 6.33 14.85
C CYS A 663 -38.93 7.27 15.91
N ARG A 664 -37.78 7.88 15.63
CA ARG A 664 -37.23 8.85 16.56
C ARG A 664 -38.17 10.04 16.74
N CYS A 665 -38.71 10.52 15.63
CA CYS A 665 -39.68 11.60 15.63
C CYS A 665 -40.90 11.21 16.47
N LEU A 666 -41.51 10.08 16.12
CA LEU A 666 -42.64 9.56 16.87
C LEU A 666 -42.31 9.32 18.35
N ARG A 667 -41.08 8.88 18.66
CA ARG A 667 -40.69 8.71 20.05
C ARG A 667 -40.86 10.00 20.81
N PHE A 668 -40.42 11.11 20.21
CA PHE A 668 -40.44 12.39 20.92
C PHE A 668 -41.82 13.03 20.93
N ALA A 669 -42.60 12.78 19.88
CA ALA A 669 -43.99 13.24 19.86
C ALA A 669 -44.78 12.61 21.01
N VAL A 670 -44.58 11.31 21.22
CA VAL A 670 -45.25 10.59 22.29
C VAL A 670 -44.75 11.03 23.66
N ARG A 671 -43.44 11.18 23.81
CA ARG A 671 -42.85 11.61 25.08
C ARG A 671 -43.31 13.01 25.47
N CYS A 672 -43.63 13.81 24.46
CA CYS A 672 -44.10 15.18 24.66
C CYS A 672 -45.47 15.16 25.32
N VAL A 673 -46.39 14.43 24.69
CA VAL A 673 -47.74 14.28 25.19
C VAL A 673 -47.79 13.40 26.45
N GLY A 674 -47.76 12.08 26.25
CA GLY A 674 -47.82 11.16 27.37
C GLY A 674 -49.07 10.30 27.28
N LYS A 675 -49.85 10.28 28.35
CA LYS A 675 -51.07 9.47 28.39
C LYS A 675 -52.15 10.02 27.46
N GLY A 676 -52.04 11.31 27.11
CA GLY A 676 -52.91 11.86 26.08
C GLY A 676 -52.51 11.31 24.74
N SER A 677 -53.16 11.75 23.67
CA SER A 677 -52.89 11.26 22.31
C SER A 677 -53.04 9.74 22.19
N ALA A 678 -54.02 9.19 22.89
CA ALA A 678 -54.33 7.77 22.80
C ALA A 678 -54.95 7.41 21.44
N ALA A 679 -55.25 8.44 20.66
CA ALA A 679 -55.82 8.25 19.33
C ALA A 679 -54.82 7.66 18.34
N LEU A 680 -53.54 7.69 18.70
CA LEU A 680 -52.48 7.19 17.82
C LEU A 680 -52.04 5.75 18.12
N LEU A 681 -52.24 5.32 19.37
CA LEU A 681 -51.73 4.03 19.83
C LEU A 681 -52.05 2.88 18.89
N GLN A 682 -53.33 2.56 18.76
CA GLN A 682 -53.73 1.41 17.94
C GLN A 682 -53.42 1.56 16.45
N PRO A 683 -53.63 2.76 15.86
CA PRO A 683 -53.25 2.86 14.44
C PRO A 683 -51.74 2.78 14.21
N LEU A 684 -50.94 3.18 15.20
CA LEU A 684 -49.48 3.05 15.11
C LEU A 684 -49.04 1.60 15.34
N VAL A 685 -49.52 1.00 16.42
CA VAL A 685 -49.21 -0.39 16.73
C VAL A 685 -49.52 -1.30 15.55
N THR A 686 -50.65 -1.07 14.91
CA THR A 686 -51.05 -1.86 13.76
C THR A 686 -50.03 -1.72 12.64
N GLN A 687 -49.70 -0.47 12.31
CA GLN A 687 -48.74 -0.22 11.25
C GLN A 687 -47.36 -0.79 11.60
N MET A 688 -46.92 -0.57 12.83
CA MET A 688 -45.65 -1.12 13.29
C MET A 688 -45.59 -2.63 13.12
N VAL A 689 -46.60 -3.33 13.66
CA VAL A 689 -46.62 -4.78 13.62
C VAL A 689 -46.67 -5.31 12.17
N ASN A 690 -47.46 -4.66 11.33
CA ASN A 690 -47.57 -5.08 9.94
C ASN A 690 -46.27 -4.87 9.17
N VAL A 691 -45.64 -3.72 9.37
CA VAL A 691 -44.35 -3.46 8.73
C VAL A 691 -43.27 -4.39 9.28
N TYR A 692 -43.17 -4.46 10.61
CA TYR A 692 -42.17 -5.32 11.26
C TYR A 692 -42.22 -6.75 10.75
N HIS A 693 -43.42 -7.19 10.37
CA HIS A 693 -43.64 -8.53 9.86
C HIS A 693 -42.78 -8.82 8.64
N VAL A 694 -42.57 -7.83 7.77
CA VAL A 694 -41.76 -8.03 6.57
C VAL A 694 -40.39 -7.36 6.70
N HIS A 695 -40.32 -6.22 7.38
CA HIS A 695 -39.04 -5.57 7.67
C HIS A 695 -38.81 -5.45 9.18
N GLN A 696 -37.93 -6.29 9.71
CA GLN A 696 -37.68 -6.32 11.15
C GLN A 696 -36.79 -5.17 11.63
N HIS A 697 -37.30 -3.94 11.55
CA HIS A 697 -36.60 -2.81 12.14
C HIS A 697 -36.73 -2.88 13.65
N SER A 698 -35.61 -3.03 14.34
CA SER A 698 -35.62 -3.18 15.78
C SER A 698 -36.10 -1.91 16.50
N CYS A 699 -36.19 -0.80 15.78
CA CYS A 699 -36.67 0.43 16.42
C CYS A 699 -38.17 0.41 16.66
N PHE A 700 -38.87 -0.53 16.03
CA PHE A 700 -40.28 -0.75 16.36
C PHE A 700 -40.38 -1.36 17.75
N LEU A 701 -39.46 -2.27 18.07
CA LEU A 701 -39.36 -2.79 19.43
C LEU A 701 -39.14 -1.65 20.40
N TYR A 702 -38.22 -0.75 20.06
CA TYR A 702 -37.90 0.37 20.92
C TYR A 702 -39.07 1.33 21.03
N LEU A 703 -39.70 1.61 19.90
CA LEU A 703 -40.87 2.47 19.88
C LEU A 703 -41.95 1.82 20.72
N GLY A 704 -42.05 0.50 20.60
CA GLY A 704 -42.96 -0.29 21.40
C GLY A 704 -42.69 -0.12 22.88
N SER A 705 -41.43 -0.12 23.27
CA SER A 705 -41.06 0.04 24.68
C SER A 705 -41.51 1.41 25.19
N ILE A 706 -41.56 2.40 24.31
CA ILE A 706 -41.98 3.74 24.68
C ILE A 706 -43.48 3.79 24.93
N LEU A 707 -44.25 3.17 24.03
CA LEU A 707 -45.68 3.08 24.21
C LEU A 707 -46.03 2.35 25.51
N VAL A 708 -45.28 1.29 25.80
CA VAL A 708 -45.45 0.54 27.03
C VAL A 708 -45.04 1.37 28.25
N ASP A 709 -43.99 2.16 28.09
CA ASP A 709 -43.53 3.05 29.14
C ASP A 709 -44.56 4.14 29.41
N GLU A 710 -45.26 4.54 28.35
CA GLU A 710 -46.21 5.65 28.43
C GLU A 710 -47.65 5.22 28.71
N TYR A 711 -48.01 4.03 28.26
CA TYR A 711 -49.39 3.54 28.37
C TYR A 711 -49.53 2.19 29.10
N GLY A 712 -48.45 1.72 29.71
CA GLY A 712 -48.45 0.42 30.35
C GLY A 712 -49.24 0.29 31.64
N MET A 713 -49.46 1.41 32.33
CA MET A 713 -50.19 1.35 33.60
C MET A 713 -51.70 1.34 33.34
N GLU A 714 -52.12 1.98 32.26
CA GLU A 714 -53.55 2.02 31.95
C GLU A 714 -54.03 0.65 31.47
N GLU A 715 -54.81 0.00 32.33
CA GLU A 715 -55.23 -1.38 32.09
C GLU A 715 -56.16 -1.52 30.88
N GLY A 716 -56.65 -0.39 30.40
CA GLY A 716 -57.43 -0.38 29.16
C GLY A 716 -56.59 -0.68 27.94
N CYS A 717 -55.30 -0.37 28.02
CA CYS A 717 -54.39 -0.56 26.89
C CYS A 717 -53.58 -1.84 27.02
N ARG A 718 -53.49 -2.37 28.25
CA ARG A 718 -52.64 -3.52 28.55
C ARG A 718 -52.84 -4.71 27.61
N GLN A 719 -54.06 -4.91 27.12
CA GLN A 719 -54.30 -6.04 26.24
C GLN A 719 -53.70 -5.77 24.87
N GLY A 720 -54.00 -4.58 24.33
CA GLY A 720 -53.46 -4.19 23.04
C GLY A 720 -51.94 -4.22 23.05
N LEU A 721 -51.35 -3.78 24.14
CA LEU A 721 -49.90 -3.76 24.26
C LEU A 721 -49.29 -5.15 24.29
N LEU A 722 -49.93 -6.07 25.00
CA LEU A 722 -49.48 -7.46 25.05
C LEU A 722 -49.60 -8.12 23.67
N ASP A 723 -50.67 -7.80 22.95
CA ASP A 723 -50.87 -8.30 21.59
C ASP A 723 -49.75 -7.82 20.67
N MET A 724 -49.35 -6.57 20.86
CA MET A 724 -48.25 -5.97 20.11
C MET A 724 -46.97 -6.76 20.30
N LEU A 725 -46.63 -6.98 21.56
CA LEU A 725 -45.44 -7.75 21.95
C LEU A 725 -45.43 -9.14 21.34
N GLN A 726 -46.53 -9.85 21.56
CA GLN A 726 -46.66 -11.22 21.05
C GLN A 726 -46.61 -11.27 19.53
N ALA A 727 -47.12 -10.23 18.87
CA ALA A 727 -47.02 -10.17 17.43
C ALA A 727 -45.58 -9.86 17.00
N LEU A 728 -44.93 -8.91 17.68
CA LEU A 728 -43.56 -8.53 17.35
C LEU A 728 -42.56 -9.66 17.63
N CYS A 729 -42.84 -10.48 18.64
CA CYS A 729 -41.87 -11.49 19.04
C CYS A 729 -41.70 -12.59 18.00
N ILE A 730 -42.74 -12.87 17.22
CA ILE A 730 -42.67 -13.98 16.26
C ILE A 730 -41.59 -13.75 15.18
N PRO A 731 -41.60 -12.57 14.50
CA PRO A 731 -40.47 -12.40 13.58
C PRO A 731 -39.15 -12.16 14.30
N THR A 732 -39.22 -11.66 15.54
CA THR A 732 -38.02 -11.45 16.35
C THR A 732 -37.29 -12.76 16.66
N PHE A 733 -38.01 -13.73 17.21
CA PHE A 733 -37.41 -15.03 17.54
C PHE A 733 -36.88 -15.74 16.32
N GLN A 734 -37.56 -15.56 15.20
CA GLN A 734 -37.10 -16.10 13.92
C GLN A 734 -35.72 -15.58 13.59
N LEU A 735 -35.53 -14.29 13.83
CA LEU A 735 -34.28 -13.60 13.57
C LEU A 735 -33.16 -14.14 14.45
N LEU A 736 -33.44 -14.18 15.74
CA LEU A 736 -32.44 -14.66 16.71
C LEU A 736 -32.20 -16.17 16.55
N GLU A 737 -33.11 -16.85 15.85
CA GLU A 737 -32.98 -18.30 15.61
C GLU A 737 -31.89 -18.65 14.59
N GLN A 738 -31.59 -17.73 13.69
CA GLN A 738 -30.57 -17.95 12.65
C GLN A 738 -29.20 -18.27 13.21
N GLN A 739 -28.31 -18.74 12.34
CA GLN A 739 -26.94 -18.99 12.74
C GLN A 739 -26.30 -17.65 13.07
N ASN A 740 -25.53 -17.62 14.16
CA ASN A 740 -24.98 -16.38 14.71
C ASN A 740 -26.05 -15.32 14.88
N GLY A 741 -27.27 -15.76 15.20
CA GLY A 741 -28.40 -14.87 15.24
C GLY A 741 -28.30 -13.78 16.29
N LEU A 742 -27.70 -14.09 17.44
CA LEU A 742 -27.54 -13.09 18.49
C LEU A 742 -26.42 -12.12 18.14
N GLN A 743 -25.31 -12.64 17.61
CA GLN A 743 -24.19 -11.82 17.21
C GLN A 743 -24.52 -10.88 16.06
N ASN A 744 -25.41 -11.30 15.18
CA ASN A 744 -25.66 -10.55 13.95
C ASN A 744 -26.75 -9.52 14.13
N HIS A 745 -27.58 -9.72 15.14
CA HIS A 745 -28.61 -8.75 15.39
C HIS A 745 -28.62 -8.26 16.84
N PRO A 746 -27.49 -7.67 17.30
CA PRO A 746 -27.44 -7.16 18.67
C PRO A 746 -28.42 -6.01 18.87
N ASP A 747 -28.74 -5.28 17.81
CA ASP A 747 -29.74 -4.24 17.90
C ASP A 747 -31.11 -4.82 18.26
N THR A 748 -31.43 -6.00 17.70
CA THR A 748 -32.71 -6.63 18.00
C THR A 748 -32.75 -7.12 19.45
N VAL A 749 -31.66 -7.73 19.90
CA VAL A 749 -31.57 -8.19 21.28
C VAL A 749 -31.71 -7.00 22.22
N ASP A 750 -31.00 -5.94 21.90
CA ASP A 750 -31.01 -4.73 22.72
C ASP A 750 -32.41 -4.16 22.83
N ASP A 751 -33.05 -3.94 21.69
CA ASP A 751 -34.38 -3.32 21.67
C ASP A 751 -35.49 -4.27 22.15
N LEU A 752 -35.32 -5.57 21.91
CA LEU A 752 -36.28 -6.55 22.42
C LEU A 752 -36.32 -6.52 23.95
N PHE A 753 -35.15 -6.46 24.59
CA PHE A 753 -35.16 -6.51 26.05
C PHE A 753 -35.36 -5.15 26.71
N ARG A 754 -35.24 -4.05 25.96
CA ARG A 754 -35.68 -2.77 26.49
C ARG A 754 -37.20 -2.82 26.54
N LEU A 755 -37.79 -3.45 25.53
CA LEU A 755 -39.25 -3.67 25.47
C LEU A 755 -39.73 -4.56 26.61
N ALA A 756 -39.09 -5.71 26.77
CA ALA A 756 -39.43 -6.64 27.85
C ALA A 756 -39.31 -5.97 29.22
N THR A 757 -38.35 -5.06 29.36
CA THR A 757 -38.12 -4.39 30.63
C THR A 757 -39.26 -3.43 30.95
N ARG A 758 -39.72 -2.68 29.94
CA ARG A 758 -40.85 -1.76 30.14
C ARG A 758 -42.10 -2.52 30.57
N PHE A 759 -42.32 -3.69 29.99
CA PHE A 759 -43.43 -4.56 30.40
C PHE A 759 -43.31 -5.00 31.86
N ILE A 760 -42.13 -5.51 32.21
CA ILE A 760 -41.91 -6.10 33.54
C ILE A 760 -41.89 -5.05 34.66
N GLN A 761 -41.93 -3.77 34.31
CA GLN A 761 -41.98 -2.74 35.35
C GLN A 761 -43.26 -1.90 35.29
N ARG A 762 -44.02 -2.03 34.21
CA ARG A 762 -45.33 -1.38 34.11
C ARG A 762 -46.49 -2.34 34.42
N SER A 763 -46.46 -3.52 33.81
CA SER A 763 -47.45 -4.54 34.10
C SER A 763 -46.82 -5.93 34.10
N PRO A 764 -46.09 -6.27 35.16
CA PRO A 764 -45.38 -7.56 35.20
C PRO A 764 -46.28 -8.78 35.03
N VAL A 765 -47.35 -8.87 35.81
CA VAL A 765 -48.25 -10.04 35.77
C VAL A 765 -48.81 -10.32 34.38
N THR A 766 -49.08 -9.28 33.61
CA THR A 766 -49.55 -9.45 32.23
C THR A 766 -48.53 -10.23 31.41
N LEU A 767 -47.25 -9.99 31.68
CA LEU A 767 -46.17 -10.63 30.93
C LEU A 767 -45.84 -12.03 31.43
N LEU A 768 -45.84 -12.20 32.75
CA LEU A 768 -45.49 -13.48 33.37
C LEU A 768 -46.54 -14.57 33.10
N ARG A 769 -47.81 -14.19 33.14
CA ARG A 769 -48.89 -15.15 32.87
C ARG A 769 -49.04 -15.42 31.39
N SER A 770 -48.43 -14.57 30.56
CA SER A 770 -48.43 -14.74 29.12
C SER A 770 -47.61 -15.94 28.70
N GLN A 771 -47.79 -16.39 27.46
CA GLN A 771 -47.01 -17.51 26.94
C GLN A 771 -45.69 -17.05 26.36
N VAL A 772 -45.63 -15.78 25.97
CA VAL A 772 -44.44 -15.28 25.31
C VAL A 772 -43.30 -15.07 26.30
N VAL A 773 -43.60 -14.97 27.59
CA VAL A 773 -42.54 -14.78 28.58
C VAL A 773 -41.56 -15.96 28.63
N ILE A 774 -42.03 -17.13 28.23
CA ILE A 774 -41.19 -18.31 28.32
C ILE A 774 -40.08 -18.23 27.26
N PRO A 775 -40.41 -17.88 26.00
CA PRO A 775 -39.31 -17.67 25.05
C PRO A 775 -38.43 -16.47 25.41
N ILE A 776 -39.01 -15.39 25.95
CA ILE A 776 -38.24 -14.20 26.30
C ILE A 776 -37.14 -14.56 27.30
N LEU A 777 -37.54 -15.19 28.40
CA LEU A 777 -36.59 -15.67 29.42
C LEU A 777 -35.52 -16.58 28.83
N GLN A 778 -35.91 -17.44 27.90
CA GLN A 778 -34.97 -18.36 27.28
C GLN A 778 -33.91 -17.59 26.51
N TRP A 779 -34.34 -16.60 25.73
CA TRP A 779 -33.39 -15.81 24.94
C TRP A 779 -32.50 -14.96 25.82
N ALA A 780 -33.05 -14.44 26.91
CA ALA A 780 -32.27 -13.73 27.91
C ALA A 780 -31.11 -14.59 28.40
N ILE A 781 -31.38 -15.84 28.76
CA ILE A 781 -30.35 -16.73 29.25
C ILE A 781 -29.32 -17.04 28.17
N ALA A 782 -29.76 -17.18 26.93
CA ALA A 782 -28.81 -17.34 25.82
C ALA A 782 -28.07 -16.02 25.56
N SER A 783 -28.75 -14.89 25.80
CA SER A 783 -28.14 -13.59 25.49
C SER A 783 -27.09 -13.16 26.50
N THR A 784 -27.01 -13.82 27.65
CA THR A 784 -26.09 -13.40 28.69
C THR A 784 -24.63 -13.57 28.24
N THR A 785 -24.40 -14.41 27.23
CA THR A 785 -23.06 -14.65 26.70
C THR A 785 -22.74 -13.88 25.44
N LEU A 786 -23.69 -13.05 24.99
CA LEU A 786 -23.47 -12.20 23.83
C LEU A 786 -22.49 -11.07 24.12
N ASP A 787 -21.34 -11.10 23.45
CA ASP A 787 -20.31 -10.08 23.62
C ASP A 787 -20.66 -8.81 22.85
N HIS A 788 -21.66 -8.09 23.34
CA HIS A 788 -22.07 -6.81 22.79
C HIS A 788 -22.55 -5.96 23.94
N ARG A 789 -21.83 -4.90 24.24
CA ARG A 789 -22.07 -4.16 25.47
C ARG A 789 -23.50 -3.62 25.58
N ASP A 790 -23.95 -2.88 24.57
CA ASP A 790 -25.32 -2.37 24.56
C ASP A 790 -26.37 -3.46 24.78
N ALA A 791 -26.25 -4.56 24.03
CA ALA A 791 -27.25 -5.62 24.09
C ALA A 791 -27.18 -6.32 25.42
N ASN A 792 -25.97 -6.51 25.94
CA ASN A 792 -25.80 -7.18 27.21
C ASN A 792 -26.33 -6.35 28.40
N CYS A 793 -26.17 -5.03 28.36
CA CYS A 793 -26.74 -4.18 29.40
C CYS A 793 -28.24 -4.30 29.42
N SER A 794 -28.84 -4.34 28.24
CA SER A 794 -30.27 -4.45 28.08
C SER A 794 -30.78 -5.80 28.64
N VAL A 795 -30.03 -6.87 28.38
CA VAL A 795 -30.35 -8.19 28.91
C VAL A 795 -30.22 -8.33 30.43
N MET A 796 -29.07 -7.98 30.98
CA MET A 796 -28.83 -8.04 32.43
C MET A 796 -29.86 -7.20 33.18
N ARG A 797 -30.21 -6.06 32.61
CA ARG A 797 -31.21 -5.18 33.19
C ARG A 797 -32.57 -5.85 33.27
N PHE A 798 -32.94 -6.57 32.21
CA PHE A 798 -34.21 -7.28 32.19
C PHE A 798 -34.26 -8.39 33.24
N LEU A 799 -33.18 -9.16 33.32
CA LEU A 799 -33.09 -10.25 34.28
C LEU A 799 -33.20 -9.73 35.69
N ARG A 800 -32.52 -8.62 35.95
CA ARG A 800 -32.53 -8.01 37.26
C ARG A 800 -33.93 -7.54 37.63
N ASP A 801 -34.55 -6.80 36.72
CA ASP A 801 -35.88 -6.24 36.93
C ASP A 801 -36.95 -7.30 37.02
N LEU A 802 -36.74 -8.41 36.32
CA LEU A 802 -37.68 -9.52 36.33
C LEU A 802 -37.67 -10.19 37.68
N ILE A 803 -36.47 -10.60 38.10
CA ILE A 803 -36.33 -11.34 39.34
C ILE A 803 -36.72 -10.46 40.53
N HIS A 804 -36.47 -9.17 40.41
CA HIS A 804 -36.79 -8.24 41.49
C HIS A 804 -38.30 -8.10 41.70
N THR A 805 -39.08 -8.51 40.71
CA THR A 805 -40.53 -8.43 40.80
C THR A 805 -41.10 -9.36 41.88
N GLY A 806 -40.36 -10.40 42.22
CA GLY A 806 -40.74 -11.32 43.27
C GLY A 806 -40.32 -10.86 44.65
N VAL A 807 -40.07 -9.56 44.78
CA VAL A 807 -39.58 -8.97 46.02
C VAL A 807 -40.15 -7.55 46.17
N ALA A 808 -40.20 -6.83 45.04
CA ALA A 808 -40.55 -5.42 45.04
C ALA A 808 -41.99 -5.13 45.47
N ASN A 809 -42.16 -3.98 46.11
CA ASN A 809 -43.48 -3.45 46.48
C ASN A 809 -44.46 -4.46 47.06
N ASP A 810 -44.16 -4.98 48.25
CA ASP A 810 -45.09 -5.90 48.91
C ASP A 810 -46.27 -5.16 49.52
N HIS A 811 -46.25 -3.83 49.44
CA HIS A 811 -47.33 -2.99 49.98
C HIS A 811 -48.62 -3.09 49.17
N GLU A 812 -48.50 -3.30 47.87
CA GLU A 812 -49.68 -3.44 47.00
C GLU A 812 -50.25 -4.86 47.06
N GLU A 813 -51.51 -4.99 46.68
CA GLU A 813 -52.26 -6.24 46.81
C GLU A 813 -51.70 -7.40 45.98
N ASP A 814 -51.40 -7.13 44.71
CA ASP A 814 -51.03 -8.18 43.76
C ASP A 814 -49.65 -8.79 44.01
N PHE A 815 -49.01 -8.38 45.11
CA PHE A 815 -47.67 -8.86 45.43
C PHE A 815 -47.54 -10.37 45.53
N GLU A 816 -48.52 -11.02 46.14
CA GLU A 816 -48.43 -12.46 46.36
C GLU A 816 -48.55 -13.24 45.05
N LEU A 817 -49.32 -12.71 44.10
CA LEU A 817 -49.43 -13.32 42.78
C LEU A 817 -48.08 -13.24 42.07
N ARG A 818 -47.52 -12.03 42.01
CA ARG A 818 -46.21 -11.79 41.40
C ARG A 818 -45.13 -12.63 42.07
N LYS A 819 -45.26 -12.78 43.38
CA LYS A 819 -44.34 -13.59 44.17
C LYS A 819 -44.34 -15.02 43.68
N GLU A 820 -45.54 -15.55 43.44
CA GLU A 820 -45.67 -16.94 42.99
C GLU A 820 -45.17 -17.13 41.56
N LEU A 821 -45.55 -16.22 40.66
CA LEU A 821 -45.13 -16.29 39.26
C LEU A 821 -43.60 -16.30 39.09
N ILE A 822 -42.91 -15.47 39.86
CA ILE A 822 -41.45 -15.46 39.80
C ILE A 822 -40.87 -16.74 40.41
N GLY A 823 -41.46 -17.20 41.51
CA GLY A 823 -41.04 -18.44 42.15
C GLY A 823 -41.07 -19.61 41.18
N GLN A 824 -42.12 -19.66 40.36
CA GLN A 824 -42.22 -20.66 39.32
C GLN A 824 -41.04 -20.51 38.36
N VAL A 825 -40.90 -19.32 37.79
CA VAL A 825 -39.78 -19.00 36.90
C VAL A 825 -38.45 -19.37 37.57
N MET A 826 -38.31 -18.99 38.84
CA MET A 826 -37.10 -19.32 39.59
C MET A 826 -36.97 -20.84 39.77
N ASN A 827 -38.08 -21.52 40.03
CA ASN A 827 -38.06 -22.98 40.15
C ASN A 827 -37.57 -23.62 38.85
N GLN A 828 -38.23 -23.28 37.75
CA GLN A 828 -37.89 -23.79 36.43
C GLN A 828 -36.48 -23.43 35.99
N LEU A 829 -36.15 -22.14 36.02
CA LEU A 829 -34.94 -21.62 35.35
C LEU A 829 -33.80 -21.19 36.28
N GLY A 830 -34.14 -20.87 37.53
CA GLY A 830 -33.20 -20.35 38.51
C GLY A 830 -31.81 -20.94 38.54
N GLN A 831 -31.70 -22.26 38.45
CA GLN A 831 -30.41 -22.93 38.51
C GLN A 831 -29.65 -22.83 37.18
N GLN A 832 -30.37 -22.73 36.07
CA GLN A 832 -29.70 -22.60 34.77
C GLN A 832 -29.18 -21.17 34.55
N LEU A 833 -29.92 -20.18 35.04
CA LEU A 833 -29.49 -18.80 34.97
C LEU A 833 -28.16 -18.62 35.71
N VAL A 834 -28.14 -19.06 36.96
CA VAL A 834 -26.97 -18.92 37.82
C VAL A 834 -25.74 -19.57 37.19
N SER A 835 -25.93 -20.71 36.54
CA SER A 835 -24.82 -21.36 35.83
C SER A 835 -24.40 -20.55 34.60
N GLN A 836 -25.35 -19.92 33.93
CA GLN A 836 -25.02 -19.12 32.75
C GLN A 836 -24.28 -17.84 33.13
N LEU A 837 -24.82 -17.14 34.12
CA LEU A 837 -24.22 -15.93 34.65
C LEU A 837 -22.78 -16.18 35.11
N LEU A 838 -22.55 -17.30 35.78
CA LEU A 838 -21.22 -17.61 36.27
C LEU A 838 -20.31 -17.91 35.08
N HIS A 839 -20.87 -18.53 34.05
CA HIS A 839 -20.09 -18.84 32.85
C HIS A 839 -19.64 -17.58 32.09
N THR A 840 -20.55 -16.64 31.89
CA THR A 840 -20.23 -15.42 31.14
C THR A 840 -19.14 -14.60 31.83
N CYS A 841 -19.18 -14.59 33.17
CA CYS A 841 -18.21 -13.84 33.96
C CYS A 841 -16.80 -14.40 33.86
N CYS A 842 -16.67 -15.72 33.82
CA CYS A 842 -15.37 -16.37 33.89
C CYS A 842 -14.73 -16.59 32.53
N PHE A 843 -15.55 -16.75 31.49
CA PHE A 843 -15.00 -17.12 30.20
C PHE A 843 -15.40 -16.19 29.06
N CYS A 844 -16.63 -15.69 29.07
CA CYS A 844 -17.12 -14.95 27.91
C CYS A 844 -16.81 -13.46 27.87
N LEU A 845 -17.39 -12.70 28.80
CA LEU A 845 -17.47 -11.25 28.67
C LEU A 845 -16.38 -10.49 29.42
N PRO A 846 -16.12 -9.23 29.00
CA PRO A 846 -15.13 -8.40 29.70
C PRO A 846 -15.57 -8.02 31.11
N PRO A 847 -14.60 -7.68 31.97
CA PRO A 847 -14.86 -7.38 33.38
C PRO A 847 -15.91 -6.30 33.61
N TYR A 848 -16.24 -5.48 32.63
CA TYR A 848 -17.18 -4.42 32.90
C TYR A 848 -18.60 -4.94 33.06
N THR A 849 -18.84 -6.20 32.65
CA THR A 849 -20.17 -6.79 32.85
C THR A 849 -20.42 -7.23 34.31
N LEU A 850 -19.35 -7.46 35.06
CA LEU A 850 -19.47 -7.98 36.43
C LEU A 850 -20.48 -7.23 37.32
N PRO A 851 -20.48 -5.89 37.31
CA PRO A 851 -21.50 -5.22 38.14
C PRO A 851 -22.93 -5.51 37.71
N ASP A 852 -23.14 -5.80 36.43
CA ASP A 852 -24.48 -6.08 35.93
C ASP A 852 -24.91 -7.51 36.30
N VAL A 853 -23.95 -8.43 36.26
CA VAL A 853 -24.23 -9.79 36.66
C VAL A 853 -24.53 -9.85 38.15
N ALA A 854 -23.65 -9.23 38.94
CA ALA A 854 -23.80 -9.18 40.39
C ALA A 854 -25.17 -8.67 40.81
N GLU A 855 -25.71 -7.71 40.09
CA GLU A 855 -27.05 -7.22 40.41
C GLU A 855 -28.14 -8.26 40.17
N VAL A 856 -27.98 -9.07 39.13
CA VAL A 856 -28.96 -10.12 38.90
C VAL A 856 -28.84 -11.17 40.00
N LEU A 857 -27.60 -11.62 40.24
CA LEU A 857 -27.31 -12.53 41.33
C LEU A 857 -27.85 -12.00 42.65
N TRP A 858 -27.71 -10.69 42.86
CA TRP A 858 -28.20 -10.07 44.08
C TRP A 858 -29.71 -10.23 44.24
N GLU A 859 -30.46 -9.99 43.18
CA GLU A 859 -31.92 -10.09 43.24
C GLU A 859 -32.36 -11.51 43.54
N ILE A 860 -31.59 -12.48 43.05
CA ILE A 860 -31.92 -13.87 43.28
C ILE A 860 -31.83 -14.21 44.78
N MET A 861 -30.88 -13.60 45.48
CA MET A 861 -30.78 -13.80 46.92
C MET A 861 -31.94 -13.19 47.69
N GLN A 862 -32.40 -12.00 47.28
CA GLN A 862 -33.56 -11.39 47.92
C GLN A 862 -34.81 -12.26 47.77
N VAL A 863 -34.89 -13.01 46.67
CA VAL A 863 -36.05 -13.87 46.40
C VAL A 863 -35.99 -15.17 47.19
N ASP A 864 -34.82 -15.81 47.18
CA ASP A 864 -34.63 -17.07 47.92
C ASP A 864 -33.16 -17.36 48.14
N ARG A 865 -32.57 -16.72 49.16
CA ARG A 865 -31.15 -16.87 49.44
C ARG A 865 -30.77 -18.34 49.75
N PRO A 866 -31.53 -19.02 50.63
CA PRO A 866 -31.14 -20.41 50.91
C PRO A 866 -31.13 -21.31 49.67
N THR A 867 -32.14 -21.22 48.81
CA THR A 867 -32.12 -21.96 47.54
C THR A 867 -30.91 -21.54 46.70
N PHE A 868 -30.69 -20.23 46.61
CA PHE A 868 -29.58 -19.68 45.84
C PHE A 868 -28.21 -20.18 46.31
N CYS A 869 -28.04 -20.32 47.62
CA CYS A 869 -26.78 -20.81 48.15
C CYS A 869 -26.48 -22.19 47.58
N ARG A 870 -27.54 -22.97 47.40
CA ARG A 870 -27.45 -24.29 46.81
C ARG A 870 -27.17 -24.18 45.29
N TRP A 871 -27.99 -23.42 44.57
CA TRP A 871 -27.76 -23.14 43.15
C TRP A 871 -26.32 -22.73 42.82
N LEU A 872 -25.82 -21.74 43.55
CA LEU A 872 -24.47 -21.23 43.32
C LEU A 872 -23.42 -22.30 43.61
N GLU A 873 -23.70 -23.13 44.61
CA GLU A 873 -22.79 -24.19 45.01
C GLU A 873 -22.70 -25.21 43.89
N ASN A 874 -23.84 -25.48 43.27
CA ASN A 874 -23.89 -26.37 42.12
C ASN A 874 -23.16 -25.81 40.92
N SER A 875 -23.31 -24.51 40.71
CA SER A 875 -22.65 -23.85 39.58
C SER A 875 -21.15 -23.87 39.77
N LEU A 876 -20.69 -23.59 40.97
CA LEU A 876 -19.26 -23.61 41.25
C LEU A 876 -18.71 -25.03 41.19
N LYS A 877 -19.60 -25.99 41.45
CA LYS A 877 -19.26 -27.41 41.36
C LYS A 877 -18.93 -27.76 39.90
N GLY A 878 -19.82 -27.37 38.99
CA GLY A 878 -19.62 -27.62 37.57
C GLY A 878 -18.77 -26.52 36.94
N LEU A 879 -17.46 -26.71 37.01
CA LEU A 879 -16.48 -25.83 36.38
C LEU A 879 -15.35 -26.64 35.78
N PRO A 880 -14.98 -26.34 34.53
CA PRO A 880 -13.92 -27.08 33.85
C PRO A 880 -12.54 -26.53 34.20
N THR A 889 -6.29 -26.05 38.17
CA THR A 889 -5.92 -24.64 38.13
C THR A 889 -6.56 -23.86 39.28
N VAL A 890 -7.80 -24.19 39.61
CA VAL A 890 -8.53 -23.48 40.67
C VAL A 890 -8.81 -24.36 41.88
N THR A 891 -8.33 -23.93 43.04
CA THR A 891 -8.44 -24.74 44.26
C THR A 891 -9.87 -24.75 44.80
N HIS A 892 -10.20 -25.82 45.52
CA HIS A 892 -11.50 -25.96 46.16
C HIS A 892 -11.71 -24.87 47.22
N LYS A 893 -10.61 -24.44 47.83
CA LYS A 893 -10.65 -23.38 48.82
C LYS A 893 -11.12 -22.06 48.20
N GLN A 894 -10.68 -21.80 46.98
CA GLN A 894 -11.05 -20.61 46.25
C GLN A 894 -12.54 -20.60 45.87
N LEU A 895 -13.06 -21.73 45.45
CA LEU A 895 -14.49 -21.85 45.16
C LEU A 895 -15.31 -21.64 46.42
N THR A 896 -14.81 -22.15 47.54
CA THR A 896 -15.49 -22.07 48.82
C THR A 896 -15.62 -20.64 49.34
N ASP A 897 -14.50 -19.94 49.40
CA ASP A 897 -14.52 -18.58 49.93
C ASP A 897 -15.16 -17.60 48.96
N PHE A 898 -15.24 -17.95 47.67
CA PHE A 898 -16.03 -17.13 46.75
C PHE A 898 -17.50 -17.28 47.11
N HIS A 899 -17.92 -18.54 47.23
CA HIS A 899 -19.28 -18.89 47.62
C HIS A 899 -19.61 -18.20 48.96
N LYS A 900 -18.63 -18.20 49.84
CA LYS A 900 -18.70 -17.55 51.14
C LYS A 900 -18.89 -16.04 51.01
N GLN A 901 -18.09 -15.41 50.14
CA GLN A 901 -18.14 -13.97 49.86
C GLN A 901 -19.50 -13.50 49.31
N VAL A 902 -20.05 -14.26 48.36
CA VAL A 902 -21.29 -13.87 47.68
C VAL A 902 -22.53 -14.00 48.55
N THR A 903 -22.66 -15.17 49.17
CA THR A 903 -23.84 -15.49 49.97
C THR A 903 -23.90 -14.70 51.28
N SER A 904 -22.74 -14.26 51.77
CA SER A 904 -22.69 -13.46 52.98
C SER A 904 -22.68 -11.97 52.69
N ALA A 905 -22.87 -11.61 51.42
CA ALA A 905 -22.89 -10.21 51.03
C ALA A 905 -24.14 -9.56 51.59
N GLU A 906 -23.99 -8.36 52.16
CA GLU A 906 -25.12 -7.63 52.72
C GLU A 906 -25.49 -6.47 51.79
N GLU A 907 -24.53 -6.09 50.96
CA GLU A 907 -24.76 -5.10 49.92
C GLU A 907 -24.45 -5.75 48.56
N CYS A 908 -25.07 -5.23 47.51
CA CYS A 908 -24.82 -5.71 46.16
C CYS A 908 -23.36 -5.53 45.74
N LYS A 909 -22.79 -4.41 46.21
CA LYS A 909 -21.39 -4.07 45.99
C LYS A 909 -20.42 -5.21 46.29
N GLN A 910 -20.71 -5.96 47.36
CA GLN A 910 -19.83 -7.03 47.79
C GLN A 910 -19.80 -8.21 46.84
N VAL A 911 -20.91 -8.46 46.16
CA VAL A 911 -20.95 -9.55 45.19
C VAL A 911 -20.05 -9.18 44.02
N CYS A 912 -20.15 -7.92 43.61
CA CYS A 912 -19.32 -7.42 42.51
C CYS A 912 -17.83 -7.54 42.84
N TRP A 913 -17.44 -7.11 44.05
CA TRP A 913 -16.05 -7.28 44.49
C TRP A 913 -15.64 -8.75 44.46
N ALA A 914 -16.54 -9.61 44.90
CA ALA A 914 -16.29 -11.06 44.92
C ALA A 914 -16.07 -11.58 43.49
N LEU A 915 -16.94 -11.20 42.56
CA LEU A 915 -16.76 -11.56 41.15
C LEU A 915 -15.49 -10.97 40.55
N ARG A 916 -15.24 -9.68 40.82
CA ARG A 916 -14.02 -9.01 40.35
C ARG A 916 -12.81 -9.86 40.67
N ASP A 917 -12.64 -10.16 41.96
CA ASP A 917 -11.49 -10.91 42.46
C ASP A 917 -11.45 -12.32 41.86
N PHE A 918 -12.61 -12.96 41.83
CA PHE A 918 -12.74 -14.36 41.41
C PHE A 918 -12.45 -14.55 39.93
N THR A 919 -12.92 -13.59 39.13
CA THR A 919 -12.73 -13.58 37.68
C THR A 919 -11.25 -13.66 37.28
N ARG A 920 -10.40 -13.00 38.05
CA ARG A 920 -8.96 -12.98 37.80
C ARG A 920 -8.36 -14.37 37.70
N LEU A 921 -8.89 -15.32 38.46
CA LEU A 921 -8.36 -16.68 38.48
C LEU A 921 -8.47 -17.34 37.11
N PHE A 922 -9.38 -16.85 36.28
CA PHE A 922 -9.54 -17.39 34.93
C PHE A 922 -9.04 -16.42 33.87
N GLY B 3 -7.44 -21.71 15.26
CA GLY B 3 -8.33 -22.05 16.36
C GLY B 3 -9.77 -21.67 16.08
N ALA B 4 -10.43 -21.07 17.07
CA ALA B 4 -11.80 -20.60 16.90
C ALA B 4 -11.84 -19.25 16.19
N LYS B 5 -13.02 -18.86 15.70
CA LYS B 5 -13.15 -17.61 14.95
C LYS B 5 -12.89 -16.41 15.84
N PRO B 6 -12.17 -15.41 15.33
CA PRO B 6 -11.90 -14.22 16.12
C PRO B 6 -13.17 -13.49 16.53
N THR B 7 -13.06 -12.67 17.55
CA THR B 7 -14.21 -11.91 18.03
C THR B 7 -14.44 -10.76 17.06
N LEU B 8 -15.68 -10.32 16.91
CA LEU B 8 -15.98 -9.22 15.99
C LEU B 8 -15.29 -7.91 16.39
N GLN B 9 -15.13 -7.66 17.68
CA GLN B 9 -14.45 -6.45 18.18
C GLN B 9 -13.01 -6.44 17.67
N LEU B 10 -12.43 -7.63 17.55
CA LEU B 10 -11.06 -7.78 17.09
C LEU B 10 -10.94 -7.50 15.59
N VAL B 11 -11.84 -8.03 14.78
CA VAL B 11 -11.73 -7.79 13.33
C VAL B 11 -12.03 -6.31 13.07
N TYR B 12 -12.97 -5.74 13.81
CA TYR B 12 -13.28 -4.32 13.69
C TYR B 12 -12.09 -3.46 14.09
N GLN B 13 -11.30 -3.93 15.05
CA GLN B 13 -10.12 -3.19 15.49
C GLN B 13 -9.07 -3.23 14.39
N ALA B 14 -8.83 -4.42 13.85
CA ALA B 14 -7.83 -4.58 12.80
C ALA B 14 -8.20 -3.84 11.51
N VAL B 15 -9.48 -3.78 11.20
CA VAL B 15 -9.91 -3.08 9.98
C VAL B 15 -9.62 -1.59 10.08
N GLN B 16 -9.98 -0.99 11.21
CA GLN B 16 -9.78 0.45 11.39
C GLN B 16 -8.31 0.84 11.41
N ALA B 17 -7.45 -0.06 11.87
CA ALA B 17 -6.02 0.17 11.85
C ALA B 17 -5.56 0.19 10.40
N LEU B 18 -5.95 -0.85 9.67
CA LEU B 18 -5.56 -1.03 8.28
C LEU B 18 -5.93 0.15 7.37
N TYR B 19 -6.99 0.87 7.71
CA TYR B 19 -7.48 1.92 6.82
C TYR B 19 -7.25 3.34 7.34
N HIS B 20 -6.74 3.49 8.56
CA HIS B 20 -6.61 4.84 9.13
C HIS B 20 -5.33 5.07 9.93
N ASP B 21 -4.66 4.01 10.35
CA ASP B 21 -3.44 4.13 11.12
C ASP B 21 -2.26 4.50 10.21
N PRO B 22 -1.78 5.75 10.32
CA PRO B 22 -0.74 6.27 9.41
C PRO B 22 0.59 5.55 9.53
N ASP B 23 0.85 4.92 10.68
CA ASP B 23 2.13 4.26 10.91
C ASP B 23 2.29 3.05 10.00
N PRO B 24 3.46 2.90 9.38
CA PRO B 24 3.68 1.78 8.45
C PRO B 24 3.73 0.43 9.16
N SER B 25 4.37 0.38 10.33
CA SER B 25 4.53 -0.88 11.04
C SER B 25 3.18 -1.36 11.56
N GLY B 26 2.33 -0.41 11.92
CA GLY B 26 1.00 -0.73 12.43
C GLY B 26 0.02 -1.11 11.33
N LYS B 27 0.01 -0.34 10.25
CA LYS B 27 -0.87 -0.64 9.12
C LYS B 27 -0.58 -2.02 8.56
N GLU B 28 0.69 -2.43 8.59
CA GLU B 28 1.09 -3.75 8.13
C GLU B 28 0.58 -4.87 9.01
N ARG B 29 0.61 -4.64 10.32
CA ARG B 29 0.28 -5.66 11.30
C ARG B 29 -1.20 -6.04 11.23
N ALA B 30 -2.05 -5.04 11.06
CA ALA B 30 -3.48 -5.30 10.88
C ALA B 30 -3.69 -6.13 9.62
N SER B 31 -2.95 -5.81 8.57
CA SER B 31 -3.06 -6.50 7.28
C SER B 31 -2.79 -7.99 7.38
N PHE B 32 -1.70 -8.37 8.05
CA PHE B 32 -1.35 -9.77 8.16
C PHE B 32 -2.39 -10.55 8.97
N TRP B 33 -2.88 -9.95 10.05
CA TRP B 33 -3.87 -10.59 10.90
C TRP B 33 -5.17 -10.79 10.12
N LEU B 34 -5.57 -9.76 9.39
CA LEU B 34 -6.71 -9.85 8.49
C LEU B 34 -6.42 -10.87 7.39
N GLY B 35 -5.16 -10.91 6.95
CA GLY B 35 -4.72 -11.88 5.97
C GLY B 35 -4.94 -13.31 6.44
N GLU B 36 -4.47 -13.60 7.65
CA GLU B 36 -4.64 -14.90 8.25
C GLU B 36 -6.11 -15.24 8.46
N LEU B 37 -6.93 -14.23 8.67
CA LEU B 37 -8.36 -14.43 8.79
C LEU B 37 -8.96 -14.83 7.43
N GLN B 38 -8.53 -14.15 6.39
CA GLN B 38 -8.98 -14.44 5.03
C GLN B 38 -8.56 -15.84 4.56
N ARG B 39 -7.33 -16.23 4.82
CA ARG B 39 -6.86 -17.57 4.43
C ARG B 39 -7.56 -18.68 5.23
N SER B 40 -7.97 -18.36 6.46
CA SER B 40 -8.51 -19.35 7.38
C SER B 40 -9.90 -19.80 6.98
N VAL B 41 -10.43 -20.79 7.69
CA VAL B 41 -11.77 -21.29 7.41
C VAL B 41 -12.83 -20.32 7.91
N HIS B 42 -12.48 -19.51 8.91
CA HIS B 42 -13.44 -18.62 9.53
C HIS B 42 -13.84 -17.46 8.61
N ALA B 43 -13.05 -17.22 7.56
CA ALA B 43 -13.27 -16.11 6.62
C ALA B 43 -14.71 -16.00 6.10
N TRP B 44 -15.26 -17.13 5.70
CA TRP B 44 -16.65 -17.20 5.22
C TRP B 44 -17.62 -16.66 6.25
N GLU B 45 -17.54 -17.22 7.46
CA GLU B 45 -18.50 -16.88 8.51
C GLU B 45 -18.39 -15.42 8.96
N ILE B 46 -17.16 -14.92 9.12
CA ILE B 46 -16.95 -13.54 9.54
C ILE B 46 -17.49 -12.55 8.52
N SER B 47 -17.14 -12.73 7.26
CA SER B 47 -17.60 -11.85 6.18
C SER B 47 -19.11 -11.76 6.16
N ASP B 48 -19.77 -12.91 6.25
CA ASP B 48 -21.21 -12.95 6.25
C ASP B 48 -21.78 -12.16 7.42
N GLN B 49 -21.13 -12.25 8.58
CA GLN B 49 -21.59 -11.52 9.77
C GLN B 49 -21.38 -10.01 9.61
N LEU B 50 -20.19 -9.62 9.18
CA LEU B 50 -19.86 -8.21 8.90
C LEU B 50 -20.84 -7.57 7.93
N LEU B 51 -21.30 -8.34 6.94
CA LEU B 51 -22.24 -7.84 5.94
C LEU B 51 -23.67 -7.75 6.47
N GLN B 52 -24.06 -8.66 7.36
CA GLN B 52 -25.39 -8.59 7.97
C GLN B 52 -25.49 -7.42 8.93
N ILE B 53 -24.42 -7.22 9.69
CA ILE B 53 -24.35 -6.13 10.65
C ILE B 53 -24.29 -4.77 9.94
N ARG B 54 -23.56 -4.73 8.83
CA ARG B 54 -23.31 -3.51 8.02
C ARG B 54 -23.11 -2.24 8.85
N GLN B 55 -22.12 -2.28 9.74
CA GLN B 55 -21.77 -1.15 10.58
C GLN B 55 -21.44 0.10 9.77
N ASP B 56 -20.43 -0.01 8.91
CA ASP B 56 -19.97 1.11 8.10
C ASP B 56 -19.34 0.62 6.80
N VAL B 57 -18.90 1.56 5.97
CA VAL B 57 -18.35 1.27 4.65
C VAL B 57 -17.06 0.43 4.67
N GLU B 58 -16.14 0.74 5.57
CA GLU B 58 -14.88 -0.01 5.66
C GLU B 58 -15.10 -1.51 5.86
N SER B 59 -15.88 -1.86 6.87
CA SER B 59 -16.04 -3.25 7.26
C SER B 59 -16.82 -4.04 6.24
N CYS B 60 -17.79 -3.41 5.59
CA CYS B 60 -18.51 -4.08 4.52
C CYS B 60 -17.62 -4.30 3.31
N TYR B 61 -16.72 -3.37 3.06
CA TYR B 61 -15.78 -3.53 1.96
C TYR B 61 -14.82 -4.69 2.23
N PHE B 62 -14.31 -4.77 3.45
CA PHE B 62 -13.41 -5.86 3.81
C PHE B 62 -14.12 -7.20 3.67
N ALA B 63 -15.39 -7.24 4.07
CA ALA B 63 -16.18 -8.46 4.04
C ALA B 63 -16.56 -8.87 2.63
N ALA B 64 -16.95 -7.90 1.81
CA ALA B 64 -17.30 -8.19 0.43
C ALA B 64 -16.07 -8.70 -0.31
N GLN B 65 -14.95 -8.03 -0.12
CA GLN B 65 -13.70 -8.43 -0.75
C GLN B 65 -13.27 -9.85 -0.38
N THR B 66 -13.29 -10.15 0.92
CA THR B 66 -12.94 -11.46 1.43
C THR B 66 -13.82 -12.55 0.80
N MET B 67 -15.12 -12.30 0.76
CA MET B 67 -16.06 -13.16 0.06
C MET B 67 -15.63 -13.40 -1.40
N LYS B 68 -15.17 -12.34 -2.05
CA LYS B 68 -14.73 -12.44 -3.42
C LYS B 68 -13.48 -13.29 -3.53
N MET B 69 -12.48 -12.95 -2.72
CA MET B 69 -11.21 -13.67 -2.71
C MET B 69 -11.38 -15.14 -2.40
N LYS B 70 -12.29 -15.44 -1.47
CA LYS B 70 -12.49 -16.81 -1.03
C LYS B 70 -13.24 -17.65 -2.04
N ILE B 71 -13.99 -17.00 -2.92
CA ILE B 71 -14.71 -17.73 -3.96
C ILE B 71 -13.75 -18.03 -5.11
N GLN B 72 -12.80 -17.13 -5.36
CA GLN B 72 -11.92 -17.31 -6.49
C GLN B 72 -10.61 -18.05 -6.17
N THR B 73 -10.35 -18.29 -4.88
CA THR B 73 -9.17 -19.07 -4.49
C THR B 73 -9.56 -20.38 -3.80
N SER B 74 -10.53 -20.32 -2.91
CA SER B 74 -10.90 -21.46 -2.08
C SER B 74 -12.27 -22.00 -2.47
N PHE B 75 -12.55 -22.03 -3.77
CA PHE B 75 -13.85 -22.52 -4.23
C PHE B 75 -14.04 -24.01 -3.96
N TYR B 76 -12.93 -24.75 -3.93
CA TYR B 76 -12.98 -26.20 -3.75
C TYR B 76 -13.60 -26.60 -2.41
N GLU B 77 -13.34 -25.81 -1.36
CA GLU B 77 -13.79 -26.17 -0.01
C GLU B 77 -15.23 -25.75 0.28
N LEU B 78 -16.10 -25.89 -0.71
CA LEU B 78 -17.52 -25.64 -0.52
C LEU B 78 -18.31 -26.92 -0.78
N PRO B 79 -19.10 -27.37 0.21
CA PRO B 79 -20.01 -28.51 0.04
C PRO B 79 -21.05 -28.24 -1.04
N THR B 80 -21.46 -29.27 -1.77
CA THR B 80 -22.38 -29.10 -2.91
C THR B 80 -23.68 -28.37 -2.56
N ASP B 81 -24.24 -28.69 -1.40
CA ASP B 81 -25.48 -28.05 -0.96
C ASP B 81 -25.27 -26.55 -0.78
N SER B 82 -24.04 -26.17 -0.44
CA SER B 82 -23.75 -24.77 -0.13
C SER B 82 -23.75 -23.86 -1.35
N HIS B 83 -23.44 -24.39 -2.53
CA HIS B 83 -23.32 -23.55 -3.73
C HIS B 83 -24.54 -22.67 -3.97
N ALA B 84 -25.70 -23.30 -4.05
CA ALA B 84 -26.95 -22.59 -4.28
C ALA B 84 -27.22 -21.59 -3.17
N SER B 85 -26.88 -21.97 -1.94
CA SER B 85 -27.15 -21.15 -0.77
C SER B 85 -26.19 -19.97 -0.66
N LEU B 86 -24.94 -20.19 -1.05
CA LEU B 86 -23.95 -19.13 -1.05
C LEU B 86 -24.33 -18.07 -2.07
N ARG B 87 -24.83 -18.49 -3.22
CA ARG B 87 -25.30 -17.56 -4.25
C ARG B 87 -26.46 -16.71 -3.74
N ASP B 88 -27.39 -17.36 -3.06
CA ASP B 88 -28.55 -16.68 -2.49
C ASP B 88 -28.12 -15.66 -1.44
N SER B 89 -27.10 -16.00 -0.66
CA SER B 89 -26.57 -15.10 0.34
C SER B 89 -26.02 -13.85 -0.32
N LEU B 90 -25.16 -14.04 -1.31
CA LEU B 90 -24.53 -12.93 -2.02
C LEU B 90 -25.56 -12.03 -2.69
N LEU B 91 -26.60 -12.63 -3.26
CA LEU B 91 -27.65 -11.85 -3.90
C LEU B 91 -28.45 -11.06 -2.85
N THR B 92 -28.63 -11.66 -1.67
CA THR B 92 -29.29 -10.97 -0.58
C THR B 92 -28.42 -9.84 -0.09
N HIS B 93 -27.13 -10.11 0.05
CA HIS B 93 -26.19 -9.09 0.50
C HIS B 93 -26.15 -7.89 -0.45
N ILE B 94 -26.01 -8.15 -1.75
CA ILE B 94 -25.89 -7.04 -2.71
C ILE B 94 -27.20 -6.24 -2.83
N GLN B 95 -28.33 -6.88 -2.60
CA GLN B 95 -29.60 -6.15 -2.56
C GLN B 95 -29.63 -5.15 -1.41
N ASN B 96 -29.43 -5.65 -0.19
CA ASN B 96 -29.51 -4.83 1.01
C ASN B 96 -28.49 -3.70 1.04
N LEU B 97 -27.30 -3.93 0.50
CA LEU B 97 -26.22 -2.96 0.65
C LEU B 97 -25.97 -2.12 -0.59
N LYS B 98 -26.93 -2.11 -1.51
CA LYS B 98 -26.76 -1.47 -2.81
C LYS B 98 -26.60 0.06 -2.79
N ASP B 99 -27.16 0.72 -1.77
CA ASP B 99 -27.03 2.18 -1.68
C ASP B 99 -26.04 2.60 -0.60
N LEU B 100 -25.19 1.67 -0.20
CA LEU B 100 -24.21 1.94 0.85
C LEU B 100 -22.95 2.59 0.27
N SER B 101 -22.31 1.89 -0.65
CA SER B 101 -21.17 2.43 -1.37
C SER B 101 -20.97 1.64 -2.66
N PRO B 102 -20.69 2.35 -3.77
CA PRO B 102 -20.49 1.63 -5.04
C PRO B 102 -19.25 0.70 -4.97
N VAL B 103 -18.25 1.08 -4.18
CA VAL B 103 -17.02 0.30 -4.09
C VAL B 103 -17.27 -1.08 -3.45
N ILE B 104 -18.37 -1.19 -2.71
CA ILE B 104 -18.80 -2.44 -2.10
C ILE B 104 -19.68 -3.25 -3.06
N VAL B 105 -20.53 -2.56 -3.82
CA VAL B 105 -21.37 -3.19 -4.84
C VAL B 105 -20.54 -3.91 -5.89
N THR B 106 -19.39 -3.36 -6.26
CA THR B 106 -18.56 -4.01 -7.27
C THR B 106 -18.03 -5.34 -6.73
N GLN B 107 -17.43 -5.30 -5.54
CA GLN B 107 -16.88 -6.49 -4.87
C GLN B 107 -17.90 -7.63 -4.79
N LEU B 108 -19.12 -7.29 -4.39
CA LEU B 108 -20.16 -8.28 -4.35
C LEU B 108 -20.50 -8.81 -5.76
N ALA B 109 -20.54 -7.91 -6.75
CA ALA B 109 -20.80 -8.32 -8.12
C ALA B 109 -19.73 -9.29 -8.62
N LEU B 110 -18.47 -8.92 -8.39
CA LEU B 110 -17.33 -9.77 -8.72
C LEU B 110 -17.47 -11.15 -8.06
N ALA B 111 -17.89 -11.16 -6.80
CA ALA B 111 -18.08 -12.41 -6.09
C ALA B 111 -19.13 -13.26 -6.80
N ILE B 112 -20.25 -12.63 -7.13
CA ILE B 112 -21.34 -13.30 -7.84
C ILE B 112 -20.90 -13.78 -9.24
N ALA B 113 -20.13 -12.95 -9.94
CA ALA B 113 -19.62 -13.32 -11.25
C ALA B 113 -18.67 -14.50 -11.20
N ASP B 114 -17.68 -14.43 -10.31
CA ASP B 114 -16.71 -15.52 -10.10
C ASP B 114 -17.38 -16.81 -9.66
N LEU B 115 -18.48 -16.69 -8.92
CA LEU B 115 -19.21 -17.87 -8.47
C LEU B 115 -19.95 -18.52 -9.64
N ALA B 116 -20.62 -17.70 -10.45
CA ALA B 116 -21.37 -18.20 -11.60
C ALA B 116 -20.44 -18.87 -12.58
N LEU B 117 -19.29 -18.24 -12.81
CA LEU B 117 -18.28 -18.76 -13.73
C LEU B 117 -17.72 -20.12 -13.36
N GLN B 118 -17.84 -20.52 -12.10
CA GLN B 118 -17.23 -21.77 -11.68
C GLN B 118 -18.24 -22.88 -11.53
N MET B 119 -19.48 -22.57 -11.90
CA MET B 119 -20.57 -23.55 -11.82
C MET B 119 -21.32 -23.65 -13.14
N PRO B 120 -20.85 -24.51 -14.05
CA PRO B 120 -21.38 -24.70 -15.41
C PRO B 120 -22.81 -25.24 -15.48
N SER B 121 -23.30 -25.79 -14.37
CA SER B 121 -24.68 -26.25 -14.29
C SER B 121 -25.66 -25.08 -14.12
N TRP B 122 -25.10 -23.87 -14.02
CA TRP B 122 -25.93 -22.68 -13.85
C TRP B 122 -25.95 -21.78 -15.09
N LYS B 123 -26.34 -22.37 -16.21
CA LYS B 123 -26.41 -21.65 -17.47
C LYS B 123 -27.50 -20.59 -17.41
N GLY B 124 -27.35 -19.56 -18.25
CA GLY B 124 -28.32 -18.49 -18.34
C GLY B 124 -28.50 -17.73 -17.06
N CYS B 125 -27.40 -17.53 -16.34
CA CYS B 125 -27.44 -16.78 -15.09
C CYS B 125 -27.77 -15.33 -15.44
N VAL B 126 -27.30 -14.89 -16.59
CA VAL B 126 -27.61 -13.55 -17.10
C VAL B 126 -29.12 -13.40 -17.25
N GLN B 127 -29.76 -14.41 -17.83
CA GLN B 127 -31.21 -14.41 -17.98
C GLN B 127 -31.87 -14.43 -16.60
N THR B 128 -31.42 -15.36 -15.76
CA THR B 128 -31.88 -15.47 -14.38
C THR B 128 -31.84 -14.12 -13.67
N LEU B 129 -30.68 -13.47 -13.74
CA LEU B 129 -30.45 -12.22 -13.04
C LEU B 129 -31.29 -11.10 -13.62
N VAL B 130 -31.43 -11.07 -14.93
CA VAL B 130 -32.14 -9.98 -15.57
C VAL B 130 -33.65 -10.05 -15.27
N GLU B 131 -34.28 -11.17 -15.57
CA GLU B 131 -35.73 -11.26 -15.39
C GLU B 131 -36.13 -11.34 -13.91
N LYS B 132 -35.14 -11.36 -13.02
CA LYS B 132 -35.39 -11.28 -11.59
C LYS B 132 -35.27 -9.85 -11.06
N TYR B 133 -34.42 -9.04 -11.68
CA TYR B 133 -34.15 -7.69 -11.19
C TYR B 133 -34.45 -6.56 -12.19
N SER B 134 -34.69 -6.88 -13.45
CA SER B 134 -34.80 -5.86 -14.50
C SER B 134 -35.95 -4.90 -14.28
N ASN B 135 -37.00 -5.35 -13.60
CA ASN B 135 -38.19 -4.54 -13.41
C ASN B 135 -38.12 -3.56 -12.24
N ASP B 136 -37.39 -3.92 -11.19
CA ASP B 136 -37.12 -2.99 -10.09
C ASP B 136 -36.12 -1.91 -10.51
N VAL B 137 -36.55 -0.66 -10.46
CA VAL B 137 -35.71 0.45 -10.93
C VAL B 137 -34.46 0.68 -10.06
N THR B 138 -34.53 0.33 -8.78
CA THR B 138 -33.39 0.50 -7.87
C THR B 138 -32.42 -0.68 -7.90
N SER B 139 -32.86 -1.79 -8.49
CA SER B 139 -31.97 -2.93 -8.70
C SER B 139 -31.01 -2.68 -9.85
N LEU B 140 -31.45 -1.87 -10.81
CA LEU B 140 -30.71 -1.65 -12.06
C LEU B 140 -29.23 -1.27 -11.87
N PRO B 141 -28.92 -0.35 -10.94
CA PRO B 141 -27.47 -0.05 -10.82
C PRO B 141 -26.58 -1.26 -10.50
N PHE B 142 -27.03 -2.23 -9.69
CA PHE B 142 -26.14 -3.35 -9.35
C PHE B 142 -26.30 -4.52 -10.33
N LEU B 143 -27.48 -4.68 -10.90
CA LEU B 143 -27.66 -5.66 -11.98
C LEU B 143 -26.73 -5.33 -13.15
N LEU B 144 -26.64 -4.06 -13.51
CA LEU B 144 -25.71 -3.65 -14.55
C LEU B 144 -24.27 -3.96 -14.16
N GLU B 145 -23.93 -3.67 -12.91
CA GLU B 145 -22.59 -3.93 -12.38
C GLU B 145 -22.23 -5.42 -12.49
N ILE B 146 -23.15 -6.30 -12.12
CA ILE B 146 -22.90 -7.72 -12.30
C ILE B 146 -22.71 -8.06 -13.78
N LEU B 147 -23.60 -7.51 -14.61
CA LEU B 147 -23.52 -7.78 -16.05
C LEU B 147 -22.28 -7.17 -16.68
N THR B 148 -21.77 -6.09 -16.10
CA THR B 148 -20.54 -5.48 -16.60
C THR B 148 -19.28 -6.28 -16.24
N VAL B 149 -19.18 -6.74 -15.00
CA VAL B 149 -17.93 -7.35 -14.53
C VAL B 149 -17.84 -8.81 -14.90
N LEU B 150 -18.98 -9.42 -15.16
CA LEU B 150 -19.05 -10.83 -15.54
C LEU B 150 -18.23 -11.16 -16.80
N PRO B 151 -18.35 -10.36 -17.88
CA PRO B 151 -17.49 -10.67 -19.03
C PRO B 151 -16.01 -10.37 -18.81
N GLU B 152 -15.70 -9.38 -17.99
CA GLU B 152 -14.30 -9.07 -17.65
C GLU B 152 -13.63 -10.23 -16.90
N GLU B 153 -14.41 -10.94 -16.09
CA GLU B 153 -13.87 -12.00 -15.25
C GLU B 153 -13.61 -13.28 -16.03
N VAL B 154 -14.08 -13.32 -17.28
CA VAL B 154 -13.86 -14.49 -18.12
C VAL B 154 -12.37 -14.57 -18.48
N HIS B 155 -11.71 -13.42 -18.45
CA HIS B 155 -10.27 -13.34 -18.71
C HIS B 155 -9.45 -13.09 -17.44
N SER B 156 -10.02 -13.41 -16.28
CA SER B 156 -9.36 -13.18 -15.00
C SER B 156 -8.11 -14.04 -14.81
N ARG B 157 -6.99 -13.40 -14.51
CA ARG B 157 -5.76 -14.11 -14.18
C ARG B 157 -5.85 -14.69 -12.78
N SER B 158 -6.78 -14.15 -11.99
CA SER B 158 -7.01 -14.59 -10.62
C SER B 158 -7.90 -15.84 -10.61
N LEU B 159 -8.66 -16.02 -11.69
CA LEU B 159 -9.57 -17.15 -11.79
C LEU B 159 -8.90 -18.23 -12.66
N ARG B 160 -8.24 -17.77 -13.72
CA ARG B 160 -7.47 -18.61 -14.64
C ARG B 160 -8.16 -19.92 -15.05
N ILE B 161 -9.41 -19.78 -15.50
CA ILE B 161 -10.22 -20.86 -16.05
C ILE B 161 -9.56 -21.57 -17.24
N GLY B 162 -9.69 -22.90 -17.31
CA GLY B 162 -9.17 -23.68 -18.43
C GLY B 162 -9.65 -23.22 -19.80
N ALA B 163 -8.88 -23.54 -20.84
CA ALA B 163 -9.11 -23.03 -22.19
C ALA B 163 -10.43 -23.48 -22.84
N ASN B 164 -10.81 -24.73 -22.63
CA ASN B 164 -12.05 -25.25 -23.22
C ASN B 164 -13.26 -24.72 -22.48
N ARG B 165 -13.18 -24.70 -21.16
CA ARG B 165 -14.26 -24.21 -20.31
C ARG B 165 -14.46 -22.71 -20.56
N ARG B 166 -13.37 -22.00 -20.83
CA ARG B 166 -13.41 -20.59 -21.16
C ARG B 166 -14.21 -20.38 -22.44
N THR B 167 -13.98 -21.26 -23.41
CA THR B 167 -14.68 -21.22 -24.69
C THR B 167 -16.17 -21.51 -24.51
N GLU B 168 -16.47 -22.49 -23.67
CA GLU B 168 -17.85 -22.82 -23.32
C GLU B 168 -18.54 -21.60 -22.72
N ILE B 169 -17.85 -20.95 -21.78
CA ILE B 169 -18.36 -19.75 -21.12
C ILE B 169 -18.75 -18.68 -22.12
N ILE B 170 -17.81 -18.34 -22.99
CA ILE B 170 -18.01 -17.26 -23.95
C ILE B 170 -19.22 -17.49 -24.86
N GLU B 171 -19.42 -18.73 -25.34
CA GLU B 171 -20.56 -18.98 -26.21
C GLU B 171 -21.87 -19.03 -25.42
N ASP B 172 -21.81 -19.40 -24.16
CA ASP B 172 -22.99 -19.35 -23.31
C ASP B 172 -23.43 -17.89 -23.10
N LEU B 173 -22.47 -16.99 -22.92
CA LEU B 173 -22.76 -15.57 -22.77
C LEU B 173 -23.21 -14.91 -24.08
N ALA B 174 -22.64 -15.36 -25.19
CA ALA B 174 -23.00 -14.86 -26.51
C ALA B 174 -24.48 -15.07 -26.79
N PHE B 175 -24.97 -16.22 -26.32
CA PHE B 175 -26.37 -16.60 -26.49
C PHE B 175 -27.31 -15.56 -25.89
N TYR B 176 -26.92 -14.97 -24.78
CA TYR B 176 -27.79 -14.03 -24.06
C TYR B 176 -27.43 -12.56 -24.29
N SER B 177 -26.45 -12.32 -25.16
CA SER B 177 -25.97 -10.95 -25.41
C SER B 177 -27.08 -10.02 -25.90
N SER B 178 -28.07 -10.58 -26.58
CA SER B 178 -29.21 -9.81 -27.05
C SER B 178 -30.02 -9.25 -25.88
N THR B 179 -30.24 -10.10 -24.88
CA THR B 179 -31.06 -9.76 -23.72
C THR B 179 -30.48 -8.60 -22.92
N VAL B 180 -29.16 -8.51 -22.84
CA VAL B 180 -28.52 -7.44 -22.08
C VAL B 180 -28.53 -6.12 -22.88
N VAL B 181 -28.36 -6.24 -24.19
CA VAL B 181 -28.46 -5.07 -25.07
C VAL B 181 -29.87 -4.48 -24.96
N SER B 182 -30.87 -5.35 -25.03
CA SER B 182 -32.27 -4.96 -24.83
C SER B 182 -32.45 -4.25 -23.49
N LEU B 183 -31.91 -4.85 -22.42
CA LEU B 183 -31.94 -4.25 -21.10
C LEU B 183 -31.21 -2.91 -21.09
N LEU B 184 -30.06 -2.86 -21.76
CA LEU B 184 -29.25 -1.65 -21.83
C LEU B 184 -29.99 -0.53 -22.56
N MET B 185 -30.74 -0.91 -23.59
CA MET B 185 -31.54 0.05 -24.35
C MET B 185 -32.63 0.68 -23.49
N THR B 186 -33.28 -0.15 -22.69
CA THR B 186 -34.34 0.31 -21.79
C THR B 186 -33.84 1.32 -20.74
N CYS B 187 -32.59 1.16 -20.31
CA CYS B 187 -32.01 2.03 -19.28
C CYS B 187 -31.93 3.50 -19.72
N VAL B 188 -31.35 3.74 -20.89
CA VAL B 188 -31.23 5.09 -21.42
C VAL B 188 -32.59 5.60 -21.88
N GLU B 189 -33.50 4.66 -22.17
CA GLU B 189 -34.86 4.98 -22.60
C GLU B 189 -35.63 5.70 -21.50
N THR B 193 -32.05 11.36 -19.18
CA THR B 193 -31.32 10.46 -18.30
C THR B 193 -29.99 11.07 -17.90
N ASP B 194 -29.58 10.86 -16.66
CA ASP B 194 -28.41 11.52 -16.09
C ASP B 194 -27.13 10.77 -16.43
N GLU B 195 -25.99 11.39 -16.14
CA GLU B 195 -24.70 10.80 -16.47
C GLU B 195 -24.42 9.52 -15.67
N LYS B 196 -24.85 9.48 -14.41
CA LYS B 196 -24.58 8.35 -13.53
C LYS B 196 -25.15 7.05 -14.11
N MET B 197 -26.37 7.11 -14.64
CA MET B 197 -26.99 5.96 -15.28
C MET B 197 -26.34 5.70 -16.63
N LEU B 198 -25.98 6.77 -17.33
CA LEU B 198 -25.40 6.68 -18.65
C LEU B 198 -24.05 5.96 -18.64
N MET B 199 -23.24 6.29 -17.63
CA MET B 199 -21.93 5.67 -17.46
C MET B 199 -22.02 4.16 -17.23
N LYS B 200 -23.01 3.72 -16.46
CA LYS B 200 -23.21 2.28 -16.24
C LYS B 200 -23.58 1.56 -17.53
N VAL B 201 -24.39 2.22 -18.35
CA VAL B 201 -24.81 1.64 -19.62
C VAL B 201 -23.63 1.48 -20.58
N PHE B 202 -22.78 2.49 -20.65
CA PHE B 202 -21.64 2.47 -21.56
C PHE B 202 -20.55 1.49 -21.12
N ARG B 203 -20.22 1.49 -19.83
CA ARG B 203 -19.28 0.52 -19.29
C ARG B 203 -19.77 -0.91 -19.54
N CYS B 204 -21.07 -1.14 -19.34
CA CYS B 204 -21.62 -2.47 -19.55
C CYS B 204 -21.51 -2.80 -21.02
N LEU B 205 -21.89 -1.84 -21.85
CA LEU B 205 -21.81 -2.00 -23.29
C LEU B 205 -20.38 -2.31 -23.75
N GLY B 206 -19.45 -1.49 -23.30
CA GLY B 206 -18.04 -1.65 -23.61
C GLY B 206 -17.51 -3.01 -23.19
N SER B 207 -17.93 -3.47 -22.02
CA SER B 207 -17.45 -4.73 -21.50
C SER B 207 -17.88 -5.90 -22.37
N TRP B 208 -19.13 -5.89 -22.82
CA TRP B 208 -19.63 -6.92 -23.69
C TRP B 208 -19.01 -6.83 -25.09
N PHE B 209 -18.65 -5.62 -25.52
CA PHE B 209 -17.90 -5.44 -26.75
C PHE B 209 -16.57 -6.17 -26.69
N ASN B 210 -15.83 -5.94 -25.61
CA ASN B 210 -14.52 -6.56 -25.40
C ASN B 210 -14.57 -8.07 -25.36
N LEU B 211 -15.73 -8.61 -24.97
CA LEU B 211 -15.88 -10.05 -24.89
C LEU B 211 -16.03 -10.64 -26.28
N GLY B 212 -16.42 -9.82 -27.23
CA GLY B 212 -16.58 -10.25 -28.62
C GLY B 212 -17.78 -11.15 -28.87
N VAL B 213 -18.94 -10.77 -28.33
CA VAL B 213 -20.14 -11.58 -28.48
C VAL B 213 -21.33 -10.76 -28.96
N LEU B 214 -21.11 -9.46 -29.17
CA LEU B 214 -22.13 -8.57 -29.72
C LEU B 214 -22.25 -8.62 -31.26
N ASP B 215 -23.46 -8.41 -31.76
CA ASP B 215 -23.74 -8.38 -33.20
C ASP B 215 -23.40 -7.04 -33.86
N SER B 216 -22.43 -7.06 -34.76
CA SER B 216 -22.03 -5.85 -35.49
C SER B 216 -23.21 -5.19 -36.20
N ASN B 217 -24.02 -6.01 -36.87
CA ASN B 217 -25.11 -5.48 -37.69
C ASN B 217 -26.20 -4.82 -36.85
N PHE B 218 -26.53 -5.41 -35.71
CA PHE B 218 -27.53 -4.80 -34.84
C PHE B 218 -27.00 -3.56 -34.10
N MET B 219 -25.72 -3.56 -33.74
CA MET B 219 -25.17 -2.42 -33.00
C MET B 219 -25.00 -1.25 -33.96
N ALA B 220 -24.73 -1.57 -35.22
CA ALA B 220 -24.58 -0.57 -36.28
C ALA B 220 -25.85 0.29 -36.33
N ASN B 221 -26.99 -0.39 -36.33
CA ASN B 221 -28.27 0.28 -36.27
C ASN B 221 -28.87 0.13 -34.87
N ASN B 222 -28.40 0.98 -33.96
CA ASN B 222 -28.84 0.96 -32.59
C ASN B 222 -28.56 2.32 -31.95
N LYS B 223 -29.51 2.83 -31.18
CA LYS B 223 -29.41 4.19 -30.63
C LYS B 223 -28.20 4.37 -29.70
N LEU B 224 -27.78 3.31 -29.04
CA LEU B 224 -26.65 3.37 -28.11
C LEU B 224 -25.41 3.96 -28.80
N LEU B 225 -25.11 3.50 -30.02
CA LEU B 225 -24.00 4.07 -30.78
C LEU B 225 -24.20 5.56 -31.06
N ALA B 226 -25.40 5.90 -31.52
CA ALA B 226 -25.73 7.29 -31.84
C ALA B 226 -25.62 8.14 -30.58
N LEU B 227 -26.03 7.56 -29.46
CA LEU B 227 -26.00 8.23 -28.16
C LEU B 227 -24.56 8.43 -27.71
N LEU B 228 -23.72 7.45 -28.04
CA LEU B 228 -22.30 7.51 -27.73
C LEU B 228 -21.67 8.76 -28.32
N PHE B 229 -21.72 8.89 -29.64
CA PHE B 229 -21.12 10.03 -30.31
C PHE B 229 -21.83 11.32 -29.93
N GLU B 230 -23.10 11.19 -29.52
CA GLU B 230 -23.90 12.32 -29.08
C GLU B 230 -23.35 12.99 -27.82
N VAL B 231 -23.13 12.20 -26.76
CA VAL B 231 -22.67 12.77 -25.50
C VAL B 231 -21.20 13.18 -25.63
N LEU B 232 -20.52 12.58 -26.61
CA LEU B 232 -19.13 12.93 -26.89
C LEU B 232 -19.04 14.25 -27.69
N GLN B 233 -20.18 14.71 -28.22
CA GLN B 233 -20.26 16.00 -28.91
C GLN B 233 -20.67 17.14 -27.97
N GLN B 234 -21.59 16.86 -27.06
CA GLN B 234 -22.09 17.90 -26.14
C GLN B 234 -21.00 18.30 -25.17
N ASP B 235 -20.57 19.56 -25.26
CA ASP B 235 -19.50 20.12 -24.44
C ASP B 235 -19.79 20.05 -22.93
N LYS B 236 -21.07 20.06 -22.57
CA LYS B 236 -21.48 20.12 -21.16
C LYS B 236 -21.20 18.81 -20.41
N THR B 237 -20.92 17.73 -21.13
CA THR B 237 -20.76 16.42 -20.50
C THR B 237 -19.46 16.37 -19.68
N SER B 238 -19.55 15.73 -18.51
CA SER B 238 -18.45 15.69 -17.55
C SER B 238 -17.29 14.79 -17.98
N SER B 239 -16.17 14.91 -17.26
CA SER B 239 -14.98 14.10 -17.53
C SER B 239 -15.27 12.62 -17.31
N ASN B 240 -16.09 12.31 -16.31
CA ASN B 240 -16.42 10.92 -16.01
C ASN B 240 -17.35 10.34 -17.06
N LEU B 241 -18.29 11.14 -17.55
CA LEU B 241 -19.17 10.70 -18.62
C LEU B 241 -18.40 10.57 -19.92
N HIS B 242 -17.39 11.42 -20.08
CA HIS B 242 -16.59 11.44 -21.30
C HIS B 242 -15.76 10.17 -21.43
N GLU B 243 -15.00 9.88 -20.38
CA GLU B 243 -14.10 8.74 -20.34
C GLU B 243 -14.84 7.43 -20.54
N ALA B 244 -16.02 7.31 -19.92
CA ALA B 244 -16.84 6.13 -20.08
C ALA B 244 -17.28 6.01 -21.53
N ALA B 245 -17.73 7.13 -22.09
CA ALA B 245 -18.21 7.19 -23.47
C ALA B 245 -17.09 6.86 -24.45
N SER B 246 -15.94 7.51 -24.26
CA SER B 246 -14.76 7.25 -25.09
C SER B 246 -14.33 5.78 -25.09
N ASP B 247 -14.21 5.19 -23.90
CA ASP B 247 -13.71 3.82 -23.78
C ASP B 247 -14.63 2.84 -24.50
N CYS B 248 -15.94 3.09 -24.44
CA CYS B 248 -16.89 2.23 -25.13
C CYS B 248 -16.70 2.32 -26.64
N VAL B 249 -16.39 3.52 -27.13
CA VAL B 249 -16.13 3.70 -28.55
C VAL B 249 -14.91 2.86 -28.95
N CYS B 250 -13.82 3.01 -28.21
CA CYS B 250 -12.61 2.24 -28.44
C CYS B 250 -12.85 0.73 -28.35
N SER B 251 -13.74 0.31 -27.46
CA SER B 251 -14.11 -1.11 -27.38
C SER B 251 -14.86 -1.54 -28.62
N ALA B 252 -15.76 -0.69 -29.09
CA ALA B 252 -16.52 -0.96 -30.30
C ALA B 252 -15.62 -1.16 -31.51
N LEU B 253 -14.68 -0.23 -31.70
CA LEU B 253 -13.73 -0.32 -32.81
C LEU B 253 -12.84 -1.55 -32.70
N TYR B 254 -12.36 -1.79 -31.48
CA TYR B 254 -11.43 -2.87 -31.19
C TYR B 254 -12.08 -4.23 -31.38
N ALA B 255 -13.37 -4.32 -31.07
CA ALA B 255 -14.12 -5.55 -31.20
C ALA B 255 -14.22 -5.98 -32.67
N ILE B 256 -14.02 -5.01 -33.57
CA ILE B 256 -13.95 -5.27 -35.01
C ILE B 256 -12.57 -5.79 -35.44
N GLU B 257 -12.48 -7.08 -35.76
CA GLU B 257 -11.21 -7.69 -36.16
C GLU B 257 -11.08 -7.68 -37.68
N ASN B 258 -12.17 -7.95 -38.37
CA ASN B 258 -12.21 -7.87 -39.84
C ASN B 258 -13.23 -6.86 -40.32
N VAL B 259 -12.74 -5.80 -40.94
CA VAL B 259 -13.57 -4.68 -41.37
C VAL B 259 -14.66 -5.11 -42.35
N GLU B 260 -14.35 -6.11 -43.18
CA GLU B 260 -15.26 -6.54 -44.24
C GLU B 260 -16.57 -7.13 -43.72
N THR B 261 -16.47 -7.99 -42.71
CA THR B 261 -17.63 -8.66 -42.14
C THR B 261 -18.48 -7.73 -41.27
N ASN B 262 -17.86 -6.69 -40.74
CA ASN B 262 -18.54 -5.77 -39.83
C ASN B 262 -18.64 -4.36 -40.41
N LEU B 263 -18.80 -4.27 -41.72
CA LEU B 263 -18.83 -2.99 -42.43
C LEU B 263 -19.94 -2.04 -41.98
N PRO B 264 -21.16 -2.55 -41.70
CA PRO B 264 -22.15 -1.60 -41.19
C PRO B 264 -21.66 -0.88 -39.94
N LEU B 265 -21.17 -1.65 -38.96
CA LEU B 265 -20.62 -1.08 -37.74
C LEU B 265 -19.38 -0.22 -38.02
N ALA B 266 -18.50 -0.72 -38.88
CA ALA B 266 -17.28 -0.02 -39.27
C ALA B 266 -17.59 1.38 -39.81
N MET B 267 -18.49 1.43 -40.79
CA MET B 267 -18.88 2.70 -41.40
C MET B 267 -19.49 3.65 -40.38
N GLN B 268 -20.36 3.12 -39.53
CA GLN B 268 -21.02 3.91 -38.49
C GLN B 268 -20.01 4.53 -37.53
N LEU B 269 -18.98 3.78 -37.17
CA LEU B 269 -17.98 4.28 -36.21
C LEU B 269 -17.11 5.32 -36.88
N PHE B 270 -16.69 5.03 -38.11
CA PHE B 270 -15.99 6.00 -38.94
C PHE B 270 -16.68 7.36 -39.01
N GLN B 271 -17.96 7.36 -39.38
CA GLN B 271 -18.72 8.59 -39.48
C GLN B 271 -18.84 9.26 -38.11
N GLY B 272 -18.95 8.42 -37.08
CA GLY B 272 -19.09 8.90 -35.71
C GLY B 272 -17.91 9.70 -35.18
N VAL B 273 -16.70 9.23 -35.46
CA VAL B 273 -15.52 9.86 -34.88
C VAL B 273 -15.22 11.18 -35.60
N LEU B 274 -15.49 11.23 -36.91
CA LEU B 274 -15.28 12.46 -37.67
C LEU B 274 -16.08 13.64 -37.13
N THR B 275 -17.25 13.35 -36.56
CA THR B 275 -18.09 14.41 -36.00
C THR B 275 -17.53 15.01 -34.70
N LEU B 276 -16.42 14.48 -34.20
CA LEU B 276 -15.93 14.87 -32.88
C LEU B 276 -14.87 15.96 -32.89
N GLU B 277 -14.39 16.33 -34.08
CA GLU B 277 -13.31 17.29 -34.19
C GLU B 277 -13.65 18.65 -33.56
N THR B 278 -14.91 19.06 -33.67
CA THR B 278 -15.37 20.30 -33.07
C THR B 278 -15.30 20.20 -31.54
N ALA B 279 -15.72 19.05 -31.03
CA ALA B 279 -15.70 18.76 -29.61
C ALA B 279 -14.27 18.69 -29.10
N TYR B 280 -13.37 18.20 -29.95
CA TYR B 280 -11.95 18.20 -29.62
C TYR B 280 -11.45 19.63 -29.40
N HIS B 281 -11.72 20.49 -30.38
CA HIS B 281 -11.26 21.88 -30.34
C HIS B 281 -11.85 22.68 -29.18
N MET B 282 -13.08 22.36 -28.79
CA MET B 282 -13.67 23.04 -27.65
C MET B 282 -12.93 22.71 -26.35
N ALA B 283 -12.51 21.46 -26.21
CA ALA B 283 -11.79 21.02 -25.03
C ALA B 283 -10.39 21.62 -24.97
N VAL B 284 -9.78 21.85 -26.13
CA VAL B 284 -8.44 22.40 -26.18
C VAL B 284 -8.49 23.93 -26.06
N ALA B 285 -9.62 24.52 -26.42
CA ALA B 285 -9.86 25.94 -26.21
C ALA B 285 -9.93 26.19 -24.71
N ARG B 286 -10.65 25.30 -24.04
CA ARG B 286 -10.62 25.24 -22.59
C ARG B 286 -9.38 24.49 -22.18
N GLU B 287 -9.17 24.33 -20.88
CA GLU B 287 -8.02 23.55 -20.43
C GLU B 287 -8.43 22.16 -19.99
N ASP B 288 -9.20 21.48 -20.85
CA ASP B 288 -9.73 20.16 -20.51
C ASP B 288 -8.86 19.08 -21.15
N LEU B 289 -7.67 18.89 -20.58
CA LEU B 289 -6.66 17.98 -21.13
C LEU B 289 -7.14 16.54 -21.05
N ASP B 290 -7.94 16.24 -20.03
CA ASP B 290 -8.51 14.92 -19.86
C ASP B 290 -9.36 14.56 -21.07
N LYS B 291 -10.14 15.53 -21.53
CA LYS B 291 -11.04 15.30 -22.65
C LYS B 291 -10.29 15.11 -23.94
N VAL B 292 -9.22 15.89 -24.15
CA VAL B 292 -8.53 15.83 -25.43
C VAL B 292 -7.80 14.49 -25.58
N LEU B 293 -7.26 13.97 -24.48
CA LEU B 293 -6.57 12.70 -24.49
C LEU B 293 -7.50 11.56 -24.88
N ASN B 294 -8.74 11.62 -24.40
CA ASN B 294 -9.75 10.65 -24.79
C ASN B 294 -10.04 10.67 -26.28
N TYR B 295 -10.06 11.87 -26.85
CA TYR B 295 -10.35 12.02 -28.27
C TYR B 295 -9.22 11.47 -29.10
N CYS B 296 -8.00 11.75 -28.67
CA CYS B 296 -6.82 11.31 -29.40
C CYS B 296 -6.70 9.79 -29.39
N ARG B 297 -7.20 9.16 -28.32
CA ARG B 297 -7.22 7.70 -28.24
C ARG B 297 -8.24 7.16 -29.22
N ILE B 298 -9.42 7.79 -29.24
CA ILE B 298 -10.47 7.46 -30.19
C ILE B 298 -9.96 7.60 -31.62
N PHE B 299 -9.25 8.70 -31.91
CA PHE B 299 -8.69 8.89 -33.26
C PHE B 299 -7.68 7.79 -33.57
N THR B 300 -6.72 7.61 -32.68
CA THR B 300 -5.68 6.59 -32.84
C THR B 300 -6.26 5.18 -32.97
N GLU B 301 -7.34 4.90 -32.23
CA GLU B 301 -7.93 3.56 -32.23
C GLU B 301 -8.63 3.28 -33.56
N LEU B 302 -9.19 4.34 -34.16
CA LEU B 302 -9.84 4.22 -35.45
C LEU B 302 -8.87 3.79 -36.55
N CYS B 303 -7.70 4.42 -36.58
CA CYS B 303 -6.67 4.10 -37.58
C CYS B 303 -6.08 2.70 -37.42
N GLU B 304 -5.98 2.24 -36.17
CA GLU B 304 -5.47 0.90 -35.89
C GLU B 304 -6.42 -0.15 -36.45
N THR B 305 -7.72 0.08 -36.27
CA THR B 305 -8.76 -0.84 -36.73
C THR B 305 -8.79 -0.94 -38.25
N PHE B 306 -8.62 0.20 -38.91
CA PHE B 306 -8.68 0.26 -40.38
C PHE B 306 -7.29 0.37 -41.01
N LEU B 307 -6.26 -0.08 -40.29
CA LEU B 307 -4.89 -0.05 -40.79
C LEU B 307 -4.73 -0.85 -42.08
N GLU B 308 -5.36 -2.02 -42.15
CA GLU B 308 -5.29 -2.86 -43.35
C GLU B 308 -5.82 -2.13 -44.58
N LYS B 309 -6.91 -1.40 -44.40
CA LYS B 309 -7.53 -0.71 -45.52
C LYS B 309 -6.74 0.55 -45.90
N ILE B 310 -6.18 1.24 -44.92
CA ILE B 310 -5.32 2.39 -45.19
C ILE B 310 -4.07 1.97 -45.98
N VAL B 311 -3.60 0.77 -45.72
CA VAL B 311 -2.37 0.28 -46.34
C VAL B 311 -2.63 -0.33 -47.71
N CYS B 312 -3.61 -1.23 -47.78
CA CYS B 312 -3.91 -1.99 -49.00
C CYS B 312 -4.50 -1.09 -50.11
N THR B 313 -5.54 -0.33 -49.79
CA THR B 313 -6.17 0.56 -50.76
C THR B 313 -6.25 2.00 -50.25
N PRO B 314 -5.09 2.68 -50.11
CA PRO B 314 -5.00 4.03 -49.53
C PRO B 314 -5.83 5.11 -50.22
N GLY B 315 -6.24 6.10 -49.45
CA GLY B 315 -6.95 7.27 -49.95
C GLY B 315 -8.38 7.05 -50.39
N GLN B 316 -8.67 5.86 -50.89
CA GLN B 316 -9.96 5.58 -51.51
C GLN B 316 -10.91 4.74 -50.65
N GLY B 317 -12.02 5.34 -50.23
CA GLY B 317 -13.06 4.63 -49.51
C GLY B 317 -12.68 4.24 -48.10
N LEU B 318 -12.50 2.94 -47.88
CA LEU B 318 -12.09 2.44 -46.56
C LEU B 318 -10.72 2.99 -46.17
N GLY B 319 -9.92 3.30 -47.18
CA GLY B 319 -8.59 3.84 -46.95
C GLY B 319 -8.60 5.33 -46.81
N ASP B 320 -9.77 5.92 -46.54
CA ASP B 320 -9.90 7.37 -46.48
C ASP B 320 -8.86 7.97 -45.52
N LEU B 321 -7.94 8.75 -46.10
CA LEU B 321 -6.79 9.28 -45.39
C LEU B 321 -7.12 10.43 -44.45
N ARG B 322 -8.40 10.72 -44.25
CA ARG B 322 -8.79 11.73 -43.28
C ARG B 322 -8.54 11.20 -41.87
N THR B 323 -8.47 9.88 -41.76
CA THR B 323 -8.04 9.19 -40.54
C THR B 323 -6.70 9.72 -40.04
N LEU B 324 -5.70 9.71 -40.93
CA LEU B 324 -4.36 10.19 -40.59
C LEU B 324 -4.39 11.69 -40.27
N GLU B 325 -5.26 12.41 -40.94
CA GLU B 325 -5.41 13.86 -40.75
C GLU B 325 -5.85 14.16 -39.32
N LEU B 326 -6.77 13.35 -38.80
CA LEU B 326 -7.23 13.46 -37.43
C LEU B 326 -6.07 13.39 -36.43
N LEU B 327 -5.10 12.53 -36.74
CA LEU B 327 -3.91 12.37 -35.92
C LEU B 327 -2.99 13.58 -36.01
N LEU B 328 -2.86 14.10 -37.22
CA LEU B 328 -2.01 15.27 -37.47
C LEU B 328 -2.51 16.52 -36.74
N ILE B 329 -3.82 16.61 -36.53
CA ILE B 329 -4.37 17.66 -35.66
C ILE B 329 -3.85 17.46 -34.25
N CYS B 330 -3.96 16.24 -33.74
CA CYS B 330 -3.42 15.90 -32.43
C CYS B 330 -1.94 16.16 -32.36
N ALA B 331 -1.25 15.91 -33.48
CA ALA B 331 0.20 16.08 -33.55
C ALA B 331 0.59 17.55 -33.37
N GLY B 332 -0.33 18.46 -33.69
CA GLY B 332 -0.04 19.88 -33.60
C GLY B 332 -0.18 20.42 -32.19
N HIS B 333 -0.76 19.62 -31.30
CA HIS B 333 -1.01 20.05 -29.94
C HIS B 333 0.27 20.37 -29.16
N PRO B 334 0.26 21.49 -28.42
CA PRO B 334 1.43 21.94 -27.63
C PRO B 334 1.83 20.97 -26.51
N GLN B 335 0.92 20.08 -26.13
CA GLN B 335 1.18 19.11 -25.07
C GLN B 335 1.62 17.78 -25.66
N TYR B 336 2.86 17.37 -25.36
CA TYR B 336 3.45 16.22 -26.01
C TYR B 336 2.82 14.90 -25.56
N GLU B 337 2.08 14.94 -24.45
CA GLU B 337 1.36 13.78 -23.97
C GLU B 337 0.17 13.46 -24.87
N VAL B 338 -0.19 14.41 -25.73
CA VAL B 338 -1.30 14.20 -26.63
C VAL B 338 -0.88 13.39 -27.84
N VAL B 339 0.31 13.68 -28.37
CA VAL B 339 0.72 13.09 -29.63
C VAL B 339 1.29 11.67 -29.48
N GLU B 340 1.93 11.41 -28.34
CA GLU B 340 2.57 10.11 -28.10
C GLU B 340 1.55 8.97 -27.99
N ILE B 341 0.29 9.34 -27.75
CA ILE B 341 -0.82 8.40 -27.78
C ILE B 341 -0.88 7.66 -29.11
N SER B 342 -0.51 8.35 -30.19
CA SER B 342 -0.69 7.82 -31.53
C SER B 342 0.54 7.07 -32.06
N PHE B 343 1.63 7.16 -31.32
CA PHE B 343 2.92 6.60 -31.76
C PHE B 343 2.88 5.12 -32.18
N ASN B 344 2.14 4.30 -31.45
CA ASN B 344 2.09 2.87 -31.74
C ASN B 344 1.46 2.57 -33.10
N PHE B 345 0.45 3.34 -33.50
CA PHE B 345 -0.12 3.18 -34.84
C PHE B 345 0.88 3.56 -35.93
N TRP B 346 1.58 4.67 -35.74
CA TRP B 346 2.60 5.11 -36.71
C TRP B 346 3.69 4.06 -36.89
N TYR B 347 4.16 3.50 -35.78
CA TYR B 347 5.10 2.37 -35.83
C TYR B 347 4.55 1.26 -36.70
N ARG B 348 3.34 0.84 -36.39
CA ARG B 348 2.70 -0.29 -37.04
C ARG B 348 2.39 -0.01 -38.50
N LEU B 349 1.98 1.22 -38.79
CA LEU B 349 1.70 1.64 -40.16
C LEU B 349 2.94 1.55 -41.03
N GLY B 350 4.06 2.09 -40.56
CA GLY B 350 5.31 2.01 -41.27
C GLY B 350 5.75 0.58 -41.47
N GLU B 351 5.53 -0.25 -40.44
CA GLU B 351 5.90 -1.66 -40.48
C GLU B 351 5.17 -2.44 -41.57
N HIS B 352 3.88 -2.18 -41.74
CA HIS B 352 3.09 -2.87 -42.75
C HIS B 352 3.45 -2.43 -44.16
N LEU B 353 3.74 -1.14 -44.31
CA LEU B 353 4.18 -0.58 -45.59
C LEU B 353 5.53 -1.16 -45.99
N TYR B 354 6.42 -1.30 -45.01
CA TYR B 354 7.75 -1.82 -45.25
C TYR B 354 7.70 -3.28 -45.73
N LYS B 355 6.86 -4.08 -45.08
CA LYS B 355 6.75 -5.51 -45.35
C LYS B 355 6.34 -5.80 -46.79
N THR B 356 5.18 -5.29 -47.19
CA THR B 356 4.77 -5.39 -48.58
C THR B 356 5.56 -4.38 -49.39
N ASN B 357 6.73 -4.81 -49.89
CA ASN B 357 7.66 -3.92 -50.54
C ASN B 357 7.13 -3.43 -51.90
N ASP B 358 6.11 -2.59 -51.81
CA ASP B 358 5.49 -1.96 -52.98
C ASP B 358 5.49 -0.45 -52.82
N GLU B 359 6.65 0.18 -53.05
CA GLU B 359 6.78 1.62 -52.81
C GLU B 359 5.97 2.45 -53.82
N VAL B 360 5.20 1.76 -54.65
CA VAL B 360 4.21 2.39 -55.51
C VAL B 360 3.24 3.21 -54.64
N ILE B 361 2.92 2.67 -53.47
CA ILE B 361 1.95 3.26 -52.56
C ILE B 361 2.56 4.37 -51.68
N HIS B 362 3.86 4.27 -51.39
CA HIS B 362 4.52 5.15 -50.42
C HIS B 362 4.33 6.65 -50.67
N GLY B 363 4.17 7.02 -51.94
CA GLY B 363 4.05 8.42 -52.31
C GLY B 363 2.88 9.16 -51.70
N ILE B 364 1.78 8.44 -51.48
CA ILE B 364 0.59 9.06 -50.91
C ILE B 364 0.84 9.45 -49.44
N PHE B 365 1.74 8.72 -48.79
CA PHE B 365 2.00 8.91 -47.37
C PHE B 365 3.06 9.96 -47.09
N LYS B 366 3.95 10.18 -48.05
CA LYS B 366 5.12 11.02 -47.86
C LYS B 366 4.75 12.40 -47.29
N ALA B 367 3.73 13.02 -47.86
CA ALA B 367 3.31 14.34 -47.42
C ALA B 367 2.77 14.30 -46.00
N TYR B 368 2.12 13.19 -45.66
CA TYR B 368 1.54 13.02 -44.34
C TYR B 368 2.59 12.81 -43.26
N ILE B 369 3.58 11.98 -43.56
CA ILE B 369 4.65 11.66 -42.63
C ILE B 369 5.55 12.86 -42.32
N GLN B 370 5.81 13.66 -43.33
CA GLN B 370 6.70 14.81 -43.17
C GLN B 370 6.00 15.92 -42.39
N ARG B 371 4.68 15.92 -42.43
CA ARG B 371 3.89 16.82 -41.58
C ARG B 371 4.05 16.39 -40.13
N LEU B 372 3.97 15.08 -39.89
CA LEU B 372 4.19 14.50 -38.57
C LEU B 372 5.58 14.88 -38.07
N LEU B 373 6.57 14.78 -38.94
CA LEU B 373 7.95 15.06 -38.59
C LEU B 373 8.12 16.51 -38.12
N HIS B 374 7.47 17.44 -38.82
CA HIS B 374 7.53 18.84 -38.43
C HIS B 374 6.84 19.05 -37.09
N ALA B 375 5.78 18.29 -36.85
CA ALA B 375 5.07 18.34 -35.58
C ALA B 375 5.95 17.82 -34.45
N LEU B 376 6.72 16.77 -34.73
CA LEU B 376 7.58 16.18 -33.72
C LEU B 376 8.84 17.00 -33.48
N ALA B 377 9.33 17.65 -34.54
CA ALA B 377 10.50 18.52 -34.44
C ALA B 377 10.22 19.66 -33.48
N ARG B 378 9.01 20.22 -33.56
CA ARG B 378 8.62 21.33 -32.71
C ARG B 378 8.35 20.83 -31.29
N HIS B 379 7.87 19.60 -31.17
CA HIS B 379 7.67 18.98 -29.86
C HIS B 379 8.97 18.72 -29.10
N CYS B 380 10.08 18.64 -29.84
CA CYS B 380 11.38 18.38 -29.25
C CYS B 380 12.06 19.64 -28.73
N GLN B 381 11.40 20.79 -28.92
CA GLN B 381 11.95 22.06 -28.51
C GLN B 381 11.93 22.25 -27.00
N LEU B 382 13.09 22.54 -26.42
CA LEU B 382 13.21 22.87 -25.01
C LEU B 382 12.69 24.28 -24.74
N GLU B 383 12.37 24.56 -23.48
CA GLU B 383 11.95 25.90 -23.08
C GLU B 383 13.12 26.86 -23.27
N PRO B 384 12.85 28.04 -23.85
CA PRO B 384 13.88 29.04 -24.17
C PRO B 384 14.74 29.48 -22.97
N ASP B 385 14.22 29.33 -21.75
CA ASP B 385 14.98 29.67 -20.55
C ASP B 385 15.69 28.48 -19.92
N HIS B 386 15.94 27.43 -20.71
CA HIS B 386 16.62 26.24 -20.22
C HIS B 386 18.12 26.49 -20.05
N GLU B 387 18.63 26.15 -18.87
CA GLU B 387 20.00 26.52 -18.48
C GLU B 387 21.08 25.52 -18.88
N GLY B 388 20.89 24.24 -18.60
CA GLY B 388 21.95 23.27 -18.82
C GLY B 388 21.84 22.42 -20.07
N VAL B 389 22.33 21.19 -19.99
CA VAL B 389 22.23 20.25 -21.10
C VAL B 389 20.85 19.61 -21.16
N PRO B 390 20.46 19.08 -22.34
CA PRO B 390 19.20 18.33 -22.37
C PRO B 390 19.34 17.00 -21.64
N GLU B 391 18.68 16.86 -20.49
CA GLU B 391 18.75 15.60 -19.73
C GLU B 391 17.85 14.54 -20.35
N GLU B 392 18.37 13.32 -20.49
CA GLU B 392 17.62 12.23 -21.09
C GLU B 392 16.77 11.50 -20.05
N THR B 393 17.18 11.59 -18.79
CA THR B 393 16.52 10.85 -17.72
C THR B 393 15.12 11.37 -17.39
N ASP B 394 14.93 12.69 -17.48
CA ASP B 394 13.64 13.29 -17.10
C ASP B 394 12.50 12.91 -18.05
N ASP B 395 11.28 13.26 -17.66
CA ASP B 395 10.08 12.91 -18.42
C ASP B 395 10.08 13.37 -19.88
N PHE B 396 10.57 14.59 -20.11
CA PHE B 396 10.55 15.16 -21.45
C PHE B 396 11.68 14.62 -22.32
N GLY B 397 12.84 14.40 -21.70
CA GLY B 397 13.96 13.79 -22.39
C GLY B 397 13.61 12.39 -22.83
N GLU B 398 12.71 11.75 -22.09
CA GLU B 398 12.19 10.43 -22.44
C GLU B 398 11.33 10.47 -23.70
N PHE B 399 10.47 11.48 -23.79
CA PHE B 399 9.58 11.63 -24.95
C PHE B 399 10.40 11.82 -26.22
N ARG B 400 11.46 12.62 -26.12
CA ARG B 400 12.36 12.90 -27.24
C ARG B 400 12.97 11.61 -27.78
N MET B 401 13.31 10.69 -26.87
CA MET B 401 13.91 9.41 -27.25
C MET B 401 12.90 8.56 -28.01
N ARG B 402 11.66 8.61 -27.54
CA ARG B 402 10.56 7.93 -28.21
C ARG B 402 10.28 8.56 -29.58
N VAL B 403 10.57 9.85 -29.71
CA VAL B 403 10.43 10.54 -30.98
C VAL B 403 11.55 10.11 -31.92
N SER B 404 12.77 10.11 -31.40
CA SER B 404 13.94 9.67 -32.15
C SER B 404 13.75 8.25 -32.71
N ASP B 405 13.21 7.34 -31.90
CA ASP B 405 12.99 5.97 -32.33
C ASP B 405 11.87 5.86 -33.36
N LEU B 406 10.84 6.70 -33.22
CA LEU B 406 9.72 6.67 -34.15
C LEU B 406 10.15 7.24 -35.49
N VAL B 407 10.99 8.26 -35.44
CA VAL B 407 11.51 8.90 -36.64
C VAL B 407 12.41 7.94 -37.42
N LYS B 408 13.27 7.20 -36.71
CA LYS B 408 14.15 6.21 -37.34
C LYS B 408 13.37 5.19 -38.15
N ASP B 409 12.20 4.80 -37.65
CA ASP B 409 11.42 3.73 -38.25
C ASP B 409 10.51 4.20 -39.38
N LEU B 410 10.23 5.50 -39.41
CA LEU B 410 9.34 6.06 -40.43
C LEU B 410 10.08 6.88 -41.47
N ILE B 411 11.37 7.12 -41.25
CA ILE B 411 12.15 8.00 -42.12
C ILE B 411 12.27 7.49 -43.56
N PHE B 412 12.10 6.18 -43.76
CA PHE B 412 12.25 5.59 -45.10
C PHE B 412 11.11 5.96 -46.05
N LEU B 413 10.01 6.46 -45.50
CA LEU B 413 8.83 6.85 -46.28
C LEU B 413 8.91 8.27 -46.87
N ILE B 414 9.88 9.05 -46.40
CA ILE B 414 10.09 10.42 -46.90
C ILE B 414 11.29 10.46 -47.84
N GLY B 415 12.31 9.69 -47.50
CA GLY B 415 13.60 9.74 -48.19
C GLY B 415 14.57 10.35 -47.21
N SER B 416 15.52 9.54 -46.76
CA SER B 416 16.46 9.94 -45.72
C SER B 416 17.30 11.15 -46.15
N MET B 417 17.73 11.16 -47.40
CA MET B 417 18.54 12.27 -47.92
C MET B 417 17.70 13.55 -48.01
N GLU B 418 16.54 13.43 -48.66
CA GLU B 418 15.60 14.55 -48.81
C GLU B 418 15.30 15.28 -47.51
N CYS B 419 15.03 14.51 -46.46
CA CYS B 419 14.64 15.06 -45.16
C CYS B 419 15.79 15.73 -44.42
N PHE B 420 16.96 15.09 -44.43
CA PHE B 420 18.13 15.58 -43.70
C PHE B 420 18.51 16.96 -44.22
N ALA B 421 18.52 17.10 -45.55
CA ALA B 421 18.90 18.34 -46.20
C ALA B 421 17.92 19.47 -45.91
N GLN B 422 16.62 19.20 -46.01
CA GLN B 422 15.60 20.22 -45.77
C GLN B 422 15.64 20.73 -44.33
N LEU B 423 15.92 19.85 -43.38
CA LEU B 423 16.04 20.25 -41.98
C LEU B 423 17.21 21.23 -41.81
N TYR B 424 18.31 20.95 -42.49
CA TYR B 424 19.49 21.80 -42.39
C TYR B 424 19.26 23.15 -43.04
N SER B 425 18.58 23.14 -44.19
CA SER B 425 18.26 24.37 -44.93
C SER B 425 17.63 25.40 -44.01
N THR B 426 16.57 24.98 -43.33
CA THR B 426 15.78 25.87 -42.49
C THR B 426 16.55 26.47 -41.30
N LEU B 427 17.85 26.17 -41.20
CA LEU B 427 18.62 26.56 -40.02
C LEU B 427 19.51 27.79 -40.24
N LYS B 428 19.02 28.73 -41.03
CA LYS B 428 19.68 30.03 -41.21
C LYS B 428 18.59 31.05 -41.50
N GLU B 429 17.49 30.56 -42.06
CA GLU B 429 16.27 31.35 -42.21
C GLU B 429 15.66 31.69 -40.86
N GLY B 430 15.38 32.97 -40.64
CA GLY B 430 14.50 33.37 -39.56
C GLY B 430 15.17 33.68 -38.24
N ASN B 431 16.50 33.72 -38.24
CA ASN B 431 17.25 34.12 -37.05
C ASN B 431 16.87 33.22 -35.89
N PRO B 432 17.20 31.92 -35.97
CA PRO B 432 16.43 30.99 -35.15
C PRO B 432 16.90 30.97 -33.70
N PRO B 433 15.95 30.80 -32.76
CA PRO B 433 16.38 30.80 -31.37
C PRO B 433 17.08 29.49 -31.06
N TRP B 434 17.93 29.50 -30.05
CA TRP B 434 18.76 28.35 -29.72
C TRP B 434 17.95 27.06 -29.58
N GLU B 435 16.75 27.18 -29.02
CA GLU B 435 15.91 26.01 -28.75
C GLU B 435 15.26 25.43 -30.01
N VAL B 436 15.17 26.22 -31.08
CA VAL B 436 14.62 25.73 -32.34
C VAL B 436 15.74 25.06 -33.15
N THR B 437 16.97 25.53 -32.93
CA THR B 437 18.14 24.95 -33.59
C THR B 437 18.44 23.57 -33.01
N GLU B 438 18.49 23.50 -31.68
CA GLU B 438 18.73 22.26 -30.94
C GLU B 438 17.77 21.14 -31.34
N ALA B 439 16.48 21.44 -31.38
CA ALA B 439 15.45 20.45 -31.68
C ALA B 439 15.61 19.94 -33.12
N VAL B 440 16.01 20.83 -34.02
CA VAL B 440 16.26 20.46 -35.42
C VAL B 440 17.53 19.62 -35.52
N LEU B 441 18.53 19.98 -34.71
CA LEU B 441 19.78 19.23 -34.61
C LEU B 441 19.51 17.84 -34.06
N PHE B 442 18.52 17.75 -33.18
CA PHE B 442 18.17 16.51 -32.50
C PHE B 442 17.56 15.48 -33.45
N ILE B 443 16.64 15.94 -34.29
CA ILE B 443 16.01 15.09 -35.29
C ILE B 443 17.00 14.75 -36.40
N MET B 444 17.96 15.64 -36.61
CA MET B 444 19.00 15.40 -37.59
C MET B 444 19.91 14.26 -37.15
N ALA B 445 20.23 14.24 -35.87
CA ALA B 445 21.06 13.17 -35.31
C ALA B 445 20.33 11.83 -35.37
N ALA B 446 19.01 11.88 -35.23
CA ALA B 446 18.18 10.68 -35.26
C ALA B 446 18.25 9.94 -36.59
N ILE B 447 18.47 10.68 -37.67
CA ILE B 447 18.44 10.12 -39.00
C ILE B 447 19.80 10.12 -39.67
N ALA B 448 20.77 10.72 -39.01
CA ALA B 448 22.10 10.93 -39.58
C ALA B 448 22.83 9.63 -39.96
N LYS B 449 22.45 8.52 -39.36
CA LYS B 449 23.11 7.25 -39.67
C LYS B 449 22.59 6.61 -40.96
N SER B 450 21.28 6.67 -41.18
CA SER B 450 20.67 6.00 -42.33
C SER B 450 20.81 6.76 -43.65
N VAL B 451 21.33 7.98 -43.59
CA VAL B 451 21.47 8.80 -44.79
C VAL B 451 22.60 8.26 -45.66
N ASP B 452 22.30 7.99 -46.93
CA ASP B 452 23.27 7.42 -47.85
C ASP B 452 24.39 8.42 -48.10
N PRO B 453 25.65 7.96 -48.01
CA PRO B 453 26.80 8.85 -48.20
C PRO B 453 27.18 9.05 -49.67
N GLU B 454 26.27 8.69 -50.58
CA GLU B 454 26.48 8.89 -52.01
C GLU B 454 26.41 10.37 -52.35
N ASN B 455 25.31 11.01 -51.95
CA ASN B 455 25.16 12.44 -52.12
C ASN B 455 25.92 13.15 -50.99
N ASN B 456 27.24 13.03 -51.07
CA ASN B 456 28.18 13.61 -50.11
C ASN B 456 28.15 15.14 -49.93
N PRO B 457 27.97 15.92 -51.03
CA PRO B 457 28.03 17.38 -50.87
C PRO B 457 27.08 17.97 -49.82
N THR B 458 25.82 17.57 -49.86
CA THR B 458 24.85 18.06 -48.89
C THR B 458 25.14 17.53 -47.49
N LEU B 459 25.79 16.37 -47.42
CA LEU B 459 26.12 15.74 -46.15
C LEU B 459 27.34 16.38 -45.50
N VAL B 460 28.38 16.59 -46.30
CA VAL B 460 29.65 17.10 -45.81
C VAL B 460 29.59 18.59 -45.48
N GLU B 461 28.59 19.29 -46.02
CA GLU B 461 28.45 20.71 -45.74
C GLU B 461 27.72 20.92 -44.41
N VAL B 462 26.90 19.94 -44.04
CA VAL B 462 26.24 19.94 -42.74
C VAL B 462 27.31 19.80 -41.67
N LEU B 463 28.24 18.90 -41.91
CA LEU B 463 29.36 18.65 -41.02
C LEU B 463 30.21 19.91 -40.83
N GLU B 464 30.49 20.62 -41.93
CA GLU B 464 31.28 21.84 -41.85
C GLU B 464 30.56 22.96 -41.11
N GLY B 465 29.23 22.95 -41.15
CA GLY B 465 28.46 23.95 -40.42
C GLY B 465 28.48 23.74 -38.92
N VAL B 466 28.45 22.48 -38.49
CA VAL B 466 28.41 22.14 -37.08
C VAL B 466 29.78 22.37 -36.41
N VAL B 467 30.85 22.11 -37.15
CA VAL B 467 32.20 22.26 -36.60
C VAL B 467 32.63 23.71 -36.47
N ARG B 468 31.99 24.61 -37.23
CA ARG B 468 32.36 26.01 -37.19
C ARG B 468 31.57 26.80 -36.13
N LEU B 469 30.65 26.13 -35.45
CA LEU B 469 29.94 26.74 -34.32
C LEU B 469 30.90 27.10 -33.18
N PRO B 470 30.76 28.32 -32.67
CA PRO B 470 31.58 28.85 -31.56
C PRO B 470 31.15 28.26 -30.21
N GLU B 471 31.98 28.43 -29.18
CA GLU B 471 31.63 27.98 -27.84
C GLU B 471 30.50 28.84 -27.26
N THR B 472 30.34 30.04 -27.82
CA THR B 472 29.38 31.01 -27.31
C THR B 472 27.94 30.51 -27.39
N VAL B 473 27.66 29.64 -28.36
CA VAL B 473 26.31 29.11 -28.56
C VAL B 473 25.82 28.39 -27.30
N HIS B 474 24.50 28.24 -27.19
CA HIS B 474 23.88 27.63 -26.01
C HIS B 474 24.43 26.23 -25.72
N THR B 475 24.58 25.92 -24.44
CA THR B 475 25.09 24.63 -23.98
C THR B 475 24.36 23.45 -24.62
N ALA B 476 23.02 23.51 -24.61
CA ALA B 476 22.19 22.44 -25.16
C ALA B 476 22.37 22.29 -26.67
N VAL B 477 22.73 23.37 -27.34
CA VAL B 477 22.99 23.32 -28.77
C VAL B 477 24.35 22.69 -29.02
N ARG B 478 25.31 23.02 -28.14
CA ARG B 478 26.65 22.44 -28.19
C ARG B 478 26.62 20.93 -27.96
N TYR B 479 25.75 20.50 -27.07
CA TYR B 479 25.61 19.11 -26.67
C TYR B 479 25.05 18.26 -27.82
N THR B 480 23.91 18.70 -28.36
CA THR B 480 23.22 17.97 -29.41
C THR B 480 24.04 17.95 -30.70
N SER B 481 24.82 19.00 -30.91
CA SER B 481 25.66 19.09 -32.09
C SER B 481 26.85 18.12 -31.98
N ILE B 482 27.26 17.85 -30.75
CA ILE B 482 28.31 16.84 -30.50
C ILE B 482 27.80 15.44 -30.84
N GLU B 483 26.56 15.14 -30.45
CA GLU B 483 25.94 13.85 -30.78
C GLU B 483 25.63 13.73 -32.27
N LEU B 484 25.29 14.84 -32.91
CA LEU B 484 25.04 14.85 -34.36
C LEU B 484 26.32 14.51 -35.09
N VAL B 485 27.42 15.13 -34.66
CA VAL B 485 28.74 14.86 -35.20
C VAL B 485 29.10 13.38 -35.05
N GLY B 486 28.82 12.85 -33.87
CA GLY B 486 29.06 11.45 -33.57
C GLY B 486 28.31 10.49 -34.49
N GLU B 487 27.09 10.86 -34.87
CA GLU B 487 26.28 10.02 -35.75
C GLU B 487 26.73 10.13 -37.19
N MET B 488 27.58 11.12 -37.46
CA MET B 488 28.06 11.39 -38.80
C MET B 488 29.51 10.99 -38.93
N SER B 489 29.80 9.72 -38.66
CA SER B 489 31.17 9.24 -38.70
C SER B 489 31.57 8.78 -40.09
N GLU B 490 30.60 8.35 -40.89
CA GLU B 490 30.88 7.91 -42.25
C GLU B 490 31.17 9.08 -43.19
N VAL B 491 30.66 10.26 -42.85
CA VAL B 491 30.90 11.43 -43.68
C VAL B 491 32.29 12.01 -43.37
N VAL B 492 32.77 11.74 -42.16
CA VAL B 492 34.12 12.11 -41.77
C VAL B 492 35.09 11.05 -42.29
N ASP B 493 34.54 9.88 -42.59
CA ASP B 493 35.34 8.76 -43.07
C ASP B 493 35.62 8.89 -44.57
N ARG B 494 34.67 9.41 -45.32
CA ARG B 494 34.84 9.59 -46.76
C ARG B 494 35.50 10.94 -47.07
N ASN B 495 35.48 11.84 -46.10
CA ASN B 495 36.12 13.15 -46.22
C ASN B 495 37.10 13.39 -45.07
N PRO B 496 38.24 12.68 -45.11
CA PRO B 496 39.22 12.63 -44.01
C PRO B 496 39.79 13.99 -43.61
N GLN B 497 39.59 15.01 -44.44
CA GLN B 497 40.09 16.34 -44.15
C GLN B 497 39.35 16.96 -42.96
N PHE B 498 38.11 16.51 -42.76
CA PHE B 498 37.27 17.04 -41.70
C PHE B 498 37.57 16.39 -40.36
N LEU B 499 38.45 15.39 -40.36
CA LEU B 499 38.80 14.68 -39.14
C LEU B 499 39.30 15.64 -38.07
N ASP B 500 40.26 16.48 -38.43
CA ASP B 500 40.86 17.44 -37.49
C ASP B 500 39.91 18.55 -37.00
N PRO B 501 39.11 19.17 -37.91
CA PRO B 501 38.12 20.11 -37.36
C PRO B 501 37.13 19.42 -36.42
N VAL B 502 36.66 18.25 -36.82
CA VAL B 502 35.73 17.47 -36.00
C VAL B 502 36.36 17.10 -34.66
N LEU B 503 37.58 16.56 -34.71
CA LEU B 503 38.31 16.20 -33.51
C LEU B 503 38.45 17.37 -32.55
N GLY B 504 38.90 18.50 -33.09
CA GLY B 504 39.09 19.72 -32.32
C GLY B 504 37.83 20.26 -31.67
N TYR B 505 36.73 20.19 -32.41
CA TYR B 505 35.42 20.60 -31.89
C TYR B 505 35.03 19.70 -30.72
N LEU B 506 35.28 18.41 -30.90
CA LEU B 506 35.00 17.42 -29.86
C LEU B 506 35.96 17.58 -28.69
N MET B 507 37.21 17.92 -28.99
CA MET B 507 38.21 18.17 -27.96
C MET B 507 37.74 19.29 -27.05
N LYS B 508 37.05 20.27 -27.65
CA LYS B 508 36.48 21.37 -26.89
C LYS B 508 35.39 20.86 -25.95
N GLY B 509 34.50 20.02 -26.48
CA GLY B 509 33.42 19.46 -25.69
C GLY B 509 33.92 18.59 -24.54
N LEU B 510 34.98 17.83 -24.80
CA LEU B 510 35.57 16.97 -23.77
C LEU B 510 36.13 17.81 -22.62
N CYS B 511 36.68 18.97 -22.95
CA CYS B 511 37.29 19.85 -21.95
C CYS B 511 36.28 20.71 -21.20
N GLU B 512 35.02 20.64 -21.60
CA GLU B 512 33.96 21.28 -20.83
C GLU B 512 33.20 20.22 -20.04
N LYS B 513 33.17 20.44 -18.72
CA LYS B 513 32.66 19.46 -17.75
C LYS B 513 31.28 18.85 -18.08
N PRO B 514 30.26 19.67 -18.41
CA PRO B 514 28.95 19.06 -18.61
C PRO B 514 28.78 18.45 -20.02
N LEU B 515 29.82 18.54 -20.84
CA LEU B 515 29.77 18.06 -22.21
C LEU B 515 30.68 16.85 -22.43
N ALA B 516 31.46 16.50 -21.41
CA ALA B 516 32.48 15.47 -21.51
C ALA B 516 31.96 14.10 -21.96
N SER B 517 30.98 13.56 -21.23
CA SER B 517 30.48 12.22 -21.52
C SER B 517 29.96 12.10 -22.94
N ALA B 518 29.22 13.11 -23.41
CA ALA B 518 28.71 13.12 -24.77
C ALA B 518 29.83 13.24 -25.79
N ALA B 519 30.84 14.04 -25.46
CA ALA B 519 32.00 14.23 -26.34
C ALA B 519 32.83 12.95 -26.48
N ALA B 520 33.22 12.35 -25.35
CA ALA B 520 34.01 11.12 -25.36
C ALA B 520 33.33 9.99 -26.14
N LYS B 521 32.02 9.87 -25.99
CA LYS B 521 31.24 8.91 -26.76
C LYS B 521 31.32 9.21 -28.24
N ALA B 522 31.19 10.49 -28.60
CA ALA B 522 31.27 10.90 -29.99
C ALA B 522 32.67 10.66 -30.56
N ILE B 523 33.68 10.91 -29.74
CA ILE B 523 35.06 10.64 -30.12
C ILE B 523 35.25 9.15 -30.43
N HIS B 524 34.70 8.30 -29.57
CA HIS B 524 34.77 6.85 -29.76
C HIS B 524 34.21 6.40 -31.12
N ASN B 525 33.09 6.99 -31.52
CA ASN B 525 32.52 6.70 -32.83
C ASN B 525 33.50 7.05 -33.93
N ILE B 526 34.14 8.21 -33.79
CA ILE B 526 35.13 8.65 -34.75
C ILE B 526 36.30 7.67 -34.79
N CYS B 527 36.82 7.35 -33.61
CA CYS B 527 37.92 6.40 -33.46
C CYS B 527 37.65 5.03 -34.08
N SER B 528 36.42 4.56 -33.99
CA SER B 528 36.05 3.24 -34.48
C SER B 528 35.92 3.16 -36.00
N VAL B 529 35.33 4.18 -36.59
CA VAL B 529 35.07 4.19 -38.03
C VAL B 529 36.29 4.65 -38.82
N CYS B 530 37.00 5.65 -38.29
CA CYS B 530 38.15 6.23 -38.97
C CYS B 530 39.47 5.78 -38.37
N ARG B 531 39.57 4.50 -38.07
CA ARG B 531 40.78 3.96 -37.44
C ARG B 531 41.88 3.71 -38.48
N ASP B 532 41.49 3.47 -39.73
CA ASP B 532 42.43 3.12 -40.79
C ASP B 532 43.55 4.15 -40.96
N HIS B 533 43.21 5.43 -40.84
CA HIS B 533 44.18 6.50 -40.99
C HIS B 533 44.13 7.49 -39.84
N MET B 534 44.48 7.02 -38.65
CA MET B 534 44.53 7.87 -37.47
C MET B 534 45.78 7.57 -36.64
N ALA B 535 46.77 6.96 -37.29
CA ALA B 535 48.01 6.61 -36.61
C ALA B 535 48.69 7.84 -36.03
N GLN B 536 48.49 8.97 -36.69
CA GLN B 536 49.09 10.23 -36.27
C GLN B 536 48.45 10.75 -34.98
N HIS B 537 47.13 10.61 -34.88
CA HIS B 537 46.37 11.20 -33.79
C HIS B 537 46.49 10.40 -32.49
N PHE B 538 47.09 9.21 -32.59
CA PHE B 538 47.24 8.33 -31.44
C PHE B 538 47.96 9.01 -30.29
N ASN B 539 48.94 9.85 -30.63
CA ASN B 539 49.71 10.63 -29.67
C ASN B 539 48.83 11.50 -28.75
N GLY B 540 47.80 12.08 -29.34
CA GLY B 540 46.88 12.93 -28.61
C GLY B 540 45.95 12.13 -27.72
N LEU B 541 45.42 11.04 -28.27
CA LEU B 541 44.50 10.17 -27.55
C LEU B 541 45.13 9.62 -26.29
N LEU B 542 46.40 9.24 -26.38
CA LEU B 542 47.13 8.71 -25.23
C LEU B 542 47.26 9.75 -24.12
N GLU B 543 47.42 11.02 -24.49
CA GLU B 543 47.55 12.08 -23.50
C GLU B 543 46.19 12.31 -22.82
N ILE B 544 45.12 12.06 -23.55
CA ILE B 544 43.78 12.07 -22.98
C ILE B 544 43.66 10.93 -21.97
N ALA B 545 44.11 9.75 -22.38
CA ALA B 545 44.13 8.56 -21.53
C ALA B 545 44.97 8.80 -20.28
N ARG B 546 46.10 9.47 -20.46
CA ARG B 546 47.05 9.74 -19.39
C ARG B 546 46.43 10.54 -18.23
N SER B 547 45.37 11.28 -18.56
CA SER B 547 44.64 12.08 -17.57
C SER B 547 43.13 11.94 -17.78
N LEU B 548 42.68 10.69 -17.94
CA LEU B 548 41.29 10.38 -18.21
C LEU B 548 40.34 10.85 -17.10
N ASP B 549 40.77 10.67 -15.85
CA ASP B 549 39.91 10.97 -14.70
C ASP B 549 39.81 12.47 -14.40
N SER B 550 40.37 13.30 -15.28
CA SER B 550 40.30 14.75 -15.09
C SER B 550 39.07 15.36 -15.75
N PHE B 551 38.55 14.69 -16.77
CA PHE B 551 37.47 15.23 -17.58
C PHE B 551 36.07 15.03 -16.99
N LEU B 552 36.01 14.47 -15.77
CA LEU B 552 34.73 14.17 -15.12
C LEU B 552 33.82 13.33 -16.02
N LEU B 553 34.31 12.16 -16.43
CA LEU B 553 33.55 11.30 -17.33
C LEU B 553 32.68 10.29 -16.59
N SER B 554 31.66 9.79 -17.27
CA SER B 554 30.93 8.64 -16.80
C SER B 554 31.79 7.40 -17.08
N PRO B 555 31.62 6.33 -16.26
CA PRO B 555 32.33 5.07 -16.45
C PRO B 555 32.17 4.52 -17.87
N GLU B 556 30.96 4.62 -18.40
CA GLU B 556 30.66 4.14 -19.73
C GLU B 556 31.48 4.94 -20.75
N ALA B 557 31.41 6.26 -20.63
CA ALA B 557 32.14 7.15 -21.53
C ALA B 557 33.65 7.01 -21.40
N ALA B 558 34.12 6.74 -20.18
CA ALA B 558 35.53 6.53 -19.93
C ALA B 558 36.04 5.30 -20.65
N VAL B 559 35.39 4.16 -20.40
CA VAL B 559 35.74 2.92 -21.07
C VAL B 559 35.65 3.05 -22.58
N GLY B 560 34.57 3.69 -23.05
CA GLY B 560 34.35 3.85 -24.47
C GLY B 560 35.44 4.66 -25.13
N LEU B 561 35.99 5.62 -24.39
CA LEU B 561 37.08 6.43 -24.88
C LEU B 561 38.32 5.56 -25.08
N LEU B 562 38.75 4.91 -24.01
CA LEU B 562 39.87 3.97 -24.08
C LEU B 562 39.63 2.88 -25.12
N LYS B 563 38.38 2.49 -25.31
CA LYS B 563 38.05 1.50 -26.34
C LYS B 563 38.44 2.03 -27.70
N GLY B 564 38.10 3.30 -27.94
CA GLY B 564 38.40 3.95 -29.21
C GLY B 564 39.90 3.96 -29.49
N THR B 565 40.67 4.46 -28.53
CA THR B 565 42.12 4.57 -28.68
C THR B 565 42.80 3.21 -28.83
N ALA B 566 42.19 2.18 -28.27
CA ALA B 566 42.73 0.82 -28.38
C ALA B 566 42.44 0.24 -29.76
N LEU B 567 41.37 0.72 -30.39
CA LEU B 567 40.97 0.25 -31.71
C LEU B 567 41.91 0.73 -32.80
N VAL B 568 42.49 1.91 -32.60
CA VAL B 568 43.42 2.47 -33.58
C VAL B 568 44.85 1.98 -33.32
N LEU B 569 45.11 1.59 -32.07
CA LEU B 569 46.39 1.01 -31.69
C LEU B 569 46.68 -0.27 -32.46
N ALA B 570 45.63 -1.04 -32.74
CA ALA B 570 45.78 -2.29 -33.48
C ALA B 570 46.17 -2.04 -34.93
N ARG B 571 45.94 -0.82 -35.41
CA ARG B 571 46.23 -0.46 -36.79
C ARG B 571 47.60 0.21 -36.96
N LEU B 572 48.19 0.62 -35.83
CA LEU B 572 49.54 1.17 -35.79
C LEU B 572 50.55 0.17 -36.35
N PRO B 573 51.76 0.65 -36.71
CA PRO B 573 52.83 -0.29 -37.08
C PRO B 573 53.10 -1.28 -35.96
N LEU B 574 53.19 -2.56 -36.28
CA LEU B 574 53.37 -3.63 -35.29
C LEU B 574 54.47 -3.32 -34.27
N ASP B 575 55.48 -2.58 -34.73
CA ASP B 575 56.62 -2.20 -33.90
C ASP B 575 56.19 -1.21 -32.82
N LYS B 576 55.38 -0.23 -33.23
CA LYS B 576 54.96 0.83 -32.33
C LYS B 576 53.82 0.40 -31.42
N ILE B 577 53.18 -0.73 -31.73
CA ILE B 577 52.07 -1.24 -30.92
C ILE B 577 52.48 -1.63 -29.50
N THR B 578 53.44 -2.54 -29.40
CA THR B 578 53.92 -3.04 -28.11
C THR B 578 54.43 -1.94 -27.20
N GLU B 579 54.93 -0.87 -27.81
CA GLU B 579 55.46 0.26 -27.07
C GLU B 579 54.32 1.12 -26.52
N CYS B 580 53.31 1.38 -27.36
CA CYS B 580 52.19 2.24 -26.99
C CYS B 580 51.21 1.50 -26.07
N LEU B 581 51.06 0.20 -26.27
CA LEU B 581 50.17 -0.61 -25.44
C LEU B 581 50.60 -0.57 -23.98
N SER B 582 51.91 -0.69 -23.75
CA SER B 582 52.46 -0.72 -22.40
C SER B 582 52.24 0.60 -21.64
N GLU B 583 52.28 1.71 -22.36
CA GLU B 583 52.01 3.01 -21.75
C GLU B 583 50.51 3.17 -21.46
N LEU B 584 49.69 2.66 -22.36
CA LEU B 584 48.24 2.70 -22.24
C LEU B 584 47.73 2.01 -20.98
N CYS B 585 48.41 0.94 -20.57
CA CYS B 585 47.98 0.15 -19.41
C CYS B 585 48.61 0.67 -18.12
N SER B 586 49.81 1.22 -18.24
CA SER B 586 50.58 1.70 -17.10
C SER B 586 49.86 2.73 -16.25
N VAL B 587 49.09 3.61 -16.89
CA VAL B 587 48.33 4.62 -16.16
C VAL B 587 47.29 3.97 -15.27
N GLN B 588 46.72 2.87 -15.75
CA GLN B 588 45.79 2.06 -14.98
C GLN B 588 46.53 1.31 -13.88
N VAL B 589 47.64 0.68 -14.25
CA VAL B 589 48.47 -0.09 -13.32
C VAL B 589 48.98 0.81 -12.19
N MET B 590 49.34 2.04 -12.52
CA MET B 590 49.78 2.99 -11.50
C MET B 590 48.61 3.31 -10.58
N ALA B 591 47.44 3.53 -11.17
CA ALA B 591 46.25 3.83 -10.40
C ALA B 591 45.87 2.65 -9.51
N LEU B 592 46.03 1.44 -10.03
CA LEU B 592 45.75 0.26 -9.23
C LEU B 592 46.73 0.10 -8.08
N LYS B 593 48.01 0.34 -8.35
CA LYS B 593 49.05 0.21 -7.32
C LYS B 593 48.81 1.15 -6.14
N LYS B 594 48.33 2.37 -6.43
CA LYS B 594 47.98 3.31 -5.38
C LYS B 594 46.87 2.74 -4.50
N LEU B 595 45.92 2.04 -5.14
CA LEU B 595 44.79 1.46 -4.43
C LEU B 595 45.24 0.38 -3.45
N LEU B 596 46.39 -0.22 -3.73
CA LEU B 596 46.94 -1.26 -2.86
C LEU B 596 47.54 -0.66 -1.58
N SER B 597 47.79 0.65 -1.61
CA SER B 597 48.35 1.34 -0.45
C SER B 597 47.41 2.41 0.12
N GLN B 598 46.26 2.60 -0.51
CA GLN B 598 45.23 3.54 -0.04
C GLN B 598 44.89 3.36 1.44
N SER B 605 37.91 5.27 -0.06
CA SER B 605 37.38 3.97 -0.44
C SER B 605 38.08 3.41 -1.68
N SER B 606 38.44 2.14 -1.62
CA SER B 606 39.23 1.53 -2.67
C SER B 606 38.41 0.52 -3.45
N ASP B 607 38.10 0.87 -4.69
CA ASP B 607 37.44 -0.07 -5.59
C ASP B 607 38.18 -0.03 -6.92
N PRO B 608 38.93 -1.09 -7.22
CA PRO B 608 39.74 -1.10 -8.45
C PRO B 608 38.95 -1.36 -9.73
N THR B 609 37.64 -1.54 -9.62
CA THR B 609 36.78 -1.91 -10.75
C THR B 609 37.03 -1.14 -12.04
N VAL B 610 36.98 0.19 -11.93
CA VAL B 610 37.00 1.04 -13.11
C VAL B 610 38.31 0.87 -13.91
N PHE B 611 39.43 0.75 -13.20
CA PHE B 611 40.72 0.54 -13.85
C PHE B 611 40.85 -0.92 -14.31
N LEU B 612 40.22 -1.84 -13.60
CA LEU B 612 40.13 -3.21 -14.05
C LEU B 612 39.35 -3.29 -15.36
N ASP B 613 38.25 -2.53 -15.44
CA ASP B 613 37.41 -2.50 -16.64
C ASP B 613 38.09 -1.75 -17.79
N ARG B 614 38.90 -0.76 -17.44
CA ARG B 614 39.61 0.03 -18.43
C ARG B 614 40.80 -0.75 -18.96
N LEU B 615 41.46 -1.49 -18.08
CA LEU B 615 42.50 -2.41 -18.50
C LEU B 615 41.91 -3.50 -19.39
N ALA B 616 40.79 -4.05 -18.94
CA ALA B 616 40.12 -5.14 -19.64
C ALA B 616 39.74 -4.78 -21.05
N VAL B 617 39.23 -3.56 -21.25
CA VAL B 617 38.77 -3.17 -22.58
C VAL B 617 39.96 -2.93 -23.52
N ILE B 618 41.08 -2.48 -22.96
CA ILE B 618 42.30 -2.29 -23.73
C ILE B 618 42.78 -3.60 -24.34
N PHE B 619 42.94 -4.63 -23.50
CA PHE B 619 43.32 -5.98 -23.96
C PHE B 619 42.32 -6.50 -24.97
N ARG B 620 41.05 -6.30 -24.68
CA ARG B 620 39.95 -6.82 -25.49
C ARG B 620 39.97 -6.35 -26.94
N HIS B 621 40.43 -5.12 -27.17
CA HIS B 621 40.32 -4.52 -28.49
C HIS B 621 41.68 -4.16 -29.11
N THR B 622 42.76 -4.47 -28.41
CA THR B 622 44.10 -4.38 -28.99
C THR B 622 44.41 -5.68 -29.72
N ASN B 623 43.90 -5.80 -30.95
CA ASN B 623 44.01 -7.06 -31.69
C ASN B 623 44.72 -6.90 -33.02
N PRO B 624 46.06 -6.92 -33.00
CA PRO B 624 46.87 -6.80 -34.21
C PRO B 624 47.01 -8.12 -34.93
N ILE B 625 47.63 -8.11 -36.10
CA ILE B 625 47.83 -9.33 -36.87
C ILE B 625 49.32 -9.70 -36.91
N VAL B 626 49.62 -10.98 -36.68
CA VAL B 626 51.00 -11.47 -36.69
C VAL B 626 51.10 -12.85 -37.33
N HIS B 632 54.03 -12.24 -30.77
CA HIS B 632 52.96 -11.31 -30.40
C HIS B 632 53.52 -10.23 -29.48
N PRO B 633 53.14 -8.97 -29.74
CA PRO B 633 53.68 -7.79 -29.05
C PRO B 633 53.09 -7.56 -27.65
N CYS B 634 51.91 -8.09 -27.40
CA CYS B 634 51.18 -7.81 -26.17
C CYS B 634 51.70 -8.55 -24.95
N GLN B 635 52.23 -9.75 -25.14
CA GLN B 635 52.67 -10.56 -24.00
C GLN B 635 53.83 -9.94 -23.23
N LYS B 636 54.58 -9.06 -23.87
CA LYS B 636 55.61 -8.30 -23.17
C LYS B 636 54.93 -7.38 -22.16
N VAL B 637 53.75 -6.89 -22.53
CA VAL B 637 53.00 -5.97 -21.68
C VAL B 637 52.26 -6.73 -20.59
N ILE B 638 51.79 -7.92 -20.93
CA ILE B 638 51.09 -8.78 -19.98
C ILE B 638 51.92 -9.00 -18.71
N GLN B 639 53.23 -9.10 -18.88
CA GLN B 639 54.15 -9.26 -17.75
C GLN B 639 54.08 -8.08 -16.80
N GLU B 640 53.94 -6.88 -17.35
CA GLU B 640 53.86 -5.67 -16.54
C GLU B 640 52.54 -5.63 -15.77
N ILE B 641 51.50 -6.18 -16.39
CA ILE B 641 50.16 -6.11 -15.83
C ILE B 641 49.94 -7.16 -14.75
N TRP B 642 50.41 -8.37 -14.98
CA TRP B 642 50.07 -9.52 -14.12
C TRP B 642 50.31 -9.32 -12.60
N PRO B 643 51.47 -8.78 -12.19
CA PRO B 643 51.68 -8.68 -10.74
C PRO B 643 50.69 -7.78 -10.00
N VAL B 644 50.32 -6.64 -10.59
CA VAL B 644 49.39 -5.74 -9.93
C VAL B 644 47.96 -6.32 -9.93
N LEU B 645 47.62 -7.09 -10.96
CA LEU B 645 46.33 -7.76 -11.02
C LEU B 645 46.23 -8.86 -9.97
N SER B 646 47.31 -9.64 -9.86
CA SER B 646 47.36 -10.76 -8.93
C SER B 646 47.19 -10.31 -7.48
N GLU B 647 47.83 -9.19 -7.14
CA GLU B 647 47.71 -8.62 -5.81
C GLU B 647 46.31 -8.06 -5.56
N THR B 648 45.77 -7.40 -6.59
CA THR B 648 44.42 -6.84 -6.54
C THR B 648 43.42 -7.96 -6.32
N LEU B 649 43.58 -9.03 -7.08
CA LEU B 649 42.76 -10.22 -6.91
C LEU B 649 42.85 -10.71 -5.47
N ASN B 650 44.07 -10.80 -4.93
CA ASN B 650 44.25 -11.35 -3.60
C ASN B 650 43.77 -10.41 -2.50
N LYS B 651 43.84 -9.11 -2.75
CA LYS B 651 43.35 -8.15 -1.78
C LYS B 651 41.84 -8.26 -1.67
N HIS B 652 41.17 -8.39 -2.81
CA HIS B 652 39.71 -8.46 -2.85
C HIS B 652 39.17 -9.86 -3.09
N ARG B 653 39.92 -10.88 -2.66
CA ARG B 653 39.55 -12.27 -2.92
C ARG B 653 38.19 -12.66 -2.35
N ALA B 654 37.66 -11.84 -1.44
CA ALA B 654 36.37 -12.13 -0.82
C ALA B 654 35.20 -11.53 -1.58
N ASP B 655 35.47 -10.45 -2.32
CA ASP B 655 34.40 -9.70 -2.99
C ASP B 655 34.10 -10.26 -4.38
N ASN B 656 32.92 -10.84 -4.52
CA ASN B 656 32.56 -11.51 -5.77
C ASN B 656 32.52 -10.54 -6.95
N ARG B 657 31.94 -9.36 -6.76
CA ARG B 657 31.83 -8.42 -7.86
C ARG B 657 33.20 -7.98 -8.39
N ILE B 658 34.15 -7.75 -7.49
CA ILE B 658 35.49 -7.29 -7.87
C ILE B 658 36.33 -8.42 -8.49
N VAL B 659 36.32 -9.59 -7.85
CA VAL B 659 36.99 -10.78 -8.39
C VAL B 659 36.50 -11.10 -9.81
N GLU B 660 35.18 -11.03 -10.00
CA GLU B 660 34.58 -11.23 -11.32
C GLU B 660 35.15 -10.23 -12.35
N ARG B 661 35.29 -8.97 -11.96
CA ARG B 661 35.87 -7.98 -12.88
C ARG B 661 37.37 -8.25 -13.11
N CYS B 662 38.06 -8.72 -12.07
CA CYS B 662 39.44 -9.15 -12.22
C CYS B 662 39.59 -10.27 -13.22
N CYS B 663 38.77 -11.32 -13.08
CA CYS B 663 38.83 -12.44 -14.02
C CYS B 663 38.36 -12.04 -15.41
N ARG B 664 37.42 -11.12 -15.51
CA ARG B 664 37.00 -10.61 -16.82
C ARG B 664 38.20 -9.95 -17.47
N CYS B 665 38.91 -9.16 -16.68
CA CYS B 665 40.14 -8.51 -17.11
C CYS B 665 41.16 -9.55 -17.57
N LEU B 666 41.45 -10.50 -16.68
CA LEU B 666 42.36 -11.59 -16.98
C LEU B 666 41.92 -12.41 -18.17
N ARG B 667 40.60 -12.59 -18.35
CA ARG B 667 40.06 -13.32 -19.50
C ARG B 667 40.52 -12.71 -20.81
N PHE B 668 40.44 -11.39 -20.91
CA PHE B 668 40.74 -10.74 -22.18
C PHE B 668 42.23 -10.59 -22.42
N ALA B 669 43.00 -10.46 -21.34
CA ALA B 669 44.46 -10.46 -21.47
C ALA B 669 44.93 -11.79 -22.06
N VAL B 670 44.37 -12.90 -21.56
CA VAL B 670 44.73 -14.23 -22.05
C VAL B 670 44.27 -14.44 -23.50
N ARG B 671 43.04 -14.04 -23.79
CA ARG B 671 42.49 -14.18 -25.14
C ARG B 671 43.24 -13.36 -26.16
N CYS B 672 43.81 -12.24 -25.68
CA CYS B 672 44.59 -11.34 -26.53
C CYS B 672 45.90 -11.99 -26.95
N VAL B 673 46.68 -12.44 -25.97
CA VAL B 673 47.93 -13.11 -26.24
C VAL B 673 47.69 -14.42 -26.96
N GLY B 674 47.24 -15.42 -26.21
CA GLY B 674 46.97 -16.73 -26.76
C GLY B 674 47.85 -17.81 -26.19
N LYS B 675 48.50 -18.58 -27.06
CA LYS B 675 49.38 -19.67 -26.62
C LYS B 675 50.63 -19.12 -25.96
N GLY B 676 50.93 -17.86 -26.25
CA GLY B 676 51.98 -17.14 -25.55
C GLY B 676 51.55 -16.83 -24.13
N SER B 677 52.41 -16.12 -23.40
CA SER B 677 52.16 -15.78 -21.99
C SER B 677 51.90 -17.03 -21.14
N ALA B 678 52.63 -18.10 -21.45
CA ALA B 678 52.56 -19.33 -20.67
C ALA B 678 53.20 -19.14 -19.29
N ALA B 679 53.84 -17.99 -19.11
CA ALA B 679 54.47 -17.63 -17.85
C ALA B 679 53.43 -17.34 -16.77
N LEU B 680 52.18 -17.13 -17.19
CA LEU B 680 51.10 -16.79 -16.28
C LEU B 680 50.29 -18.00 -15.83
N LEU B 681 50.30 -19.05 -16.64
CA LEU B 681 49.46 -20.22 -16.42
C LEU B 681 49.56 -20.75 -14.99
N GLN B 682 50.73 -21.28 -14.61
CA GLN B 682 50.91 -21.89 -13.30
C GLN B 682 50.78 -20.95 -12.09
N PRO B 683 51.33 -19.72 -12.17
CA PRO B 683 51.08 -18.86 -11.00
C PRO B 683 49.62 -18.42 -10.86
N LEU B 684 48.88 -18.33 -11.95
CA LEU B 684 47.46 -17.99 -11.90
C LEU B 684 46.62 -19.17 -11.43
N VAL B 685 46.85 -20.33 -12.04
CA VAL B 685 46.16 -21.55 -11.65
C VAL B 685 46.31 -21.78 -10.16
N THR B 686 47.53 -21.57 -9.66
CA THR B 686 47.79 -21.75 -8.24
C THR B 686 46.96 -20.80 -7.38
N GLN B 687 46.99 -19.51 -7.71
CA GLN B 687 46.22 -18.51 -6.94
C GLN B 687 44.73 -18.81 -7.01
N MET B 688 44.25 -19.13 -8.20
CA MET B 688 42.86 -19.50 -8.39
C MET B 688 42.45 -20.68 -7.51
N VAL B 689 43.23 -21.76 -7.57
CA VAL B 689 42.91 -22.97 -6.82
C VAL B 689 42.88 -22.69 -5.32
N ASN B 690 43.84 -21.88 -4.87
CA ASN B 690 43.92 -21.52 -3.46
C ASN B 690 42.81 -20.59 -2.98
N VAL B 691 42.47 -19.57 -3.77
CA VAL B 691 41.38 -18.67 -3.40
C VAL B 691 40.04 -19.40 -3.41
N TYR B 692 39.77 -20.12 -4.50
CA TYR B 692 38.54 -20.89 -4.67
C TYR B 692 38.27 -21.82 -3.50
N HIS B 693 39.34 -22.30 -2.86
CA HIS B 693 39.24 -23.19 -1.71
C HIS B 693 38.43 -22.61 -0.57
N VAL B 694 38.56 -21.30 -0.36
CA VAL B 694 37.84 -20.63 0.71
C VAL B 694 36.69 -19.76 0.14
N HIS B 695 36.88 -19.19 -1.04
CA HIS B 695 35.80 -18.45 -1.70
C HIS B 695 35.44 -19.03 -3.07
N GLN B 696 34.32 -19.76 -3.15
CA GLN B 696 33.95 -20.41 -4.41
C GLN B 696 33.32 -19.45 -5.45
N HIS B 697 34.12 -18.52 -5.95
CA HIS B 697 33.70 -17.66 -7.06
C HIS B 697 33.68 -18.49 -8.34
N SER B 698 32.50 -18.60 -8.95
CA SER B 698 32.37 -19.44 -10.13
C SER B 698 33.15 -18.87 -11.33
N CYS B 699 33.62 -17.64 -11.24
CA CYS B 699 34.39 -17.11 -12.36
C CYS B 699 35.79 -17.69 -12.47
N PHE B 700 36.27 -18.35 -11.40
CA PHE B 700 37.50 -19.12 -11.51
C PHE B 700 37.33 -20.38 -12.36
N LEU B 701 36.19 -21.03 -12.23
CA LEU B 701 35.83 -22.13 -13.12
C LEU B 701 35.82 -21.67 -14.56
N TYR B 702 35.20 -20.51 -14.80
CA TYR B 702 35.12 -19.98 -16.15
C TYR B 702 36.51 -19.57 -16.64
N LEU B 703 37.30 -18.92 -15.78
CA LEU B 703 38.66 -18.53 -16.17
C LEU B 703 39.48 -19.77 -16.51
N GLY B 704 39.27 -20.83 -15.72
CA GLY B 704 39.89 -22.12 -15.98
C GLY B 704 39.52 -22.66 -17.34
N SER B 705 38.24 -22.53 -17.71
CA SER B 705 37.78 -23.00 -19.01
C SER B 705 38.47 -22.25 -20.12
N ILE B 706 38.83 -21.01 -19.87
CA ILE B 706 39.50 -20.23 -20.89
C ILE B 706 40.95 -20.68 -21.06
N LEU B 707 41.65 -20.90 -19.94
CA LEU B 707 43.02 -21.41 -20.01
C LEU B 707 43.05 -22.79 -20.70
N VAL B 708 42.05 -23.62 -20.40
CA VAL B 708 41.92 -24.94 -21.03
C VAL B 708 41.60 -24.81 -22.53
N ASP B 709 40.81 -23.80 -22.88
CA ASP B 709 40.50 -23.55 -24.28
C ASP B 709 41.76 -23.11 -25.02
N GLU B 710 42.64 -22.40 -24.33
CA GLU B 710 43.84 -21.85 -24.93
C GLU B 710 45.09 -22.73 -24.83
N TYR B 711 45.16 -23.57 -23.79
CA TYR B 711 46.36 -24.38 -23.58
C TYR B 711 46.05 -25.87 -23.52
N GLY B 712 44.83 -26.24 -23.87
CA GLY B 712 44.39 -27.62 -23.76
C GLY B 712 44.99 -28.55 -24.81
N MET B 713 45.42 -27.99 -25.93
CA MET B 713 45.98 -28.79 -27.01
C MET B 713 47.43 -29.16 -26.76
N GLU B 714 48.13 -28.27 -26.06
CA GLU B 714 49.54 -28.45 -25.74
C GLU B 714 49.73 -29.55 -24.71
N GLU B 715 50.31 -30.68 -25.14
CA GLU B 715 50.42 -31.86 -24.28
C GLU B 715 51.36 -31.62 -23.10
N GLY B 716 52.12 -30.54 -23.18
CA GLY B 716 52.95 -30.08 -22.08
C GLY B 716 52.13 -29.53 -20.92
N CYS B 717 50.94 -29.03 -21.22
CA CYS B 717 50.10 -28.41 -20.20
C CYS B 717 49.00 -29.30 -19.65
N ARG B 718 48.64 -30.34 -20.40
CA ARG B 718 47.50 -31.19 -20.09
C ARG B 718 47.48 -31.74 -18.66
N GLN B 719 48.65 -32.00 -18.08
CA GLN B 719 48.71 -32.53 -16.73
C GLN B 719 48.38 -31.47 -15.68
N GLY B 720 49.02 -30.30 -15.79
CA GLY B 720 48.78 -29.21 -14.87
C GLY B 720 47.32 -28.75 -14.84
N LEU B 721 46.70 -28.71 -16.02
CA LEU B 721 45.31 -28.32 -16.15
C LEU B 721 44.37 -29.33 -15.51
N LEU B 722 44.67 -30.61 -15.69
CA LEU B 722 43.87 -31.66 -15.06
C LEU B 722 43.95 -31.56 -13.54
N ASP B 723 45.12 -31.21 -13.01
CA ASP B 723 45.25 -31.00 -11.56
C ASP B 723 44.34 -29.88 -11.08
N MET B 724 44.25 -28.81 -11.87
CA MET B 724 43.37 -27.68 -11.58
C MET B 724 41.91 -28.15 -11.48
N LEU B 725 41.47 -28.86 -12.52
CA LEU B 725 40.12 -29.39 -12.55
C LEU B 725 39.84 -30.26 -11.33
N GLN B 726 40.71 -31.23 -11.08
CA GLN B 726 40.53 -32.14 -9.95
C GLN B 726 40.55 -31.40 -8.60
N ALA B 727 41.33 -30.34 -8.50
CA ALA B 727 41.34 -29.50 -7.28
C ALA B 727 40.11 -28.61 -7.12
N LEU B 728 39.69 -27.95 -8.20
CA LEU B 728 38.54 -27.04 -8.15
C LEU B 728 37.23 -27.76 -7.86
N CYS B 729 37.13 -29.01 -8.29
CA CYS B 729 35.90 -29.76 -8.17
C CYS B 729 35.50 -30.10 -6.74
N ILE B 730 36.48 -30.22 -5.84
CA ILE B 730 36.17 -30.63 -4.46
C ILE B 730 35.31 -29.56 -3.75
N PRO B 731 35.72 -28.28 -3.75
CA PRO B 731 34.77 -27.33 -3.14
C PRO B 731 33.52 -27.12 -4.01
N THR B 732 33.66 -27.38 -5.31
CA THR B 732 32.50 -27.31 -6.20
C THR B 732 31.47 -28.35 -5.81
N PHE B 733 31.90 -29.60 -5.72
CA PHE B 733 30.99 -30.68 -5.36
C PHE B 733 30.42 -30.49 -3.96
N GLN B 734 31.23 -29.96 -3.06
CA GLN B 734 30.77 -29.61 -1.71
C GLN B 734 29.63 -28.59 -1.78
N LEU B 735 29.77 -27.63 -2.68
CA LEU B 735 28.76 -26.60 -2.86
C LEU B 735 27.44 -27.19 -3.33
N LEU B 736 27.51 -27.96 -4.41
CA LEU B 736 26.34 -28.58 -5.00
C LEU B 736 25.72 -29.67 -4.12
N GLU B 737 26.49 -30.14 -3.14
CA GLU B 737 26.02 -31.17 -2.22
C GLU B 737 24.96 -30.65 -1.26
N GLN B 738 25.00 -29.34 -1.00
CA GLN B 738 24.05 -28.69 -0.10
C GLN B 738 22.61 -28.88 -0.54
N GLN B 739 21.68 -28.58 0.35
CA GLN B 739 20.27 -28.64 0.03
C GLN B 739 19.96 -27.53 -0.98
N ASN B 740 19.16 -27.84 -1.99
CA ASN B 740 18.90 -26.92 -3.10
C ASN B 740 20.20 -26.40 -3.72
N GLY B 741 21.23 -27.25 -3.71
CA GLY B 741 22.57 -26.86 -4.12
C GLY B 741 22.71 -26.43 -5.57
N LEU B 742 21.96 -27.09 -6.44
CA LEU B 742 21.96 -26.77 -7.85
C LEU B 742 21.15 -25.50 -8.07
N GLN B 743 19.99 -25.42 -7.41
CA GLN B 743 19.13 -24.26 -7.53
C GLN B 743 19.76 -22.97 -7.00
N ASN B 744 20.60 -23.09 -5.97
CA ASN B 744 21.15 -21.92 -5.29
C ASN B 744 22.44 -21.44 -5.90
N HIS B 745 23.11 -22.32 -6.63
CA HIS B 745 24.36 -21.94 -7.30
C HIS B 745 24.35 -22.29 -8.79
N PRO B 746 23.36 -21.76 -9.55
CA PRO B 746 23.32 -22.06 -10.98
C PRO B 746 24.55 -21.52 -11.68
N ASP B 747 25.15 -20.47 -11.13
CA ASP B 747 26.38 -19.94 -11.70
C ASP B 747 27.51 -20.97 -11.65
N THR B 748 27.56 -21.74 -10.56
CA THR B 748 28.59 -22.77 -10.40
C THR B 748 28.36 -23.90 -11.39
N VAL B 749 27.10 -24.30 -11.55
CA VAL B 749 26.76 -25.34 -12.52
C VAL B 749 27.13 -24.87 -13.92
N ASP B 750 26.75 -23.64 -14.24
CA ASP B 750 27.01 -23.07 -15.56
C ASP B 750 28.51 -23.05 -15.85
N ASP B 751 29.29 -22.49 -14.94
CA ASP B 751 30.72 -22.39 -15.19
C ASP B 751 31.49 -23.72 -15.05
N LEU B 752 31.03 -24.63 -14.19
CA LEU B 752 31.67 -25.94 -14.09
C LEU B 752 31.60 -26.69 -15.40
N PHE B 753 30.45 -26.66 -16.05
CA PHE B 753 30.31 -27.44 -17.25
C PHE B 753 30.83 -26.74 -18.49
N ARG B 754 31.08 -25.44 -18.39
CA ARG B 754 31.82 -24.76 -19.44
C ARG B 754 33.27 -25.22 -19.37
N LEU B 755 33.79 -25.40 -18.16
CA LEU B 755 35.14 -25.92 -17.96
C LEU B 755 35.25 -27.34 -18.51
N ALA B 756 34.34 -28.20 -18.06
CA ALA B 756 34.27 -29.58 -18.52
C ALA B 756 34.12 -29.65 -20.03
N THR B 757 33.37 -28.71 -20.61
CA THR B 757 33.15 -28.75 -22.06
C THR B 757 34.44 -28.42 -22.78
N ARG B 758 35.17 -27.41 -22.32
CA ARG B 758 36.46 -27.09 -22.91
C ARG B 758 37.42 -28.26 -22.80
N PHE B 759 37.39 -28.96 -21.67
CA PHE B 759 38.22 -30.14 -21.48
C PHE B 759 37.90 -31.26 -22.46
N ILE B 760 36.62 -31.61 -22.58
CA ILE B 760 36.24 -32.75 -23.42
C ILE B 760 36.44 -32.46 -24.92
N GLN B 761 36.80 -31.23 -25.28
CA GLN B 761 37.06 -30.93 -26.67
C GLN B 761 38.50 -30.52 -26.96
N ARG B 762 39.28 -30.24 -25.91
CA ARG B 762 40.71 -29.96 -26.07
C ARG B 762 41.55 -31.20 -25.75
N SER B 763 41.24 -31.88 -24.66
CA SER B 763 41.92 -33.13 -24.37
C SER B 763 40.97 -34.17 -23.76
N PRO B 764 40.11 -34.77 -24.59
CA PRO B 764 39.10 -35.73 -24.14
C PRO B 764 39.68 -36.91 -23.40
N VAL B 765 40.66 -37.59 -23.99
CA VAL B 765 41.24 -38.78 -23.36
C VAL B 765 41.79 -38.49 -21.97
N THR B 766 42.34 -37.30 -21.80
CA THR B 766 42.84 -36.86 -20.50
C THR B 766 41.73 -36.85 -19.46
N LEU B 767 40.53 -36.46 -19.87
CA LEU B 767 39.41 -36.34 -18.94
C LEU B 767 38.71 -37.67 -18.69
N LEU B 768 38.50 -38.45 -19.74
CA LEU B 768 37.81 -39.72 -19.62
C LEU B 768 38.64 -40.74 -18.85
N ARG B 769 39.95 -40.73 -19.05
CA ARG B 769 40.84 -41.64 -18.34
C ARG B 769 41.05 -41.17 -16.91
N SER B 770 40.70 -39.91 -16.66
CA SER B 770 40.78 -39.34 -15.32
C SER B 770 39.75 -39.94 -14.38
N GLN B 771 39.94 -39.73 -13.08
CA GLN B 771 38.99 -40.22 -12.09
C GLN B 771 37.86 -39.23 -11.82
N VAL B 772 38.12 -37.95 -12.07
CA VAL B 772 37.18 -36.88 -11.74
C VAL B 772 36.00 -36.81 -12.71
N VAL B 773 36.14 -37.40 -13.90
CA VAL B 773 35.07 -37.38 -14.90
C VAL B 773 33.81 -38.11 -14.43
N ILE B 774 33.97 -39.06 -13.50
CA ILE B 774 32.84 -39.84 -13.02
C ILE B 774 31.93 -38.97 -12.14
N PRO B 775 32.51 -38.21 -11.18
CA PRO B 775 31.63 -37.28 -10.48
C PRO B 775 31.08 -36.19 -11.42
N ILE B 776 31.88 -35.73 -12.39
CA ILE B 776 31.41 -34.69 -13.33
C ILE B 776 30.19 -35.22 -14.06
N LEU B 777 30.32 -36.40 -14.64
CA LEU B 777 29.20 -37.07 -15.29
C LEU B 777 28.00 -37.20 -14.35
N GLN B 778 28.26 -37.53 -13.10
CA GLN B 778 27.17 -37.67 -12.12
C GLN B 778 26.44 -36.34 -11.89
N TRP B 779 27.19 -35.26 -11.73
CA TRP B 779 26.57 -33.95 -11.51
C TRP B 779 25.88 -33.44 -12.77
N ALA B 780 26.48 -33.72 -13.92
CA ALA B 780 25.86 -33.41 -15.20
C ALA B 780 24.46 -34.04 -15.29
N ILE B 781 24.35 -35.32 -14.95
CA ILE B 781 23.08 -36.04 -15.01
C ILE B 781 22.05 -35.48 -14.01
N ALA B 782 22.52 -35.10 -12.81
CA ALA B 782 21.63 -34.48 -11.83
C ALA B 782 21.20 -33.08 -12.28
N SER B 783 22.08 -32.38 -12.99
CA SER B 783 21.82 -31.00 -13.40
C SER B 783 20.84 -30.81 -14.56
N THR B 784 20.49 -31.87 -15.27
CA THR B 784 19.64 -31.71 -16.44
C THR B 784 18.24 -31.23 -16.08
N THR B 785 17.86 -31.41 -14.83
CA THR B 785 16.52 -31.02 -14.37
C THR B 785 16.50 -29.67 -13.63
N LEU B 786 17.66 -29.01 -13.58
CA LEU B 786 17.79 -27.66 -13.03
C LEU B 786 17.15 -26.60 -13.93
N ASP B 787 16.09 -25.95 -13.42
CA ASP B 787 15.36 -24.92 -14.16
C ASP B 787 16.08 -23.56 -14.15
N HIS B 788 17.17 -23.49 -14.88
CA HIS B 788 17.94 -22.27 -15.02
C HIS B 788 18.52 -22.31 -16.42
N ARG B 789 18.07 -21.41 -17.26
CA ARG B 789 18.34 -21.50 -18.69
C ARG B 789 19.83 -21.54 -18.99
N ASP B 790 20.59 -20.56 -18.49
CA ASP B 790 22.04 -20.51 -18.66
C ASP B 790 22.73 -21.81 -18.23
N ALA B 791 22.37 -22.30 -17.05
CA ALA B 791 23.02 -23.46 -16.47
C ALA B 791 22.69 -24.71 -17.26
N ASN B 792 21.45 -24.80 -17.70
CA ASN B 792 21.02 -25.97 -18.45
C ASN B 792 21.66 -26.07 -19.83
N CYS B 793 21.87 -24.93 -20.51
CA CYS B 793 22.56 -24.97 -21.80
C CYS B 793 23.97 -25.51 -21.64
N SER B 794 24.63 -25.08 -20.57
CA SER B 794 25.99 -25.53 -20.29
C SER B 794 26.05 -27.04 -20.07
N VAL B 795 25.08 -27.56 -19.33
CA VAL B 795 24.98 -28.98 -19.06
C VAL B 795 24.66 -29.80 -20.33
N MET B 796 23.62 -29.41 -21.06
CA MET B 796 23.28 -30.10 -22.29
C MET B 796 24.45 -30.08 -23.29
N ARG B 797 25.16 -28.96 -23.35
CA ARG B 797 26.28 -28.83 -24.25
C ARG B 797 27.41 -29.80 -23.90
N PHE B 798 27.69 -29.93 -22.62
CA PHE B 798 28.72 -30.86 -22.16
C PHE B 798 28.34 -32.32 -22.47
N LEU B 799 27.10 -32.69 -22.16
CA LEU B 799 26.66 -34.06 -22.42
C LEU B 799 26.74 -34.38 -23.90
N ARG B 800 26.35 -33.41 -24.73
CA ARG B 800 26.39 -33.60 -26.18
C ARG B 800 27.81 -33.80 -26.66
N ASP B 801 28.71 -32.90 -26.25
CA ASP B 801 30.09 -32.93 -26.66
C ASP B 801 30.82 -34.14 -26.12
N LEU B 802 30.40 -34.61 -24.95
CA LEU B 802 31.04 -35.75 -24.34
C LEU B 802 30.75 -37.01 -25.14
N ILE B 803 29.46 -37.29 -25.34
CA ILE B 803 29.03 -38.51 -26.00
C ILE B 803 29.51 -38.55 -27.45
N HIS B 804 29.56 -37.37 -28.08
CA HIS B 804 29.98 -37.23 -29.47
C HIS B 804 31.45 -37.59 -29.66
N THR B 805 32.21 -37.62 -28.57
CA THR B 805 33.64 -37.96 -28.61
C THR B 805 33.84 -39.42 -29.03
N GLY B 806 32.82 -40.25 -28.84
CA GLY B 806 32.87 -41.63 -29.28
C GLY B 806 32.47 -41.82 -30.73
N VAL B 807 32.55 -40.73 -31.50
CA VAL B 807 32.14 -40.69 -32.90
C VAL B 807 33.02 -39.72 -33.70
N ALA B 808 33.34 -38.58 -33.08
CA ALA B 808 34.04 -37.49 -33.77
C ALA B 808 35.46 -37.86 -34.19
N ASN B 809 35.88 -37.28 -35.32
CA ASN B 809 37.26 -37.39 -35.82
C ASN B 809 37.83 -38.79 -35.77
N ASP B 810 37.28 -39.68 -36.58
CA ASP B 810 37.78 -41.05 -36.65
C ASP B 810 39.10 -41.10 -37.43
N HIS B 811 39.51 -39.96 -37.98
CA HIS B 811 40.75 -39.86 -38.72
C HIS B 811 41.98 -39.99 -37.80
N GLU B 812 41.88 -39.54 -36.56
CA GLU B 812 43.02 -39.66 -35.66
C GLU B 812 43.11 -41.08 -35.07
N GLU B 813 44.29 -41.44 -34.58
CA GLU B 813 44.58 -42.80 -34.14
C GLU B 813 43.71 -43.21 -32.96
N ASP B 814 43.62 -42.33 -31.98
CA ASP B 814 42.98 -42.62 -30.70
C ASP B 814 41.46 -42.77 -30.76
N PHE B 815 40.89 -42.73 -31.96
CA PHE B 815 39.43 -42.82 -32.10
C PHE B 815 38.86 -44.07 -31.46
N GLU B 816 39.55 -45.19 -31.63
CA GLU B 816 39.07 -46.46 -31.10
C GLU B 816 39.15 -46.47 -29.58
N LEU B 817 40.13 -45.76 -29.05
CA LEU B 817 40.27 -45.58 -27.61
C LEU B 817 39.08 -44.80 -27.09
N ARG B 818 38.86 -43.63 -27.68
CA ARG B 818 37.73 -42.76 -27.32
C ARG B 818 36.40 -43.44 -27.51
N LYS B 819 36.28 -44.24 -28.57
CA LYS B 819 35.05 -44.98 -28.83
C LYS B 819 34.75 -45.93 -27.68
N GLU B 820 35.77 -46.64 -27.20
CA GLU B 820 35.60 -47.57 -26.10
C GLU B 820 35.36 -46.81 -24.79
N LEU B 821 36.11 -45.75 -24.57
CA LEU B 821 35.93 -44.94 -23.37
C LEU B 821 34.50 -44.42 -23.23
N ILE B 822 33.91 -43.93 -24.32
CA ILE B 822 32.53 -43.47 -24.29
C ILE B 822 31.56 -44.65 -24.17
N GLY B 823 31.86 -45.74 -24.88
CA GLY B 823 31.06 -46.95 -24.81
C GLY B 823 30.95 -47.44 -23.37
N GLN B 824 32.07 -47.35 -22.65
CA GLN B 824 32.10 -47.67 -21.24
C GLN B 824 31.16 -46.75 -20.47
N VAL B 825 31.41 -45.45 -20.57
CA VAL B 825 30.56 -44.46 -19.93
C VAL B 825 29.07 -44.64 -20.25
N MET B 826 28.77 -44.86 -21.53
CA MET B 826 27.39 -45.08 -21.95
C MET B 826 26.83 -46.33 -21.32
N ASN B 827 27.65 -47.36 -21.19
CA ASN B 827 27.22 -48.58 -20.55
C ASN B 827 26.76 -48.33 -19.10
N GLN B 828 27.65 -47.73 -18.32
CA GLN B 828 27.36 -47.38 -16.93
C GLN B 828 26.18 -46.43 -16.77
N LEU B 829 26.18 -45.32 -17.51
CA LEU B 829 25.29 -44.20 -17.21
C LEU B 829 24.11 -44.03 -18.14
N GLY B 830 24.23 -44.58 -19.35
CA GLY B 830 23.23 -44.44 -20.40
C GLY B 830 21.77 -44.52 -20.00
N GLN B 831 21.43 -45.45 -19.11
CA GLN B 831 20.03 -45.62 -18.74
C GLN B 831 19.57 -44.54 -17.76
N GLN B 832 20.48 -44.00 -16.96
CA GLN B 832 20.08 -42.94 -16.04
C GLN B 832 19.94 -41.62 -16.79
N LEU B 833 20.84 -41.40 -17.74
CA LEU B 833 20.78 -40.20 -18.57
C LEU B 833 19.48 -40.14 -19.34
N VAL B 834 19.15 -41.20 -20.07
CA VAL B 834 17.92 -41.20 -20.87
C VAL B 834 16.65 -41.00 -20.04
N SER B 835 16.58 -41.61 -18.86
CA SER B 835 15.43 -41.42 -17.96
C SER B 835 15.37 -39.99 -17.42
N GLN B 836 16.53 -39.44 -17.12
CA GLN B 836 16.61 -38.08 -16.62
C GLN B 836 16.24 -37.09 -17.72
N LEU B 837 16.81 -37.28 -18.91
CA LEU B 837 16.49 -36.47 -20.08
C LEU B 837 15.00 -36.51 -20.41
N LEU B 838 14.41 -37.69 -20.34
CA LEU B 838 13.00 -37.82 -20.67
C LEU B 838 12.18 -37.16 -19.58
N HIS B 839 12.67 -37.27 -18.34
CA HIS B 839 11.99 -36.65 -17.21
C HIS B 839 12.00 -35.14 -17.33
N THR B 840 13.17 -34.56 -17.65
CA THR B 840 13.29 -33.11 -17.74
C THR B 840 12.43 -32.50 -18.86
N CYS B 841 12.30 -33.19 -19.99
CA CYS B 841 11.46 -32.71 -21.11
C CYS B 841 9.99 -32.73 -20.78
N CYS B 842 9.55 -33.73 -20.05
CA CYS B 842 8.13 -33.91 -19.83
C CYS B 842 7.58 -33.15 -18.61
N PHE B 843 8.41 -32.94 -17.59
CA PHE B 843 7.90 -32.36 -16.36
C PHE B 843 8.63 -31.09 -15.88
N CYS B 844 9.93 -31.05 -16.04
CA CYS B 844 10.72 -29.97 -15.44
C CYS B 844 10.81 -28.69 -16.28
N LEU B 845 11.46 -28.77 -17.43
CA LEU B 845 11.93 -27.57 -18.11
C LEU B 845 10.98 -27.05 -19.20
N PRO B 846 11.11 -25.76 -19.57
CA PRO B 846 10.30 -25.16 -20.64
C PRO B 846 10.63 -25.76 -22.01
N PRO B 847 9.72 -25.64 -22.97
CA PRO B 847 9.90 -26.27 -24.29
C PRO B 847 11.21 -25.91 -24.99
N TYR B 848 11.85 -24.81 -24.60
CA TYR B 848 13.03 -24.39 -25.35
C TYR B 848 14.27 -25.24 -25.08
N THR B 849 14.24 -26.07 -24.05
CA THR B 849 15.36 -26.96 -23.80
C THR B 849 15.33 -28.16 -24.78
N LEU B 850 14.16 -28.46 -25.35
CA LEU B 850 13.98 -29.62 -26.21
C LEU B 850 15.02 -29.78 -27.33
N PRO B 851 15.36 -28.69 -28.05
CA PRO B 851 16.40 -28.87 -29.07
C PRO B 851 17.73 -29.30 -28.47
N ASP B 852 18.00 -28.94 -27.24
CA ASP B 852 19.24 -29.33 -26.59
C ASP B 852 19.20 -30.76 -26.10
N VAL B 853 18.06 -31.18 -25.59
CA VAL B 853 17.89 -32.55 -25.17
C VAL B 853 17.95 -33.43 -26.39
N ALA B 854 17.21 -33.03 -27.43
CA ALA B 854 17.19 -33.76 -28.68
C ALA B 854 18.61 -34.01 -29.21
N GLU B 855 19.49 -33.03 -29.05
CA GLU B 855 20.87 -33.20 -29.48
C GLU B 855 21.61 -34.23 -28.64
N VAL B 856 21.34 -34.27 -27.34
CA VAL B 856 21.98 -35.29 -26.50
C VAL B 856 21.47 -36.67 -26.88
N LEU B 857 20.15 -36.81 -26.99
CA LEU B 857 19.53 -38.05 -27.45
C LEU B 857 20.08 -38.53 -28.80
N TRP B 858 20.30 -37.60 -29.73
CA TRP B 858 20.83 -37.93 -31.03
C TRP B 858 22.21 -38.56 -30.91
N GLU B 859 23.07 -37.98 -30.08
CA GLU B 859 24.40 -38.51 -29.92
C GLU B 859 24.41 -39.91 -29.31
N ILE B 860 23.47 -40.17 -28.42
CA ILE B 860 23.35 -41.46 -27.76
C ILE B 860 22.99 -42.53 -28.80
N MET B 861 22.17 -42.16 -29.76
CA MET B 861 21.80 -43.07 -30.85
C MET B 861 22.97 -43.34 -31.80
N GLN B 862 23.79 -42.32 -32.09
CA GLN B 862 24.97 -42.49 -32.93
C GLN B 862 25.98 -43.49 -32.33
N VAL B 863 26.03 -43.54 -31.01
CA VAL B 863 26.94 -44.43 -30.29
C VAL B 863 26.38 -45.86 -30.19
N ASP B 864 25.09 -45.99 -29.87
CA ASP B 864 24.47 -47.30 -29.78
C ASP B 864 22.95 -47.27 -29.88
N ARG B 865 22.42 -47.20 -31.10
CA ARG B 865 20.98 -47.11 -31.28
C ARG B 865 20.18 -48.29 -30.72
N PRO B 866 20.59 -49.54 -31.02
CA PRO B 866 19.77 -50.65 -30.49
C PRO B 866 19.67 -50.67 -28.96
N THR B 867 20.77 -50.44 -28.26
CA THR B 867 20.75 -50.32 -26.81
C THR B 867 19.85 -49.16 -26.37
N PHE B 868 19.98 -48.02 -27.06
CA PHE B 868 19.20 -46.84 -26.73
C PHE B 868 17.71 -47.15 -26.80
N CYS B 869 17.32 -47.97 -27.77
CA CYS B 869 15.91 -48.36 -27.92
C CYS B 869 15.37 -49.01 -26.67
N ARG B 870 16.23 -49.78 -25.99
CA ARG B 870 15.82 -50.43 -24.75
C ARG B 870 15.68 -49.39 -23.65
N TRP B 871 16.76 -48.64 -23.48
CA TRP B 871 16.83 -47.52 -22.56
C TRP B 871 15.59 -46.64 -22.66
N LEU B 872 15.26 -46.22 -23.88
CA LEU B 872 14.13 -45.33 -24.05
C LEU B 872 12.82 -46.01 -23.65
N GLU B 873 12.70 -47.30 -23.91
CA GLU B 873 11.49 -48.02 -23.54
C GLU B 873 11.33 -48.09 -22.03
N ASN B 874 12.44 -48.32 -21.33
CA ASN B 874 12.44 -48.36 -19.88
C ASN B 874 12.07 -47.01 -19.27
N SER B 875 12.58 -45.93 -19.87
CA SER B 875 12.29 -44.58 -19.38
C SER B 875 10.82 -44.23 -19.55
N LEU B 876 10.26 -44.57 -20.70
CA LEU B 876 8.85 -44.32 -20.98
C LEU B 876 7.97 -45.20 -20.11
N LYS B 877 8.52 -46.33 -19.67
CA LYS B 877 7.81 -47.23 -18.79
C LYS B 877 7.52 -46.54 -17.46
N GLY B 878 8.56 -45.97 -16.87
CA GLY B 878 8.43 -45.28 -15.61
C GLY B 878 7.99 -43.84 -15.82
N LEU B 879 6.67 -43.65 -15.91
CA LEU B 879 6.08 -42.32 -16.02
C LEU B 879 4.80 -42.22 -15.19
N PRO B 880 4.69 -41.17 -14.38
CA PRO B 880 3.51 -40.95 -13.53
C PRO B 880 2.39 -40.21 -14.27
N THR B 889 -3.80 -40.22 -18.74
CA THR B 889 -3.72 -39.01 -19.56
C THR B 889 -2.97 -39.25 -20.87
N VAL B 890 -1.94 -40.08 -20.82
CA VAL B 890 -1.13 -40.38 -22.01
C VAL B 890 -1.28 -41.85 -22.43
N THR B 891 -1.76 -42.08 -23.65
CA THR B 891 -2.07 -43.44 -24.11
C THR B 891 -0.84 -44.30 -24.39
N HIS B 892 -1.01 -45.61 -24.30
CA HIS B 892 0.08 -46.54 -24.61
C HIS B 892 0.47 -46.42 -26.07
N LYS B 893 -0.50 -46.11 -26.92
CA LYS B 893 -0.24 -45.91 -28.34
C LYS B 893 0.70 -44.73 -28.52
N GLN B 894 0.48 -43.68 -27.72
CA GLN B 894 1.30 -42.48 -27.79
C GLN B 894 2.75 -42.70 -27.34
N LEU B 895 2.95 -43.48 -26.28
CA LEU B 895 4.31 -43.80 -25.86
C LEU B 895 4.97 -44.59 -26.98
N THR B 896 4.18 -45.48 -27.58
CA THR B 896 4.64 -46.35 -28.65
C THR B 896 5.04 -45.57 -29.90
N ASP B 897 4.15 -44.70 -30.39
CA ASP B 897 4.48 -43.96 -31.61
C ASP B 897 5.51 -42.85 -31.36
N PHE B 898 5.66 -42.42 -30.10
CA PHE B 898 6.76 -41.52 -29.76
C PHE B 898 8.08 -42.28 -29.81
N HIS B 899 8.10 -43.45 -29.16
CA HIS B 899 9.29 -44.31 -29.16
C HIS B 899 9.73 -44.64 -30.59
N LYS B 900 8.75 -44.91 -31.47
CA LYS B 900 8.99 -45.15 -32.89
C LYS B 900 9.57 -43.92 -33.58
N GLN B 901 9.00 -42.73 -33.31
CA GLN B 901 9.47 -41.47 -33.90
C GLN B 901 10.94 -41.17 -33.59
N VAL B 902 11.35 -41.38 -32.34
CA VAL B 902 12.71 -41.05 -31.95
C VAL B 902 13.66 -42.10 -32.54
N THR B 903 13.31 -43.38 -32.38
CA THR B 903 14.17 -44.47 -32.82
C THR B 903 14.26 -44.60 -34.36
N SER B 904 13.28 -44.10 -35.09
CA SER B 904 13.34 -44.11 -36.54
C SER B 904 13.89 -42.81 -37.12
N ALA B 905 14.39 -41.93 -36.27
CA ALA B 905 14.90 -40.64 -36.72
C ALA B 905 16.16 -40.77 -37.54
N GLU B 906 16.22 -40.04 -38.66
CA GLU B 906 17.40 -40.05 -39.49
C GLU B 906 18.16 -38.75 -39.34
N GLU B 907 17.44 -37.71 -38.93
CA GLU B 907 18.05 -36.43 -38.59
C GLU B 907 17.70 -36.05 -37.15
N CYS B 908 18.57 -35.25 -36.54
CA CYS B 908 18.33 -34.78 -35.18
C CYS B 908 17.05 -33.93 -35.09
N LYS B 909 16.76 -33.15 -36.14
CA LYS B 909 15.52 -32.37 -36.23
C LYS B 909 14.28 -33.21 -35.93
N GLN B 910 14.27 -34.45 -36.39
CA GLN B 910 13.12 -35.29 -36.21
C GLN B 910 12.95 -35.66 -34.76
N VAL B 911 14.06 -35.77 -34.03
CA VAL B 911 13.99 -36.07 -32.61
C VAL B 911 13.35 -34.88 -31.88
N CYS B 912 13.78 -33.68 -32.27
CA CYS B 912 13.23 -32.46 -31.71
C CYS B 912 11.73 -32.34 -31.92
N TRP B 913 11.27 -32.58 -33.15
CA TRP B 913 9.84 -32.57 -33.45
C TRP B 913 9.07 -33.59 -32.62
N ALA B 914 9.64 -34.77 -32.45
CA ALA B 914 9.00 -35.80 -31.65
C ALA B 914 8.86 -35.34 -30.21
N LEU B 915 9.94 -34.81 -29.64
CA LEU B 915 9.92 -34.26 -28.29
C LEU B 915 8.92 -33.12 -28.21
N ARG B 916 8.97 -32.22 -29.20
CA ARG B 916 8.04 -31.11 -29.32
C ARG B 916 6.61 -31.62 -29.19
N ASP B 917 6.24 -32.55 -30.07
CA ASP B 917 4.88 -33.10 -30.11
C ASP B 917 4.48 -33.81 -28.83
N PHE B 918 5.39 -34.63 -28.30
CA PHE B 918 5.11 -35.46 -27.13
C PHE B 918 4.95 -34.60 -25.87
N THR B 919 5.78 -33.55 -25.77
CA THR B 919 5.74 -32.60 -24.66
C THR B 919 4.35 -31.98 -24.49
N ARG B 920 3.67 -31.75 -25.60
CA ARG B 920 2.32 -31.18 -25.58
C ARG B 920 1.35 -32.01 -24.71
N LEU B 921 1.51 -33.33 -24.71
CA LEU B 921 0.63 -34.21 -23.95
C LEU B 921 0.75 -33.94 -22.45
N PHE B 922 1.87 -33.34 -22.05
CA PHE B 922 2.11 -33.02 -20.64
C PHE B 922 1.99 -31.52 -20.38
N SER C 11 3.36 16.10 19.39
CA SER C 11 2.34 15.65 20.32
C SER C 11 0.93 15.94 19.79
N ARG C 12 -0.06 15.33 20.43
CA ARG C 12 -1.46 15.45 20.02
C ARG C 12 -2.38 14.85 21.09
N ARG C 13 -3.66 15.15 21.02
CA ARG C 13 -4.61 14.63 21.99
C ARG C 13 -5.89 14.12 21.34
N SER C 14 -6.68 13.35 22.11
CA SER C 14 -7.91 12.78 21.56
C SER C 14 -9.02 12.67 22.60
N GLU C 15 -10.24 12.45 22.13
CA GLU C 15 -11.37 12.19 23.01
C GLU C 15 -11.55 10.69 23.23
N ASN C 16 -10.56 9.90 22.83
CA ASN C 16 -10.56 8.48 23.09
C ASN C 16 -9.87 8.20 24.42
N ARG C 17 -10.48 8.64 25.51
CA ARG C 17 -9.83 8.66 26.80
C ARG C 17 -10.36 7.62 27.80
N VAL C 18 -9.45 6.97 28.52
CA VAL C 18 -9.84 6.11 29.64
C VAL C 18 -9.25 6.65 30.94
N VAL C 19 -9.97 6.46 32.05
CA VAL C 19 -9.38 6.70 33.36
C VAL C 19 -8.91 5.37 33.94
N VAL C 20 -7.69 5.36 34.47
CA VAL C 20 -7.16 4.16 35.10
C VAL C 20 -7.16 4.37 36.62
N SER C 21 -7.44 3.31 37.38
CA SER C 21 -7.47 3.39 38.84
C SER C 21 -6.86 2.17 39.50
N GLY C 22 -6.53 2.32 40.77
CA GLY C 22 -5.95 1.25 41.54
C GLY C 22 -4.47 1.12 41.26
N LEU C 23 -3.87 2.18 40.74
CA LEU C 23 -2.43 2.18 40.48
C LEU C 23 -1.65 2.27 41.79
N PRO C 24 -0.53 1.54 41.87
CA PRO C 24 0.40 1.66 42.98
C PRO C 24 1.01 3.06 43.01
N PRO C 25 1.26 3.61 44.20
CA PRO C 25 1.80 4.97 44.35
C PRO C 25 3.16 5.16 43.68
N SER C 26 3.90 4.07 43.46
CA SER C 26 5.21 4.15 42.79
C SER C 26 5.08 4.02 41.27
N GLY C 27 3.84 3.97 40.76
CA GLY C 27 3.62 3.85 39.33
C GLY C 27 3.79 5.15 38.57
N SER C 28 4.65 5.14 37.56
CA SER C 28 4.91 6.33 36.77
C SER C 28 4.09 6.33 35.48
N TRP C 29 3.94 7.51 34.87
CA TRP C 29 3.18 7.60 33.62
C TRP C 29 3.86 6.80 32.52
N GLN C 30 5.14 6.50 32.70
CA GLN C 30 5.86 5.64 31.77
C GLN C 30 5.48 4.19 31.97
N ASP C 31 5.19 3.82 33.21
CA ASP C 31 4.72 2.47 33.51
C ASP C 31 3.31 2.33 32.96
N LEU C 32 2.50 3.36 33.17
CA LEU C 32 1.14 3.39 32.66
C LEU C 32 1.11 3.29 31.14
N LYS C 33 1.89 4.13 30.47
CA LYS C 33 1.99 4.08 29.01
C LYS C 33 2.46 2.73 28.52
N ASP C 34 3.40 2.13 29.25
CA ASP C 34 3.93 0.84 28.87
C ASP C 34 2.89 -0.28 29.01
N HIS C 35 1.96 -0.11 29.95
CA HIS C 35 0.92 -1.12 30.20
C HIS C 35 -0.20 -0.97 29.17
N MET C 36 -0.54 0.28 28.86
CA MET C 36 -1.67 0.58 28.00
C MET C 36 -1.32 0.51 26.51
N ARG C 37 -0.02 0.48 26.19
CA ARG C 37 0.38 0.46 24.78
C ARG C 37 0.12 -0.91 24.16
N GLU C 38 -0.25 -1.88 24.99
CA GLU C 38 -0.65 -3.18 24.51
C GLU C 38 -1.89 -3.08 23.63
N ALA C 39 -2.65 -2.02 23.85
CA ALA C 39 -3.91 -1.76 23.15
C ALA C 39 -3.76 -0.91 21.88
N GLY C 40 -2.70 -0.10 21.81
CA GLY C 40 -2.51 0.80 20.70
C GLY C 40 -1.72 2.05 21.07
N ASP C 41 -1.68 3.02 20.17
CA ASP C 41 -0.81 4.19 20.35
C ASP C 41 -1.39 5.19 21.33
N VAL C 42 -0.57 5.53 22.33
CA VAL C 42 -0.95 6.47 23.37
C VAL C 42 -0.49 7.86 23.02
N CYS C 43 -1.43 8.76 22.76
CA CYS C 43 -1.07 10.12 22.35
C CYS C 43 -1.00 11.10 23.54
N TYR C 44 -1.50 10.68 24.70
CA TYR C 44 -1.41 11.47 25.93
C TYR C 44 -1.54 10.60 27.18
N ALA C 45 -0.67 10.82 28.15
CA ALA C 45 -0.74 10.02 29.36
C ALA C 45 -0.36 10.85 30.57
N ASP C 46 -0.82 10.43 31.74
CA ASP C 46 -0.59 11.19 32.97
C ASP C 46 -1.03 10.37 34.16
N VAL C 47 -0.26 10.41 35.23
CA VAL C 47 -0.71 9.85 36.51
C VAL C 47 -0.75 10.94 37.57
N TYR C 48 -1.64 10.80 38.53
CA TYR C 48 -1.77 11.78 39.58
C TYR C 48 -1.29 11.20 40.90
N ARG C 49 -1.62 11.90 41.98
CA ARG C 49 -1.18 11.53 43.32
C ARG C 49 -1.83 10.26 43.85
N ASP C 50 -3.13 10.10 43.60
CA ASP C 50 -3.92 9.05 44.26
C ASP C 50 -4.06 7.75 43.47
N GLY C 51 -3.02 7.36 42.74
CA GLY C 51 -3.04 6.08 42.04
C GLY C 51 -4.06 6.05 40.92
N THR C 52 -4.37 7.23 40.41
CA THR C 52 -5.34 7.39 39.35
C THR C 52 -4.62 7.99 38.14
N GLY C 53 -5.18 7.81 36.95
CA GLY C 53 -4.53 8.31 35.74
C GLY C 53 -5.45 8.43 34.55
N VAL C 54 -4.99 9.09 33.50
CA VAL C 54 -5.73 9.11 32.25
C VAL C 54 -4.82 8.63 31.14
N VAL C 55 -5.43 8.02 30.13
CA VAL C 55 -4.73 7.61 28.93
C VAL C 55 -5.61 7.95 27.74
N GLU C 56 -5.05 8.64 26.76
CA GLU C 56 -5.77 8.91 25.53
C GLU C 56 -5.15 8.15 24.38
N PHE C 57 -6.00 7.52 23.58
CA PHE C 57 -5.56 6.71 22.46
C PHE C 57 -5.83 7.43 21.16
N VAL C 58 -4.96 7.20 20.19
CA VAL C 58 -5.10 7.79 18.87
C VAL C 58 -6.38 7.29 18.20
N ARG C 59 -6.68 6.01 18.38
CA ARG C 59 -7.86 5.41 17.76
C ARG C 59 -8.85 4.86 18.78
N LYS C 60 -10.13 5.13 18.56
CA LYS C 60 -11.21 4.68 19.43
C LYS C 60 -11.21 3.15 19.66
N GLU C 61 -10.90 2.38 18.62
CA GLU C 61 -10.96 0.93 18.69
C GLU C 61 -9.86 0.39 19.58
N ASP C 62 -8.80 1.18 19.74
CA ASP C 62 -7.70 0.82 20.63
C ASP C 62 -8.06 1.10 22.07
N MET C 63 -8.84 2.16 22.29
CA MET C 63 -9.38 2.42 23.62
C MET C 63 -10.30 1.30 24.06
N THR C 64 -11.17 0.88 23.16
CA THR C 64 -12.16 -0.17 23.42
C THR C 64 -11.45 -1.46 23.81
N TYR C 65 -10.35 -1.76 23.15
CA TYR C 65 -9.56 -2.92 23.49
C TYR C 65 -9.08 -2.80 24.93
N ALA C 66 -8.65 -1.60 25.32
CA ALA C 66 -8.07 -1.36 26.63
C ALA C 66 -9.11 -1.60 27.73
N VAL C 67 -10.30 -1.06 27.52
CA VAL C 67 -11.41 -1.26 28.42
C VAL C 67 -11.80 -2.74 28.51
N ARG C 68 -11.69 -3.45 27.40
CA ARG C 68 -12.10 -4.85 27.34
C ARG C 68 -11.02 -5.80 27.87
N LYS C 69 -9.76 -5.52 27.57
CA LYS C 69 -8.70 -6.48 27.84
C LYS C 69 -7.75 -6.07 28.96
N LEU C 70 -7.56 -4.77 29.19
CA LEU C 70 -6.61 -4.30 30.20
C LEU C 70 -7.24 -4.03 31.55
N ASP C 71 -8.55 -3.84 31.57
CA ASP C 71 -9.26 -3.70 32.84
C ASP C 71 -9.05 -4.96 33.70
N ASN C 72 -8.88 -4.76 35.00
CA ASN C 72 -8.69 -5.85 35.94
C ASN C 72 -7.42 -6.68 35.67
N THR C 73 -6.36 -6.03 35.20
CA THR C 73 -5.11 -6.75 34.92
C THR C 73 -4.03 -6.39 35.93
N LYS C 74 -3.00 -7.22 35.99
CA LYS C 74 -1.92 -7.01 36.95
C LYS C 74 -0.94 -5.95 36.44
N PHE C 75 -0.81 -4.88 37.21
CA PHE C 75 0.07 -3.78 36.87
C PHE C 75 1.32 -3.82 37.74
N ARG C 76 2.49 -3.76 37.12
CA ARG C 76 3.76 -3.78 37.84
C ARG C 76 4.52 -2.49 37.61
N SER C 77 4.69 -1.68 38.65
CA SER C 77 5.43 -0.42 38.53
C SER C 77 6.92 -0.71 38.37
N HIS C 78 7.69 0.32 38.01
CA HIS C 78 9.11 0.16 37.72
C HIS C 78 9.92 -0.29 38.94
N GLU C 79 9.38 -0.04 40.14
CA GLU C 79 10.03 -0.50 41.36
C GLU C 79 9.67 -1.97 41.66
N GLY C 80 8.60 -2.45 41.03
CA GLY C 80 8.18 -3.83 41.20
C GLY C 80 6.88 -3.99 41.97
N GLU C 81 6.27 -2.85 42.32
CA GLU C 81 4.99 -2.84 43.04
C GLU C 81 3.83 -3.32 42.17
N THR C 82 3.11 -4.32 42.63
CA THR C 82 2.00 -4.88 41.85
C THR C 82 0.62 -4.49 42.37
N ALA C 83 -0.32 -4.34 41.44
CA ALA C 83 -1.71 -4.04 41.76
C ALA C 83 -2.60 -4.38 40.58
N TYR C 84 -3.83 -4.78 40.88
CA TYR C 84 -4.84 -5.03 39.86
C TYR C 84 -5.60 -3.75 39.56
N ILE C 85 -5.51 -3.25 38.34
CA ILE C 85 -6.07 -1.93 38.04
C ILE C 85 -7.47 -1.94 37.43
N ARG C 86 -8.11 -0.78 37.47
CA ARG C 86 -9.39 -0.60 36.82
C ARG C 86 -9.22 0.34 35.63
N VAL C 87 -9.80 -0.06 34.51
CA VAL C 87 -9.72 0.68 33.26
C VAL C 87 -11.14 0.90 32.77
N LYS C 88 -11.53 2.15 32.59
CA LYS C 88 -12.86 2.42 32.09
C LYS C 88 -12.87 3.70 31.25
N VAL C 89 -13.85 3.82 30.36
CA VAL C 89 -13.91 4.99 29.50
C VAL C 89 -14.29 6.23 30.31
N ASP C 90 -13.59 7.33 30.05
CA ASP C 90 -13.90 8.62 30.64
C ASP C 90 -15.07 9.26 29.91
N GLY C 91 -16.18 9.43 30.63
CA GLY C 91 -17.37 10.01 30.05
C GLY C 91 -18.37 8.97 29.58
N PRO C 92 -19.27 9.36 28.67
CA PRO C 92 -20.27 8.43 28.14
C PRO C 92 -19.62 7.41 27.23
N ARG C 93 -19.92 6.13 27.44
CA ARG C 93 -19.27 5.06 26.68
C ARG C 93 -19.61 5.08 25.19
N SER C 94 -18.77 4.46 24.39
CA SER C 94 -18.99 4.36 22.96
C SER C 94 -20.04 3.32 22.63
N PRO C 95 -20.84 3.57 21.58
CA PRO C 95 -21.75 2.55 21.05
C PRO C 95 -20.99 1.27 20.70
N SEP C 96 -21.57 0.11 21.00
CA SEP C 96 -20.93 -1.14 20.58
CB SEP C 96 -21.44 -2.33 21.39
OG SEP C 96 -20.45 -2.76 22.32
C SEP C 96 -21.13 -1.32 19.09
O SEP C 96 -21.83 -0.52 18.47
P SEP C 96 -19.42 -3.86 21.70
O1P SEP C 96 -20.26 -5.02 20.98
O2P SEP C 96 -18.45 -3.21 20.60
O3P SEP C 96 -18.55 -4.53 22.89
N TYR C 97 -20.52 -2.35 18.51
CA TYR C 97 -20.50 -2.52 17.06
C TYR C 97 -21.91 -2.51 16.45
N GLY C 98 -21.98 -2.25 15.15
CA GLY C 98 -23.26 -2.15 14.45
C GLY C 98 -23.57 -0.69 14.26
N ARG C 99 -24.59 -0.37 13.48
CA ARG C 99 -24.78 1.04 13.16
C ARG C 99 -25.50 1.78 14.27
N SER C 100 -25.25 3.08 14.33
CA SER C 100 -25.71 3.90 15.44
C SER C 100 -27.23 3.96 15.50
N ARG C 101 -27.72 3.99 16.73
CA ARG C 101 -29.13 4.08 17.01
C ARG C 101 -29.30 5.11 18.10
N SEP C 102 -30.34 5.92 18.02
CA SEP C 102 -30.63 6.86 19.08
CB SEP C 102 -31.31 8.12 18.56
OG SEP C 102 -31.65 8.99 19.62
C SEP C 102 -31.49 6.17 20.15
O SEP C 102 -32.59 5.70 19.86
P SEP C 102 -30.61 10.22 19.81
O1P SEP C 102 -30.33 10.93 18.40
O2P SEP C 102 -31.21 11.26 20.88
O3P SEP C 102 -29.22 9.65 20.39
N ARG C 103 -30.96 6.06 21.36
CA ARG C 103 -31.62 5.37 22.46
C ARG C 103 -31.36 6.07 23.79
N SEP C 104 -32.43 6.38 24.52
CA SEP C 104 -32.34 6.87 25.91
CB SEP C 104 -33.75 6.94 26.50
OG SEP C 104 -34.35 5.65 26.48
C SEP C 104 -31.46 5.98 26.79
O SEP C 104 -31.42 4.76 26.62
P SEP C 104 -35.87 5.65 26.99
O1P SEP C 104 -36.27 4.14 27.39
O2P SEP C 104 -36.00 6.58 28.31
O3P SEP C 104 -36.83 6.17 25.82
N ARG C 105 -30.74 6.58 27.75
CA ARG C 105 -29.87 5.82 28.65
C ARG C 105 -29.79 6.45 30.04
N SER C 106 -28.99 5.81 30.90
CA SER C 106 -29.04 5.94 32.37
C SER C 106 -30.38 5.45 32.96
N ARG D 12 2.76 2.81 -25.34
CA ARG D 12 4.19 2.68 -25.06
C ARG D 12 4.77 1.37 -25.63
N ARG D 13 6.09 1.31 -25.72
CA ARG D 13 6.77 0.13 -26.25
C ARG D 13 7.97 -0.26 -25.38
N SER D 14 8.49 -1.47 -25.56
CA SER D 14 9.60 -1.95 -24.75
C SER D 14 10.53 -2.86 -25.54
N GLU D 15 11.71 -3.12 -24.97
CA GLU D 15 12.64 -4.07 -25.58
C GLU D 15 12.43 -5.49 -25.04
N ASN D 16 11.32 -5.69 -24.32
CA ASN D 16 10.92 -7.00 -23.86
C ASN D 16 10.01 -7.66 -24.91
N ARG D 17 10.60 -7.99 -26.05
CA ARG D 17 9.87 -8.40 -27.24
C ARG D 17 10.00 -9.89 -27.57
N VAL D 18 8.89 -10.49 -27.96
CA VAL D 18 8.93 -11.85 -28.51
C VAL D 18 8.43 -11.92 -29.95
N VAL D 19 9.02 -12.82 -30.71
CA VAL D 19 8.49 -13.18 -32.03
C VAL D 19 7.65 -14.44 -31.88
N VAL D 20 6.46 -14.43 -32.47
CA VAL D 20 5.58 -15.59 -32.46
C VAL D 20 5.53 -16.22 -33.86
N SER D 21 5.43 -17.53 -33.93
CA SER D 21 5.38 -18.23 -35.20
C SER D 21 4.36 -19.36 -35.17
N GLY D 22 3.97 -19.81 -36.36
CA GLY D 22 3.01 -20.90 -36.49
C GLY D 22 1.58 -20.41 -36.33
N LEU D 23 1.37 -19.12 -36.52
CA LEU D 23 0.03 -18.56 -36.44
C LEU D 23 -0.82 -18.95 -37.64
N PRO D 24 -2.11 -19.23 -37.39
CA PRO D 24 -3.11 -19.44 -38.44
C PRO D 24 -3.34 -18.17 -39.22
N PRO D 25 -3.60 -18.28 -40.53
CA PRO D 25 -3.80 -17.09 -41.39
C PRO D 25 -4.97 -16.24 -40.91
N SER D 26 -5.87 -16.85 -40.14
CA SER D 26 -7.03 -16.14 -39.61
C SER D 26 -6.75 -15.45 -38.27
N GLY D 27 -5.50 -15.49 -37.81
CA GLY D 27 -5.14 -14.87 -36.56
C GLY D 27 -4.99 -13.36 -36.66
N SER D 28 -5.71 -12.63 -35.81
CA SER D 28 -5.65 -11.16 -35.82
C SER D 28 -4.69 -10.65 -34.75
N TRP D 29 -4.27 -9.39 -34.90
CA TRP D 29 -3.36 -8.79 -33.92
C TRP D 29 -4.05 -8.73 -32.56
N GLN D 30 -5.38 -8.79 -32.58
CA GLN D 30 -6.15 -8.89 -31.36
C GLN D 30 -6.13 -10.29 -30.78
N ASP D 31 -6.07 -11.31 -31.64
CA ASP D 31 -5.97 -12.70 -31.17
C ASP D 31 -4.62 -12.99 -30.54
N LEU D 32 -3.58 -12.50 -31.19
CA LEU D 32 -2.23 -12.63 -30.68
C LEU D 32 -2.11 -11.94 -29.33
N LYS D 33 -2.57 -10.69 -29.27
CA LYS D 33 -2.58 -9.92 -28.04
C LYS D 33 -3.41 -10.63 -26.96
N ASP D 34 -4.52 -11.24 -27.36
CA ASP D 34 -5.38 -11.95 -26.42
C ASP D 34 -4.73 -13.21 -25.87
N HIS D 35 -3.85 -13.81 -26.66
CA HIS D 35 -3.19 -15.03 -26.24
C HIS D 35 -2.01 -14.71 -25.32
N MET D 36 -1.29 -13.64 -25.62
CA MET D 36 -0.07 -13.29 -24.90
C MET D 36 -0.32 -12.54 -23.59
N ARG D 37 -1.53 -12.02 -23.40
CA ARG D 37 -1.83 -11.24 -22.20
C ARG D 37 -1.96 -12.13 -20.97
N GLU D 38 -2.00 -13.44 -21.18
CA GLU D 38 -2.00 -14.40 -20.08
C GLU D 38 -0.72 -14.29 -19.25
N ALA D 39 0.33 -13.80 -19.91
CA ALA D 39 1.66 -13.67 -19.32
C ALA D 39 1.87 -12.31 -18.69
N GLY D 40 1.13 -11.33 -19.16
CA GLY D 40 1.30 -9.96 -18.69
C GLY D 40 0.89 -8.93 -19.71
N ASP D 41 1.21 -7.67 -19.42
CA ASP D 41 0.67 -6.58 -20.21
C ASP D 41 1.36 -6.40 -21.55
N VAL D 42 0.55 -6.41 -22.61
CA VAL D 42 1.08 -6.25 -23.95
C VAL D 42 1.01 -4.79 -24.37
N CYS D 43 2.17 -4.16 -24.48
CA CYS D 43 2.24 -2.74 -24.81
C CYS D 43 2.40 -2.51 -26.31
N TYR D 44 2.71 -3.58 -27.05
CA TYR D 44 2.79 -3.49 -28.51
C TYR D 44 2.60 -4.87 -29.14
N ALA D 45 1.77 -4.94 -30.18
CA ALA D 45 1.50 -6.20 -30.85
C ALA D 45 1.26 -6.00 -32.34
N ASP D 46 1.48 -7.05 -33.12
CA ASP D 46 1.34 -6.99 -34.57
C ASP D 46 1.44 -8.38 -35.18
N VAL D 47 0.59 -8.64 -36.18
CA VAL D 47 0.75 -9.86 -36.97
C VAL D 47 0.99 -9.49 -38.43
N TYR D 48 1.72 -10.34 -39.12
CA TYR D 48 2.06 -10.12 -40.52
C TYR D 48 1.33 -11.11 -41.43
N ARG D 49 1.77 -11.19 -42.67
CA ARG D 49 1.12 -12.03 -43.67
C ARG D 49 1.28 -13.53 -43.46
N ASP D 50 2.49 -13.95 -43.10
CA ASP D 50 2.88 -15.37 -43.11
C ASP D 50 2.76 -16.10 -41.78
N GLY D 51 1.73 -15.79 -41.00
CA GLY D 51 1.50 -16.48 -39.74
C GLY D 51 2.58 -16.22 -38.70
N THR D 52 3.22 -15.07 -38.83
CA THR D 52 4.30 -14.68 -37.93
C THR D 52 3.88 -13.37 -37.23
N GLY D 53 4.45 -13.09 -36.06
CA GLY D 53 4.08 -11.91 -35.32
C GLY D 53 5.07 -11.45 -34.27
N VAL D 54 4.88 -10.25 -33.76
CA VAL D 54 5.70 -9.76 -32.65
C VAL D 54 4.84 -9.29 -31.49
N VAL D 55 5.37 -9.42 -30.28
CA VAL D 55 4.71 -8.91 -29.09
C VAL D 55 5.70 -8.24 -28.15
N GLU D 56 5.39 -7.03 -27.69
CA GLU D 56 6.23 -6.39 -26.71
C GLU D 56 5.50 -6.31 -25.36
N PHE D 57 6.22 -6.66 -24.29
CA PHE D 57 5.67 -6.70 -22.95
C PHE D 57 6.14 -5.54 -22.09
N VAL D 58 5.29 -5.08 -21.18
CA VAL D 58 5.65 -3.99 -20.27
C VAL D 58 6.79 -4.38 -19.34
N ARG D 59 6.78 -5.61 -18.86
CA ARG D 59 7.82 -6.10 -17.94
C ARG D 59 8.57 -7.32 -18.49
N LYS D 60 9.89 -7.27 -18.36
CA LYS D 60 10.79 -8.33 -18.83
C LYS D 60 10.37 -9.68 -18.28
N GLU D 61 9.91 -9.68 -17.03
CA GLU D 61 9.54 -10.91 -16.35
C GLU D 61 8.26 -11.52 -16.95
N ASP D 62 7.44 -10.69 -17.60
CA ASP D 62 6.22 -11.20 -18.25
C ASP D 62 6.53 -11.84 -19.59
N MET D 63 7.52 -11.30 -20.30
CA MET D 63 8.03 -11.90 -21.52
C MET D 63 8.63 -13.26 -21.20
N THR D 64 9.40 -13.31 -20.11
CA THR D 64 10.04 -14.53 -19.66
C THR D 64 9.01 -15.60 -19.38
N TYR D 65 7.89 -15.18 -18.78
CA TYR D 65 6.78 -16.09 -18.52
C TYR D 65 6.23 -16.64 -19.84
N ALA D 66 6.15 -15.76 -20.84
CA ALA D 66 5.56 -16.11 -22.13
C ALA D 66 6.39 -17.16 -22.89
N VAL D 67 7.71 -16.95 -22.95
CA VAL D 67 8.66 -17.87 -23.54
C VAL D 67 8.67 -19.21 -22.78
N ARG D 68 8.50 -19.14 -21.48
CA ARG D 68 8.58 -20.34 -20.66
C ARG D 68 7.28 -21.11 -20.67
N LYS D 69 6.16 -20.38 -20.64
CA LYS D 69 4.88 -21.03 -20.42
C LYS D 69 3.95 -21.03 -21.65
N LEU D 70 4.08 -20.02 -22.52
CA LEU D 70 3.19 -19.89 -23.68
C LEU D 70 3.77 -20.50 -24.97
N ASP D 71 5.09 -20.70 -25.01
CA ASP D 71 5.72 -21.41 -26.12
C ASP D 71 5.13 -22.81 -26.22
N ASN D 72 4.92 -23.29 -27.44
CA ASN D 72 4.35 -24.62 -27.68
C ASN D 72 2.93 -24.79 -27.15
N THR D 73 2.13 -23.73 -27.22
CA THR D 73 0.74 -23.79 -26.76
C THR D 73 -0.27 -23.71 -27.91
N LYS D 74 -1.50 -24.12 -27.63
CA LYS D 74 -2.56 -24.13 -28.63
C LYS D 74 -3.16 -22.73 -28.82
N PHE D 75 -3.06 -22.21 -30.04
CA PHE D 75 -3.60 -20.88 -30.35
C PHE D 75 -4.88 -20.99 -31.17
N ARG D 76 -5.93 -20.32 -30.73
CA ARG D 76 -7.21 -20.36 -31.45
C ARG D 76 -7.63 -18.98 -31.97
N SER D 77 -7.66 -18.82 -33.28
CA SER D 77 -8.07 -17.56 -33.90
C SER D 77 -9.57 -17.32 -33.75
N HIS D 78 -10.02 -16.09 -34.06
CA HIS D 78 -11.41 -15.70 -33.86
C HIS D 78 -12.38 -16.50 -34.74
N GLU D 79 -11.88 -17.05 -35.84
CA GLU D 79 -12.68 -17.88 -36.72
C GLU D 79 -12.77 -19.32 -36.24
N GLY D 80 -11.87 -19.72 -35.34
CA GLY D 80 -11.88 -21.06 -34.77
C GLY D 80 -10.70 -21.92 -35.20
N GLU D 81 -9.80 -21.32 -35.97
CA GLU D 81 -8.59 -22.02 -36.41
C GLU D 81 -7.61 -22.27 -35.27
N THR D 82 -7.22 -23.53 -35.09
CA THR D 82 -6.30 -23.88 -34.01
C THR D 82 -4.91 -24.15 -34.58
N ALA D 83 -3.89 -23.83 -33.77
CA ALA D 83 -2.51 -24.10 -34.12
C ALA D 83 -1.62 -24.06 -32.87
N TYR D 84 -0.59 -24.88 -32.86
CA TYR D 84 0.41 -24.83 -31.80
C TYR D 84 1.51 -23.86 -32.19
N ILE D 85 1.65 -22.79 -31.43
CA ILE D 85 2.56 -21.73 -31.84
C ILE D 85 3.92 -21.86 -31.19
N ARG D 86 4.87 -21.12 -31.73
CA ARG D 86 6.20 -21.02 -31.19
C ARG D 86 6.46 -19.61 -30.65
N VAL D 87 7.00 -19.53 -29.44
CA VAL D 87 7.27 -18.24 -28.80
C VAL D 87 8.72 -18.16 -28.36
N LYS D 88 9.43 -17.16 -28.85
CA LYS D 88 10.83 -16.99 -28.45
C LYS D 88 11.22 -15.51 -28.41
N VAL D 89 12.25 -15.21 -27.63
CA VAL D 89 12.70 -13.83 -27.49
C VAL D 89 13.35 -13.30 -28.76
N ASP D 90 12.97 -12.07 -29.13
CA ASP D 90 13.59 -11.40 -30.25
C ASP D 90 14.95 -10.85 -29.84
N GLY D 91 16.01 -11.38 -30.45
CA GLY D 91 17.36 -10.95 -30.15
C GLY D 91 18.03 -11.86 -29.14
N PRO D 92 19.09 -11.34 -28.47
CA PRO D 92 19.80 -12.13 -27.46
C PRO D 92 18.94 -12.26 -26.21
N ARG D 93 18.84 -13.48 -25.69
CA ARG D 93 17.98 -13.76 -24.54
C ARG D 93 18.49 -13.09 -23.26
N SER D 94 17.60 -12.96 -22.28
CA SER D 94 17.94 -12.39 -20.98
C SER D 94 18.71 -13.41 -20.14
N PRO D 95 19.64 -12.92 -19.29
CA PRO D 95 20.32 -13.77 -18.30
C PRO D 95 19.31 -14.46 -17.41
N SEP D 96 19.57 -15.69 -17.01
CA SEP D 96 18.67 -16.37 -16.08
CB SEP D 96 18.93 -17.87 -16.07
OG SEP D 96 17.93 -18.58 -16.78
C SEP D 96 18.85 -15.78 -14.69
O SEP D 96 19.72 -14.94 -14.48
P SEP D 96 16.41 -18.40 -16.22
O1P SEP D 96 15.61 -19.78 -16.38
O2P SEP D 96 16.36 -17.96 -14.68
O3P SEP D 96 15.66 -17.29 -17.12
N TYR D 97 18.04 -16.21 -13.73
CA TYR D 97 18.05 -15.59 -12.43
C TYR D 97 19.43 -15.59 -11.77
N GLY D 98 19.63 -14.71 -10.79
CA GLY D 98 20.94 -14.59 -10.15
C GLY D 98 21.64 -13.38 -10.71
N ARG D 99 22.77 -13.01 -10.12
CA ARG D 99 23.40 -11.75 -10.53
C ARG D 99 24.22 -11.90 -11.80
N SER D 100 24.36 -10.79 -12.51
CA SER D 100 24.93 -10.79 -13.85
C SER D 100 26.38 -11.23 -13.85
N ARG D 101 26.73 -11.97 -14.89
CA ARG D 101 28.06 -12.49 -15.11
C ARG D 101 28.40 -12.25 -16.58
N SEP D 102 29.60 -11.75 -16.84
CA SEP D 102 30.00 -11.60 -18.23
CB SEP D 102 31.03 -10.47 -18.37
OG SEP D 102 31.59 -10.43 -19.67
C SEP D 102 30.55 -12.96 -18.70
O SEP D 102 31.38 -13.57 -18.05
P SEP D 102 30.84 -9.40 -20.66
O1P SEP D 102 31.13 -7.90 -20.19
O2P SEP D 102 31.39 -9.65 -22.15
O3P SEP D 102 29.24 -9.63 -20.63
N ARG D 103 30.03 -13.43 -19.83
CA ARG D 103 30.37 -14.75 -20.36
C ARG D 103 30.20 -14.76 -21.86
N SEP D 104 31.15 -15.40 -22.53
CA SEP D 104 31.07 -15.60 -23.97
CB SEP D 104 32.38 -16.21 -24.44
OG SEP D 104 32.70 -17.32 -23.63
C SEP D 104 29.90 -16.54 -24.30
O SEP D 104 29.57 -17.44 -23.52
P SEP D 104 34.01 -18.08 -24.14
O1P SEP D 104 33.91 -19.64 -23.79
O2P SEP D 104 34.07 -17.95 -25.75
O3P SEP D 104 35.26 -17.38 -23.43
N ARG D 105 29.26 -16.33 -25.46
CA ARG D 105 28.17 -17.19 -25.92
C ARG D 105 28.20 -17.34 -27.44
N SER D 106 27.23 -18.08 -27.97
CA SER D 106 27.26 -18.69 -29.31
C SER D 106 28.40 -19.69 -29.46
K K E . 27.56 -19.73 -6.20
#